data_8UV3
#
_entry.id   8UV3
#
_cell.length_a   1.00
_cell.length_b   1.00
_cell.length_c   1.00
_cell.angle_alpha   90.00
_cell.angle_beta   90.00
_cell.angle_gamma   90.00
#
_symmetry.space_group_name_H-M   'P 1'
#
loop_
_entity.id
_entity.type
_entity.pdbx_description
1 polymer 'Capsid protein'
2 non-polymer 'MAGNESIUM ION'
3 water water
#
_entity_poly.entity_id   1
_entity_poly.type   'polypeptide(L)'
_entity_poly.pdbx_seq_one_letter_code
;EASGQDLVPAAVEQAVPIQPVAGAALAAPAAGQINQIDPWIFQNFVQCPLGEFSISPRNTPGEILFDLALGPGLNPYLAH
LSAMYTGWVGNMEVQLVLAGNAFTAGKVVVALVPPYFPKGSLTTAQITCFPHVMCDVRTLEPIQLPLLDVRRVLWHATQD
QEESMRLVCMLYTPLRTNSPGDESFVVSGRLLSKPAADFNFVYLTPPIERTIYRMVDLPVIQPRLCTHARWPAPVYGLLV
DPSLPSNPQWQNGRVHVDGTLLGTTPISGSWVSCFAAEAAYEFQSGTGEVATFTLIEQDGSAYVPGDRAAPLGYPDFSGQ
LEIEIQTETTKTGDKLKVTTFEMILGPTTNADQAPYQGRVFASVTAAASLDLVDGRVRAVPRSIYGFQDTIPEYNDGLLV
PLAPPIGPFLPGEVLLRFRTYMRQIDTADAAAEAIDCALPQEFVSWFASNAFTVQSEALLLRYRNTLTGQLLFECKLYNE
GYIALSYSGSGPLTFPTDGIFEVVSWVPRLYQLASVGS
;
_entity_poly.pdbx_strand_id   A,B,C
#
loop_
_chem_comp.id
_chem_comp.type
_chem_comp.name
_chem_comp.formula
MG non-polymer 'MAGNESIUM ION' 'Mg 2'
#
# COMPACT_ATOMS: atom_id res chain seq x y z
N GLN A 5 -55.76 31.56 -16.26
CA GLN A 5 -55.53 30.94 -17.56
C GLN A 5 -54.16 31.37 -18.09
N ASP A 6 -53.44 30.44 -18.69
CA ASP A 6 -52.03 30.62 -19.01
C ASP A 6 -51.72 29.87 -20.30
N LEU A 7 -50.60 30.25 -20.93
CA LEU A 7 -50.07 29.61 -22.12
C LEU A 7 -48.71 29.02 -21.79
N VAL A 8 -48.51 27.75 -22.07
CA VAL A 8 -47.23 27.09 -21.86
C VAL A 8 -46.54 26.97 -23.22
N PRO A 9 -45.36 27.57 -23.40
CA PRO A 9 -44.69 27.50 -24.71
C PRO A 9 -44.02 26.16 -24.95
N ALA A 10 -44.10 25.69 -26.18
CA ALA A 10 -43.44 24.45 -26.54
C ALA A 10 -41.92 24.59 -26.61
N ALA A 11 -41.39 25.77 -26.94
CA ALA A 11 -39.97 25.99 -27.14
C ALA A 11 -39.42 26.97 -26.11
N VAL A 12 -38.46 26.51 -25.31
CA VAL A 12 -37.78 27.31 -24.29
C VAL A 12 -36.29 27.15 -24.54
N GLU A 13 -35.48 28.10 -24.07
CA GLU A 13 -34.16 28.19 -24.67
C GLU A 13 -33.21 27.07 -24.28
N GLN A 14 -32.61 27.14 -23.10
CA GLN A 14 -32.04 26.05 -22.29
C GLN A 14 -31.19 26.81 -21.28
N ALA A 15 -31.14 26.37 -20.04
CA ALA A 15 -30.30 27.09 -19.08
C ALA A 15 -29.92 26.14 -17.96
N VAL A 16 -28.92 26.53 -17.20
CA VAL A 16 -28.56 25.80 -15.99
C VAL A 16 -28.85 26.70 -14.79
N PRO A 17 -29.78 26.32 -13.92
CA PRO A 17 -30.03 27.12 -12.72
C PRO A 17 -29.04 26.81 -11.61
N ILE A 18 -28.59 27.86 -10.94
CA ILE A 18 -27.54 27.75 -9.94
C ILE A 18 -27.92 28.50 -8.68
N GLN A 19 -27.27 28.13 -7.60
CA GLN A 19 -27.15 28.93 -6.38
C GLN A 19 -25.72 29.42 -6.29
N PRO A 20 -25.51 30.70 -5.99
CA PRO A 20 -24.13 31.25 -5.99
C PRO A 20 -23.21 30.68 -4.92
N VAL A 21 -21.95 30.44 -5.32
CA VAL A 21 -20.92 29.90 -4.44
C VAL A 21 -19.97 31.02 -4.07
N ALA A 22 -19.70 31.18 -2.79
CA ALA A 22 -18.78 32.20 -2.30
C ALA A 22 -17.34 31.74 -2.44
N GLY A 23 -16.49 32.66 -2.85
CA GLY A 23 -15.08 32.43 -3.09
C GLY A 23 -14.23 33.00 -1.99
N ALA A 24 -13.68 34.19 -2.21
CA ALA A 24 -12.74 34.81 -1.28
C ALA A 24 -13.40 35.33 -0.01
N ALA A 25 -14.73 35.36 0.06
CA ALA A 25 -15.39 35.73 1.31
C ALA A 25 -15.27 34.61 2.36
N LEU A 26 -15.13 33.37 1.92
CA LEU A 26 -14.88 32.26 2.82
C LEU A 26 -13.40 32.09 3.14
N ALA A 27 -12.53 32.44 2.19
CA ALA A 27 -11.11 32.17 2.26
C ALA A 27 -10.30 33.23 2.98
N ALA A 28 -10.78 34.46 3.04
CA ALA A 28 -9.98 35.62 3.42
C ALA A 28 -9.48 35.67 4.86
N PRO A 29 -10.24 35.24 5.88
CA PRO A 29 -9.72 35.34 7.26
C PRO A 29 -8.55 34.43 7.58
N ALA A 30 -8.23 33.44 6.76
CA ALA A 30 -7.14 32.52 7.06
C ALA A 30 -6.19 32.33 5.89
N ALA A 31 -6.38 33.06 4.81
CA ALA A 31 -5.42 33.17 3.73
C ALA A 31 -4.35 34.17 4.12
N GLY A 32 -3.22 34.11 3.44
CA GLY A 32 -2.26 35.11 3.82
C GLY A 32 -2.54 36.42 3.13
N GLN A 33 -2.70 36.35 1.81
CA GLN A 33 -3.15 37.43 0.96
C GLN A 33 -4.26 36.89 0.06
N ILE A 34 -4.99 37.81 -0.55
CA ILE A 34 -5.96 37.54 -1.59
C ILE A 34 -5.54 38.40 -2.80
N ASN A 35 -5.17 37.76 -3.90
CA ASN A 35 -4.46 38.40 -5.01
C ASN A 35 -5.34 38.50 -6.25
N GLN A 36 -5.35 39.66 -6.88
CA GLN A 36 -6.19 39.94 -8.05
C GLN A 36 -5.50 39.59 -9.35
N ILE A 37 -6.29 39.25 -10.36
CA ILE A 37 -5.80 39.00 -11.70
C ILE A 37 -6.30 40.11 -12.63
N ASP A 38 -5.65 40.20 -13.80
CA ASP A 38 -5.93 41.22 -14.82
C ASP A 38 -7.39 41.17 -15.24
N PRO A 39 -8.10 42.30 -15.24
CA PRO A 39 -9.54 42.28 -15.51
C PRO A 39 -9.96 41.94 -16.93
N TRP A 40 -9.04 41.82 -17.89
CA TRP A 40 -9.42 41.45 -19.23
C TRP A 40 -9.27 39.96 -19.49
N ILE A 41 -8.73 39.21 -18.53
CA ILE A 41 -8.76 37.76 -18.61
C ILE A 41 -10.18 37.23 -18.40
N PHE A 42 -11.04 38.02 -17.79
CA PHE A 42 -12.44 37.73 -17.59
C PHE A 42 -13.31 37.94 -18.82
N GLN A 43 -12.73 38.23 -19.98
CA GLN A 43 -13.46 38.73 -21.14
C GLN A 43 -13.37 37.85 -22.37
N ASN A 44 -12.61 36.77 -22.36
CA ASN A 44 -12.29 36.05 -23.58
C ASN A 44 -12.22 34.56 -23.29
N PHE A 45 -12.89 33.76 -24.10
CA PHE A 45 -12.75 32.32 -24.04
C PHE A 45 -11.51 31.87 -24.80
N VAL A 46 -10.65 31.11 -24.15
CA VAL A 46 -9.37 30.68 -24.71
C VAL A 46 -9.34 29.17 -24.67
N GLN A 47 -8.76 28.55 -25.70
CA GLN A 47 -8.76 27.10 -25.79
C GLN A 47 -7.99 26.45 -24.64
N CYS A 48 -8.58 25.38 -24.09
CA CYS A 48 -8.01 24.67 -22.96
C CYS A 48 -6.83 23.81 -23.38
N PRO A 49 -5.79 23.70 -22.54
CA PRO A 49 -4.69 22.75 -22.84
C PRO A 49 -5.09 21.33 -23.22
N LEU A 50 -6.12 20.76 -22.61
CA LEU A 50 -6.82 19.59 -23.14
C LEU A 50 -8.07 20.12 -23.82
N GLY A 51 -8.00 20.33 -25.12
CA GLY A 51 -9.11 20.96 -25.78
C GLY A 51 -9.50 20.38 -27.10
N GLU A 52 -9.29 19.09 -27.29
CA GLU A 52 -9.59 18.42 -28.55
C GLU A 52 -10.15 17.04 -28.27
N PHE A 53 -11.22 16.69 -28.98
CA PHE A 53 -11.78 15.35 -28.96
C PHE A 53 -12.49 15.11 -30.29
N SER A 54 -12.89 13.86 -30.50
CA SER A 54 -13.54 13.49 -31.74
C SER A 54 -14.72 12.56 -31.47
N ILE A 55 -15.58 12.38 -32.47
CA ILE A 55 -16.71 11.46 -32.43
C ILE A 55 -16.76 10.71 -33.74
N SER A 56 -16.96 9.41 -33.67
CA SER A 56 -16.96 8.51 -34.81
C SER A 56 -18.21 7.66 -34.80
N PRO A 57 -18.51 6.97 -35.90
CA PRO A 57 -19.58 5.95 -35.86
C PRO A 57 -19.14 4.64 -35.22
N ARG A 58 -17.91 4.53 -34.72
CA ARG A 58 -17.50 3.38 -33.95
C ARG A 58 -17.70 3.55 -32.46
N ASN A 59 -17.88 4.78 -31.98
CA ASN A 59 -18.23 4.98 -30.58
C ASN A 59 -19.62 4.41 -30.30
N THR A 60 -19.83 3.98 -29.05
CA THR A 60 -21.11 3.44 -28.64
C THR A 60 -21.74 4.30 -27.55
N PRO A 61 -23.07 4.34 -27.47
CA PRO A 61 -23.72 5.17 -26.45
C PRO A 61 -23.39 4.73 -25.04
N GLY A 62 -22.86 5.67 -24.26
CA GLY A 62 -22.33 5.40 -22.95
C GLY A 62 -20.87 5.79 -22.79
N GLU A 63 -20.15 5.96 -23.89
CA GLU A 63 -18.74 6.29 -23.83
C GLU A 63 -18.54 7.72 -23.39
N ILE A 64 -17.41 7.96 -22.73
CA ILE A 64 -17.08 9.27 -22.20
C ILE A 64 -16.09 9.92 -23.16
N LEU A 65 -16.44 11.10 -23.65
CA LEU A 65 -15.69 11.74 -24.71
C LEU A 65 -14.65 12.69 -24.17
N PHE A 66 -14.97 13.46 -23.12
CA PHE A 66 -13.96 14.21 -22.40
C PHE A 66 -14.34 14.29 -20.93
N ASP A 67 -13.41 14.79 -20.13
CA ASP A 67 -13.57 14.87 -18.68
C ASP A 67 -12.60 15.91 -18.14
N LEU A 68 -13.10 17.03 -17.64
CA LEU A 68 -12.27 18.14 -17.18
C LEU A 68 -12.57 18.50 -15.73
N ALA A 69 -11.52 18.82 -14.98
CA ALA A 69 -11.61 19.29 -13.61
C ALA A 69 -11.48 20.79 -13.52
N LEU A 70 -12.22 21.40 -12.61
CA LEU A 70 -12.11 22.81 -12.34
C LEU A 70 -10.72 23.17 -11.82
N GLY A 71 -10.24 24.34 -12.19
CA GLY A 71 -9.03 24.88 -11.64
C GLY A 71 -8.17 25.58 -12.65
N PRO A 72 -6.99 26.05 -12.23
CA PRO A 72 -6.17 26.91 -13.10
C PRO A 72 -5.63 26.25 -14.35
N GLY A 73 -5.51 24.94 -14.41
CA GLY A 73 -5.00 24.30 -15.61
C GLY A 73 -5.97 24.15 -16.76
N LEU A 74 -7.05 24.93 -16.77
CA LEU A 74 -8.01 24.96 -17.86
C LEU A 74 -7.85 26.16 -18.78
N ASN A 75 -7.11 27.17 -18.36
CA ASN A 75 -6.86 28.40 -19.07
C ASN A 75 -5.36 28.56 -19.20
N PRO A 76 -4.83 28.91 -20.38
CA PRO A 76 -3.38 29.11 -20.47
C PRO A 76 -2.85 30.39 -19.83
N TYR A 77 -3.68 31.41 -19.60
CA TYR A 77 -3.21 32.57 -18.84
C TYR A 77 -3.15 32.23 -17.37
N LEU A 78 -4.16 31.53 -16.87
CA LEU A 78 -4.24 31.17 -15.47
C LEU A 78 -3.20 30.14 -15.10
N ALA A 79 -2.77 29.32 -16.06
CA ALA A 79 -1.73 28.33 -15.82
C ALA A 79 -0.34 28.94 -15.83
N HIS A 80 -0.14 29.99 -16.61
CA HIS A 80 1.09 30.77 -16.55
C HIS A 80 1.18 31.53 -15.23
N LEU A 81 0.06 32.05 -14.76
CA LEU A 81 0.03 32.86 -13.55
C LEU A 81 0.18 32.03 -12.27
N SER A 82 -0.11 30.73 -12.31
CA SER A 82 -0.05 29.94 -11.09
C SER A 82 1.37 29.58 -10.68
N ALA A 83 2.39 29.91 -11.48
CA ALA A 83 3.74 29.62 -11.06
C ALA A 83 4.21 30.51 -9.92
N MET A 84 3.49 31.57 -9.58
CA MET A 84 3.90 32.48 -8.53
C MET A 84 2.84 32.64 -7.45
N TYR A 85 2.01 31.63 -7.22
CA TYR A 85 1.02 31.64 -6.15
C TYR A 85 1.00 30.26 -5.50
N THR A 86 0.50 30.21 -4.26
CA THR A 86 0.43 28.96 -3.53
C THR A 86 -0.97 28.33 -3.57
N GLY A 87 -2.02 29.12 -3.77
CA GLY A 87 -3.35 28.57 -3.91
C GLY A 87 -4.30 29.30 -4.85
N TRP A 88 -5.56 28.88 -4.89
CA TRP A 88 -6.57 29.46 -5.78
C TRP A 88 -7.96 29.17 -5.24
N VAL A 89 -8.93 29.97 -5.68
CA VAL A 89 -10.33 29.80 -5.27
C VAL A 89 -11.22 30.53 -6.29
N GLY A 90 -12.32 29.89 -6.69
CA GLY A 90 -13.39 30.55 -7.44
C GLY A 90 -13.87 29.78 -8.66
N ASN A 91 -14.81 30.40 -9.38
CA ASN A 91 -15.65 29.80 -10.42
C ASN A 91 -15.13 30.05 -11.83
N MET A 92 -15.59 29.22 -12.77
CA MET A 92 -15.17 29.32 -14.17
C MET A 92 -16.35 29.15 -15.12
N GLU A 93 -16.04 29.10 -16.42
CA GLU A 93 -17.01 28.98 -17.50
C GLU A 93 -16.38 28.22 -18.65
N VAL A 94 -17.12 27.29 -19.25
CA VAL A 94 -16.59 26.53 -20.38
C VAL A 94 -17.50 26.73 -21.58
N GLN A 95 -16.92 26.59 -22.77
CA GLN A 95 -17.57 26.73 -24.07
C GLN A 95 -17.24 25.54 -24.95
N LEU A 96 -18.20 25.05 -25.71
CA LEU A 96 -18.00 23.87 -26.55
C LEU A 96 -18.40 24.13 -27.99
N VAL A 97 -17.57 23.69 -28.94
CA VAL A 97 -17.86 23.81 -30.37
C VAL A 97 -17.69 22.45 -31.03
N LEU A 98 -18.68 22.05 -31.83
CA LEU A 98 -18.68 20.80 -32.58
C LEU A 98 -18.73 21.10 -34.06
N ALA A 99 -17.90 20.44 -34.85
CA ALA A 99 -17.83 20.67 -36.29
C ALA A 99 -18.46 19.47 -36.99
N GLY A 100 -19.76 19.49 -37.10
CA GLY A 100 -20.48 18.44 -37.77
C GLY A 100 -21.09 18.91 -39.06
N ASN A 101 -22.17 18.29 -39.47
CA ASN A 101 -22.60 18.41 -40.84
C ASN A 101 -24.13 18.43 -40.87
N ALA A 102 -24.70 18.23 -42.04
CA ALA A 102 -26.14 18.09 -42.18
C ALA A 102 -26.60 16.65 -42.30
N PHE A 103 -25.70 15.75 -42.66
CA PHE A 103 -25.96 14.32 -42.76
C PHE A 103 -25.76 13.57 -41.44
N THR A 104 -25.47 14.24 -40.34
CA THR A 104 -25.05 13.59 -39.12
C THR A 104 -26.14 13.70 -38.06
N ALA A 105 -26.58 12.56 -37.54
CA ALA A 105 -27.54 12.50 -36.45
C ALA A 105 -26.86 12.02 -35.18
N GLY A 106 -27.19 12.64 -34.05
CA GLY A 106 -26.69 12.20 -32.76
C GLY A 106 -26.83 13.25 -31.70
N LYS A 107 -26.84 12.81 -30.44
CA LYS A 107 -26.89 13.71 -29.29
C LYS A 107 -25.77 13.39 -28.32
N VAL A 108 -25.33 14.40 -27.56
CA VAL A 108 -24.42 14.23 -26.45
C VAL A 108 -24.96 15.00 -25.25
N VAL A 109 -24.55 14.59 -24.07
CA VAL A 109 -24.94 15.24 -22.82
C VAL A 109 -23.68 15.73 -22.13
N VAL A 110 -23.74 16.93 -21.57
CA VAL A 110 -22.63 17.47 -20.78
C VAL A 110 -23.16 17.73 -19.37
N ALA A 111 -22.64 16.99 -18.41
CA ALA A 111 -23.13 16.99 -17.05
C ALA A 111 -22.12 17.63 -16.10
N LEU A 112 -22.61 18.17 -15.00
CA LEU A 112 -21.80 18.74 -13.93
C LEU A 112 -21.81 17.81 -12.73
N VAL A 113 -20.68 17.15 -12.46
CA VAL A 113 -20.59 16.08 -11.47
C VAL A 113 -19.80 16.59 -10.26
N PRO A 114 -20.31 16.44 -9.05
CA PRO A 114 -19.68 17.08 -7.89
C PRO A 114 -18.51 16.28 -7.36
N PRO A 115 -17.72 16.86 -6.47
CA PRO A 115 -16.66 16.09 -5.81
C PRO A 115 -17.21 15.02 -4.89
N TYR A 116 -16.46 13.92 -4.79
CA TYR A 116 -16.75 12.76 -3.95
C TYR A 116 -17.89 11.90 -4.45
N PHE A 117 -18.28 12.05 -5.67
CA PHE A 117 -19.14 11.08 -6.31
C PHE A 117 -18.28 9.95 -6.87
N PRO A 118 -18.53 8.70 -6.49
CA PRO A 118 -17.58 7.62 -6.81
C PRO A 118 -17.38 7.40 -8.29
N LYS A 119 -16.13 7.55 -8.74
CA LYS A 119 -15.76 7.46 -10.15
C LYS A 119 -15.69 6.00 -10.57
N GLY A 120 -16.83 5.47 -11.00
CA GLY A 120 -16.90 4.11 -11.45
C GLY A 120 -17.31 4.02 -12.90
N SER A 121 -18.55 3.63 -13.14
CA SER A 121 -19.11 3.53 -14.49
C SER A 121 -20.49 4.15 -14.47
N LEU A 122 -20.65 5.24 -15.20
CA LEU A 122 -21.94 5.89 -15.38
C LEU A 122 -22.67 5.29 -16.58
N THR A 123 -23.99 5.41 -16.57
CA THR A 123 -24.82 4.93 -17.66
C THR A 123 -25.61 6.09 -18.24
N THR A 124 -26.38 5.81 -19.29
CA THR A 124 -27.11 6.86 -19.99
C THR A 124 -28.31 7.31 -19.18
N ALA A 125 -28.90 6.40 -18.41
CA ALA A 125 -30.00 6.76 -17.53
C ALA A 125 -29.55 7.75 -16.47
N GLN A 126 -28.35 7.56 -15.94
CA GLN A 126 -27.88 8.32 -14.78
C GLN A 126 -27.30 9.69 -15.12
N ILE A 127 -26.85 9.93 -16.35
CA ILE A 127 -26.15 11.18 -16.65
C ILE A 127 -27.08 12.39 -16.66
N THR A 128 -28.39 12.18 -16.72
CA THR A 128 -29.35 13.27 -16.75
C THR A 128 -29.93 13.58 -15.39
N CYS A 129 -29.42 12.95 -14.34
CA CYS A 129 -29.80 13.26 -12.99
C CYS A 129 -28.92 14.33 -12.37
N PHE A 130 -27.87 14.76 -13.04
CA PHE A 130 -26.99 15.89 -12.79
C PHE A 130 -27.48 17.12 -13.55
N PRO A 131 -27.08 18.33 -13.14
CA PRO A 131 -27.25 19.50 -14.02
C PRO A 131 -26.49 19.32 -15.33
N HIS A 132 -27.15 19.63 -16.45
CA HIS A 132 -26.69 19.16 -17.75
C HIS A 132 -27.26 20.03 -18.86
N VAL A 133 -26.65 19.91 -20.05
CA VAL A 133 -27.14 20.50 -21.30
C VAL A 133 -27.19 19.40 -22.35
N MET A 134 -28.23 19.41 -23.17
CA MET A 134 -28.42 18.45 -24.25
C MET A 134 -28.03 19.10 -25.58
N CYS A 135 -27.11 18.49 -26.31
CA CYS A 135 -26.50 19.09 -27.49
C CYS A 135 -26.54 18.12 -28.67
N ASP A 136 -26.75 18.62 -29.87
CA ASP A 136 -26.64 17.72 -30.99
C ASP A 136 -25.62 18.20 -32.01
N VAL A 137 -25.13 17.25 -32.79
CA VAL A 137 -23.90 17.41 -33.56
C VAL A 137 -24.07 18.24 -34.81
N ARG A 138 -25.25 18.78 -35.07
CA ARG A 138 -25.53 19.64 -36.21
C ARG A 138 -25.57 21.12 -35.83
N THR A 139 -25.24 21.48 -34.60
CA THR A 139 -25.30 22.85 -34.14
C THR A 139 -24.19 23.71 -34.73
N LEU A 140 -24.54 24.90 -35.21
CA LEU A 140 -23.56 25.83 -35.79
C LEU A 140 -22.87 26.71 -34.77
N GLU A 141 -23.52 27.08 -33.69
CA GLU A 141 -23.00 28.03 -32.73
C GLU A 141 -22.49 27.34 -31.48
N PRO A 142 -21.73 28.02 -30.62
CA PRO A 142 -21.20 27.39 -29.40
C PRO A 142 -22.15 27.39 -28.20
N ILE A 143 -21.93 26.43 -27.31
CA ILE A 143 -22.71 26.19 -26.10
C ILE A 143 -21.84 26.49 -24.89
N GLN A 144 -22.39 27.09 -23.83
CA GLN A 144 -21.63 27.36 -22.62
C GLN A 144 -22.33 26.88 -21.33
N LEU A 145 -21.54 26.50 -20.34
CA LEU A 145 -21.99 26.08 -19.02
C LEU A 145 -21.17 26.75 -17.93
N PRO A 146 -21.70 26.84 -16.71
CA PRO A 146 -20.89 27.27 -15.56
C PRO A 146 -20.23 26.13 -14.80
N LEU A 147 -19.18 26.47 -14.06
CA LEU A 147 -18.37 25.48 -13.33
C LEU A 147 -18.04 26.04 -11.95
N LEU A 148 -18.80 25.64 -10.93
CA LEU A 148 -18.77 26.27 -9.62
C LEU A 148 -17.92 25.51 -8.61
N ASP A 149 -17.39 26.24 -7.63
CA ASP A 149 -16.47 25.67 -6.64
C ASP A 149 -17.23 25.15 -5.41
N VAL A 150 -17.77 23.96 -5.57
CA VAL A 150 -18.47 23.24 -4.51
C VAL A 150 -17.41 22.43 -3.76
N ARG A 151 -17.26 22.71 -2.47
CA ARG A 151 -16.04 22.32 -1.77
C ARG A 151 -16.27 22.27 -0.26
N ARG A 152 -15.46 21.46 0.42
CA ARG A 152 -15.41 21.41 1.89
C ARG A 152 -14.23 22.15 2.50
N VAL A 153 -13.36 22.79 1.72
CA VAL A 153 -12.21 23.50 2.29
C VAL A 153 -12.38 24.98 2.05
N LEU A 154 -11.44 25.79 2.53
CA LEU A 154 -11.51 27.23 2.33
C LEU A 154 -10.87 27.71 1.04
N TRP A 155 -9.85 27.01 0.53
CA TRP A 155 -9.22 27.30 -0.75
C TRP A 155 -8.46 26.05 -1.16
N HIS A 156 -7.85 26.09 -2.35
CA HIS A 156 -7.13 24.97 -2.95
C HIS A 156 -5.68 25.31 -3.16
N ALA A 157 -4.84 24.29 -3.13
CA ALA A 157 -3.40 24.41 -3.32
C ALA A 157 -3.01 24.14 -4.76
N THR A 158 -2.28 25.06 -5.41
CA THR A 158 -1.99 24.93 -6.84
C THR A 158 -1.06 23.78 -7.17
N GLN A 159 -0.40 23.16 -6.20
CA GLN A 159 0.56 22.11 -6.49
C GLN A 159 0.12 20.72 -6.07
N ASP A 160 -0.84 20.61 -5.16
CA ASP A 160 -1.56 19.38 -4.89
C ASP A 160 -2.93 19.48 -5.53
N GLN A 161 -3.30 18.48 -6.33
CA GLN A 161 -4.57 18.50 -7.04
C GLN A 161 -5.56 17.58 -6.34
N GLU A 162 -6.42 18.17 -5.52
CA GLU A 162 -7.44 17.47 -4.77
C GLU A 162 -8.76 17.45 -5.54
N GLU A 163 -9.83 17.05 -4.87
CA GLU A 163 -11.14 16.89 -5.50
C GLU A 163 -11.80 18.22 -5.79
N SER A 164 -12.33 18.36 -7.01
CA SER A 164 -13.15 19.51 -7.37
C SER A 164 -14.27 19.04 -8.29
N MET A 165 -15.05 20.01 -8.75
CA MET A 165 -16.14 19.80 -9.70
C MET A 165 -15.62 19.39 -11.07
N ARG A 166 -16.32 18.47 -11.73
CA ARG A 166 -15.91 17.93 -13.02
C ARG A 166 -16.93 18.23 -14.11
N LEU A 167 -16.48 18.13 -15.35
CA LEU A 167 -17.32 18.34 -16.52
C LEU A 167 -17.18 17.13 -17.43
N VAL A 168 -18.21 16.28 -17.46
CA VAL A 168 -18.19 15.00 -18.15
C VAL A 168 -19.11 15.08 -19.37
N CYS A 169 -18.62 14.57 -20.51
CA CYS A 169 -19.41 14.47 -21.73
C CYS A 169 -19.58 13.01 -22.14
N MET A 170 -20.82 12.61 -22.39
CA MET A 170 -21.14 11.25 -22.77
C MET A 170 -21.89 11.25 -24.09
N LEU A 171 -21.72 10.19 -24.88
CA LEU A 171 -22.50 10.01 -26.09
C LEU A 171 -23.87 9.47 -25.73
N TYR A 172 -24.92 10.24 -26.01
CA TYR A 172 -26.26 9.94 -25.55
C TYR A 172 -26.99 9.00 -26.51
N THR A 173 -27.11 9.39 -27.75
CA THR A 173 -27.67 8.53 -28.78
C THR A 173 -26.59 8.24 -29.82
N PRO A 174 -26.70 7.12 -30.54
CA PRO A 174 -25.67 6.77 -31.53
C PRO A 174 -25.52 7.79 -32.64
N LEU A 175 -24.35 7.76 -33.27
CA LEU A 175 -24.03 8.69 -34.34
C LEU A 175 -24.14 7.98 -35.69
N ARG A 176 -24.97 8.52 -36.56
CA ARG A 176 -25.44 7.84 -37.75
C ARG A 176 -25.35 8.74 -38.96
N THR A 177 -25.17 8.13 -40.12
CA THR A 177 -25.20 8.82 -41.41
C THR A 177 -26.22 8.13 -42.30
N ASN A 178 -26.98 8.90 -43.06
CA ASN A 178 -28.16 8.33 -43.73
C ASN A 178 -27.77 7.46 -44.91
N SER A 179 -27.17 8.06 -45.92
CA SER A 179 -26.59 7.27 -46.99
C SER A 179 -25.27 6.70 -46.48
N PRO A 180 -24.94 5.44 -46.81
CA PRO A 180 -23.79 4.80 -46.17
C PRO A 180 -22.57 5.70 -46.26
N GLY A 181 -22.09 5.95 -47.47
CA GLY A 181 -21.60 7.28 -47.80
C GLY A 181 -20.43 7.76 -46.96
N ASP A 182 -20.73 8.04 -45.70
CA ASP A 182 -19.83 8.67 -44.73
C ASP A 182 -19.83 7.83 -43.46
N GLU A 183 -19.01 6.79 -43.42
CA GLU A 183 -18.67 6.12 -42.18
C GLU A 183 -17.23 6.35 -41.78
N SER A 184 -16.40 6.84 -42.70
CA SER A 184 -15.07 7.32 -42.39
C SER A 184 -15.09 8.73 -41.83
N PHE A 185 -16.29 9.26 -41.54
CA PHE A 185 -16.48 10.64 -41.13
C PHE A 185 -16.27 10.77 -39.63
N VAL A 186 -15.55 11.81 -39.25
CA VAL A 186 -15.28 12.13 -37.85
C VAL A 186 -15.79 13.53 -37.58
N VAL A 187 -16.38 13.73 -36.40
CA VAL A 187 -16.76 15.05 -35.91
C VAL A 187 -15.68 15.54 -34.96
N SER A 188 -15.22 16.77 -35.17
CA SER A 188 -14.23 17.41 -34.32
C SER A 188 -14.89 18.22 -33.22
N GLY A 189 -14.34 18.15 -32.02
CA GLY A 189 -14.75 19.03 -30.95
C GLY A 189 -13.62 19.77 -30.29
N ARG A 190 -13.91 20.97 -29.78
CA ARG A 190 -12.93 21.82 -29.14
C ARG A 190 -13.51 22.41 -27.88
N LEU A 191 -12.66 22.63 -26.88
CA LEU A 191 -13.05 23.20 -25.59
C LEU A 191 -12.30 24.51 -25.33
N LEU A 192 -13.02 25.47 -24.75
CA LEU A 192 -12.52 26.82 -24.45
C LEU A 192 -13.08 27.24 -23.10
N SER A 193 -12.34 28.08 -22.39
CA SER A 193 -12.78 28.50 -21.06
C SER A 193 -12.27 29.90 -20.72
N LYS A 194 -12.90 30.49 -19.72
CA LYS A 194 -12.46 31.71 -19.07
C LYS A 194 -12.87 31.63 -17.61
N PRO A 195 -12.32 32.47 -16.74
CA PRO A 195 -12.83 32.58 -15.37
C PRO A 195 -14.06 33.47 -15.23
N ALA A 196 -14.88 33.15 -14.24
CA ALA A 196 -16.07 33.94 -13.92
C ALA A 196 -15.75 34.92 -12.81
N ALA A 197 -16.72 35.79 -12.53
CA ALA A 197 -16.48 37.05 -11.83
C ALA A 197 -15.72 36.92 -10.50
N ASP A 198 -15.65 35.73 -9.93
CA ASP A 198 -15.29 35.51 -8.54
C ASP A 198 -14.15 34.48 -8.47
N PHE A 199 -13.01 34.80 -9.07
CA PHE A 199 -11.82 33.95 -9.04
C PHE A 199 -10.62 34.74 -8.55
N ASN A 200 -9.89 34.20 -7.57
CA ASN A 200 -8.73 34.84 -6.97
C ASN A 200 -7.60 33.83 -6.78
N PHE A 201 -6.39 34.34 -6.57
CA PHE A 201 -5.23 33.57 -6.15
C PHE A 201 -4.93 33.86 -4.68
N VAL A 202 -3.98 33.12 -4.09
CA VAL A 202 -3.84 33.21 -2.64
C VAL A 202 -2.53 33.86 -2.17
N TYR A 203 -1.37 33.30 -2.42
CA TYR A 203 -0.19 33.84 -1.73
C TYR A 203 0.98 33.99 -2.69
N LEU A 204 1.48 35.21 -2.85
CA LEU A 204 2.53 35.52 -3.81
C LEU A 204 3.88 34.92 -3.42
N THR A 205 4.45 34.12 -4.29
CA THR A 205 5.71 33.43 -4.08
C THR A 205 6.66 33.75 -5.23
N PRO A 206 7.94 33.39 -5.11
CA PRO A 206 8.83 33.48 -6.26
C PRO A 206 8.28 32.68 -7.42
N PRO A 207 8.51 33.15 -8.65
CA PRO A 207 8.03 32.36 -9.81
C PRO A 207 8.90 31.14 -10.03
N ILE A 208 8.30 29.97 -9.92
CA ILE A 208 9.00 28.70 -10.08
C ILE A 208 8.69 28.16 -11.47
N GLU A 209 9.72 27.72 -12.17
CA GLU A 209 9.57 27.35 -13.57
C GLU A 209 9.05 25.92 -13.72
N ARG A 210 9.52 25.01 -12.89
CA ARG A 210 9.14 23.60 -13.00
C ARG A 210 7.98 23.28 -12.07
N THR A 211 6.88 24.01 -12.28
CA THR A 211 5.63 23.78 -11.58
C THR A 211 4.79 22.79 -12.37
N ILE A 212 3.64 22.42 -11.83
CA ILE A 212 2.65 21.70 -12.61
C ILE A 212 1.89 22.76 -13.38
N TYR A 213 1.13 22.35 -14.40
CA TYR A 213 0.45 23.26 -15.34
C TYR A 213 1.44 23.95 -16.24
N ARG A 214 2.71 23.60 -16.16
CA ARG A 214 3.66 23.91 -17.21
C ARG A 214 3.48 22.89 -18.33
N MET A 215 3.45 23.37 -19.56
CA MET A 215 3.15 22.51 -20.69
C MET A 215 4.40 21.80 -21.20
N VAL A 216 4.21 20.55 -21.63
CA VAL A 216 5.29 19.75 -22.19
C VAL A 216 5.77 20.38 -23.48
N ASP A 217 7.08 20.33 -23.72
CA ASP A 217 7.65 20.62 -25.01
C ASP A 217 8.74 19.59 -25.29
N LEU A 218 9.12 19.51 -26.55
CA LEU A 218 10.12 18.58 -27.04
C LEU A 218 11.36 19.35 -27.46
N PRO A 219 12.53 18.72 -27.49
CA PRO A 219 13.72 19.44 -27.95
C PRO A 219 13.70 19.65 -29.45
N VAL A 220 14.15 20.82 -29.88
CA VAL A 220 14.14 21.19 -31.29
C VAL A 220 15.36 20.59 -31.96
N ILE A 221 15.26 19.32 -32.34
CA ILE A 221 16.33 18.61 -33.05
C ILE A 221 15.67 17.70 -34.08
N GLN A 222 16.26 17.64 -35.28
CA GLN A 222 15.77 16.71 -36.29
C GLN A 222 16.14 15.28 -35.92
N PRO A 223 15.33 14.30 -36.31
CA PRO A 223 15.58 12.92 -35.89
C PRO A 223 16.86 12.32 -36.45
N ARG A 224 17.48 12.95 -37.43
CA ARG A 224 18.68 12.39 -38.05
C ARG A 224 19.97 12.93 -37.43
N LEU A 225 19.89 13.92 -36.55
CA LEU A 225 21.03 14.37 -35.78
C LEU A 225 21.09 13.70 -34.41
N CYS A 226 20.19 12.75 -34.15
CA CYS A 226 20.00 12.17 -32.84
C CYS A 226 20.80 10.88 -32.71
N THR A 227 20.55 10.14 -31.62
CA THR A 227 21.34 8.99 -31.21
C THR A 227 20.42 7.85 -30.81
N HIS A 228 20.60 6.69 -31.43
CA HIS A 228 19.76 5.54 -31.13
C HIS A 228 19.90 5.15 -29.67
N ALA A 229 18.82 4.59 -29.11
CA ALA A 229 18.72 4.32 -27.69
C ALA A 229 18.83 2.85 -27.33
N ARG A 230 19.13 1.98 -28.28
CA ARG A 230 19.36 0.58 -27.97
C ARG A 230 20.70 0.05 -28.47
N TRP A 231 21.39 0.78 -29.35
CA TRP A 231 22.70 0.39 -29.84
C TRP A 231 23.51 1.66 -30.13
N PRO A 232 24.81 1.66 -29.81
CA PRO A 232 25.61 2.89 -29.95
C PRO A 232 25.86 3.35 -31.38
N ALA A 233 24.85 3.95 -32.00
CA ALA A 233 24.95 4.40 -33.38
C ALA A 233 23.98 5.56 -33.56
N PRO A 234 24.09 6.32 -34.65
CA PRO A 234 23.09 7.35 -34.94
C PRO A 234 21.75 6.77 -35.34
N VAL A 235 20.78 7.66 -35.55
CA VAL A 235 19.48 7.28 -36.10
C VAL A 235 19.53 7.46 -37.61
N TYR A 236 19.22 6.41 -38.36
CA TYR A 236 19.26 6.47 -39.81
C TYR A 236 17.90 6.44 -40.48
N GLY A 237 16.89 5.82 -39.87
CA GLY A 237 15.60 5.68 -40.51
C GLY A 237 14.46 6.06 -39.58
N LEU A 238 13.26 6.09 -40.16
CA LEU A 238 12.04 6.48 -39.47
C LEU A 238 10.87 5.90 -40.25
N LEU A 239 10.17 4.92 -39.69
CA LEU A 239 9.20 4.15 -40.46
C LEU A 239 8.15 3.52 -39.55
N VAL A 240 7.22 2.82 -40.18
CA VAL A 240 6.19 2.05 -39.50
C VAL A 240 5.93 0.78 -40.30
N ASP A 241 5.80 -0.37 -39.60
CA ASP A 241 5.73 -1.66 -40.29
C ASP A 241 4.76 -2.64 -39.64
N PRO A 242 3.64 -2.94 -40.28
CA PRO A 242 2.69 -3.91 -39.70
C PRO A 242 3.15 -5.36 -39.77
N SER A 243 4.17 -5.68 -40.56
CA SER A 243 4.61 -7.06 -40.70
C SER A 243 5.38 -7.58 -39.50
N LEU A 244 5.83 -6.68 -38.63
CA LEU A 244 6.68 -7.02 -37.49
C LEU A 244 5.84 -7.27 -36.26
N PRO A 245 6.44 -7.77 -35.17
CA PRO A 245 5.67 -7.98 -33.94
C PRO A 245 5.21 -6.66 -33.32
N SER A 246 4.01 -6.69 -32.76
CA SER A 246 3.27 -5.49 -32.38
C SER A 246 3.55 -5.04 -30.95
N ASN A 247 3.85 -5.95 -30.04
CA ASN A 247 3.98 -5.65 -28.62
C ASN A 247 5.36 -6.08 -28.11
N PRO A 248 6.43 -5.50 -28.65
CA PRO A 248 7.77 -5.94 -28.24
C PRO A 248 8.06 -5.56 -26.80
N GLN A 249 8.94 -6.36 -26.18
CA GLN A 249 9.25 -6.19 -24.77
C GLN A 249 10.70 -5.73 -24.59
N TRP A 250 11.11 -4.75 -25.38
CA TRP A 250 12.39 -4.08 -25.23
C TRP A 250 12.59 -3.58 -23.80
N GLN A 251 13.84 -3.46 -23.36
CA GLN A 251 14.13 -3.07 -21.99
C GLN A 251 14.99 -1.82 -21.85
N ASN A 252 15.60 -1.34 -22.93
CA ASN A 252 16.32 -0.08 -22.94
C ASN A 252 15.57 0.95 -23.77
N GLY A 253 15.88 2.21 -23.53
CA GLY A 253 15.22 3.28 -24.25
C GLY A 253 13.76 3.47 -23.90
N ARG A 254 13.38 3.20 -22.66
CA ARG A 254 11.99 3.22 -22.23
C ARG A 254 11.86 4.13 -21.02
N VAL A 255 11.00 5.14 -21.12
CA VAL A 255 10.86 6.17 -20.10
C VAL A 255 9.43 6.66 -20.11
N HIS A 256 8.94 7.05 -18.93
CA HIS A 256 7.63 7.65 -18.78
C HIS A 256 7.73 9.14 -19.07
N VAL A 257 6.62 9.73 -19.53
CA VAL A 257 6.66 11.15 -19.87
C VAL A 257 6.76 12.00 -18.60
N ASP A 258 6.28 11.50 -17.47
CA ASP A 258 6.48 12.19 -16.22
C ASP A 258 7.92 12.09 -15.72
N GLY A 259 8.75 11.29 -16.37
CA GLY A 259 10.19 11.34 -16.17
C GLY A 259 10.82 10.15 -15.50
N THR A 260 10.08 9.11 -15.16
CA THR A 260 10.65 7.96 -14.49
C THR A 260 11.15 6.93 -15.51
N LEU A 261 12.43 6.60 -15.40
CA LEU A 261 13.04 5.57 -16.23
C LEU A 261 12.57 4.20 -15.77
N LEU A 262 12.46 3.28 -16.71
CA LEU A 262 11.97 1.94 -16.42
C LEU A 262 12.69 0.93 -17.28
N GLY A 263 12.94 -0.25 -16.71
CA GLY A 263 13.83 -1.22 -17.33
C GLY A 263 15.26 -0.94 -16.95
N THR A 264 16.21 -1.27 -17.82
CA THR A 264 17.62 -0.96 -17.60
C THR A 264 18.04 0.32 -18.32
N THR A 265 17.09 1.20 -18.62
CA THR A 265 17.35 2.37 -19.42
C THR A 265 18.32 3.32 -18.73
N PRO A 266 19.44 3.69 -19.33
CA PRO A 266 20.34 4.65 -18.72
C PRO A 266 20.03 6.09 -19.14
N ILE A 267 20.72 7.03 -18.48
CA ILE A 267 20.58 8.44 -18.82
C ILE A 267 21.45 8.81 -20.00
N SER A 268 22.72 8.39 -19.98
CA SER A 268 23.66 8.72 -21.03
C SER A 268 23.59 7.68 -22.14
N GLY A 269 23.98 8.10 -23.34
CA GLY A 269 24.11 7.19 -24.44
C GLY A 269 25.43 6.44 -24.49
N SER A 270 26.33 6.67 -23.54
CA SER A 270 27.58 5.94 -23.47
C SER A 270 27.50 4.74 -22.53
N TRP A 271 26.32 4.44 -21.99
CA TRP A 271 26.10 3.24 -21.20
C TRP A 271 25.35 2.18 -21.98
N VAL A 272 25.09 2.40 -23.27
CA VAL A 272 24.11 1.61 -24.02
C VAL A 272 24.77 0.34 -24.54
N SER A 273 24.28 -0.81 -24.06
CA SER A 273 24.81 -2.13 -24.41
C SER A 273 26.29 -2.28 -24.03
N CYS A 274 26.66 -1.69 -22.90
CA CYS A 274 28.00 -1.77 -22.36
C CYS A 274 27.87 -2.17 -20.89
N PHE A 275 28.96 -2.64 -20.29
CA PHE A 275 28.91 -2.95 -18.87
C PHE A 275 30.30 -2.84 -18.27
N ALA A 276 30.36 -2.94 -16.95
CA ALA A 276 31.57 -2.77 -16.16
C ALA A 276 31.55 -3.76 -15.01
N ALA A 277 32.73 -4.21 -14.59
CA ALA A 277 32.80 -5.31 -13.64
C ALA A 277 34.18 -5.37 -12.99
N GLU A 278 34.29 -6.26 -12.02
CA GLU A 278 35.57 -6.77 -11.54
C GLU A 278 35.96 -7.98 -12.37
N ALA A 279 37.24 -8.06 -12.75
CA ALA A 279 37.71 -9.09 -13.67
C ALA A 279 38.52 -10.16 -12.94
N ALA A 280 38.47 -11.39 -13.48
CA ALA A 280 39.20 -12.53 -12.96
C ALA A 280 39.43 -13.55 -14.08
N TYR A 281 40.70 -13.88 -14.33
CA TYR A 281 41.07 -14.70 -15.46
C TYR A 281 41.57 -16.07 -15.01
N GLU A 282 41.23 -17.09 -15.81
CA GLU A 282 41.67 -18.45 -15.57
C GLU A 282 41.87 -19.14 -16.92
N PHE A 283 42.51 -20.30 -16.90
CA PHE A 283 42.99 -20.99 -18.10
C PHE A 283 42.60 -22.47 -18.05
N GLN A 284 41.32 -22.77 -17.88
CA GLN A 284 40.84 -24.12 -18.16
C GLN A 284 41.43 -24.60 -19.49
N SER A 285 41.95 -25.84 -19.46
CA SER A 285 43.00 -26.23 -20.41
C SER A 285 42.51 -26.26 -21.85
N GLY A 286 41.30 -26.77 -22.07
CA GLY A 286 40.80 -26.98 -23.42
C GLY A 286 40.76 -25.78 -24.34
N THR A 287 39.87 -24.82 -24.06
CA THR A 287 39.62 -23.76 -25.03
C THR A 287 40.67 -22.64 -24.95
N GLY A 288 40.75 -21.98 -23.80
CA GLY A 288 41.67 -20.87 -23.66
C GLY A 288 41.53 -20.16 -22.33
N GLU A 289 41.92 -18.89 -22.27
CA GLU A 289 41.79 -18.10 -21.05
C GLU A 289 40.38 -17.54 -20.96
N VAL A 290 39.78 -17.67 -19.78
CA VAL A 290 38.36 -17.43 -19.57
C VAL A 290 38.21 -16.37 -18.49
N ALA A 291 37.34 -15.39 -18.73
CA ALA A 291 37.18 -14.25 -17.84
C ALA A 291 35.80 -14.29 -17.21
N THR A 292 35.76 -14.38 -15.88
CA THR A 292 34.52 -14.26 -15.12
C THR A 292 34.42 -12.85 -14.56
N PHE A 293 33.24 -12.24 -14.72
CA PHE A 293 33.05 -10.82 -14.47
C PHE A 293 32.11 -10.64 -13.29
N THR A 294 32.52 -9.81 -12.32
CA THR A 294 31.69 -9.46 -11.18
C THR A 294 31.18 -8.03 -11.39
N LEU A 295 29.89 -7.91 -11.72
CA LEU A 295 29.35 -6.69 -12.29
C LEU A 295 29.16 -5.59 -11.25
N ILE A 296 29.39 -4.35 -11.69
CA ILE A 296 29.15 -3.15 -10.91
C ILE A 296 28.35 -2.17 -11.77
N GLU A 297 28.08 -0.99 -11.22
CA GLU A 297 27.45 0.09 -11.97
C GLU A 297 28.51 0.93 -12.66
N GLN A 298 28.16 1.49 -13.82
CA GLN A 298 29.15 2.13 -14.68
C GLN A 298 29.76 3.39 -14.06
N ASP A 299 29.13 3.97 -13.04
CA ASP A 299 29.73 5.07 -12.31
C ASP A 299 30.58 4.59 -11.14
N GLY A 300 30.92 3.31 -11.10
CA GLY A 300 31.78 2.77 -10.07
C GLY A 300 31.07 2.33 -8.81
N SER A 301 29.77 2.54 -8.71
CA SER A 301 29.04 2.07 -7.55
C SER A 301 28.83 0.56 -7.61
N ALA A 302 28.45 0.00 -6.46
CA ALA A 302 28.18 -1.42 -6.39
C ALA A 302 26.80 -1.73 -6.95
N TYR A 303 26.62 -2.98 -7.36
CA TYR A 303 25.34 -3.44 -7.87
C TYR A 303 24.66 -4.29 -6.81
N VAL A 304 23.39 -3.98 -6.54
CA VAL A 304 22.55 -4.73 -5.63
C VAL A 304 21.40 -5.31 -6.45
N PRO A 305 21.11 -6.60 -6.33
CA PRO A 305 19.93 -7.16 -7.02
C PRO A 305 18.64 -6.51 -6.54
N GLY A 306 17.97 -5.81 -7.44
CA GLY A 306 16.78 -5.06 -7.06
C GLY A 306 15.54 -5.35 -7.90
N ASP A 307 14.97 -4.31 -8.49
CA ASP A 307 13.73 -4.44 -9.24
C ASP A 307 13.90 -4.36 -10.75
N ARG A 308 15.12 -4.25 -11.23
CA ARG A 308 15.39 -4.35 -12.66
C ARG A 308 15.71 -5.80 -12.99
N ALA A 309 16.24 -6.04 -14.19
CA ALA A 309 16.71 -7.35 -14.57
C ALA A 309 18.23 -7.44 -14.66
N ALA A 310 18.93 -6.31 -14.60
CA ALA A 310 20.37 -6.22 -14.79
C ALA A 310 20.83 -4.83 -14.39
N PRO A 311 22.14 -4.55 -14.40
CA PRO A 311 22.58 -3.16 -14.24
C PRO A 311 22.12 -2.28 -15.39
N LEU A 312 22.19 -0.97 -15.16
CA LEU A 312 21.69 0.02 -16.11
C LEU A 312 22.52 0.00 -17.39
N GLY A 313 21.86 -0.18 -18.52
CA GLY A 313 22.51 -0.16 -19.82
C GLY A 313 22.83 -1.52 -20.41
N TYR A 314 22.26 -2.59 -19.86
CA TYR A 314 22.62 -3.93 -20.28
C TYR A 314 22.02 -4.25 -21.65
N PRO A 315 22.71 -5.01 -22.49
CA PRO A 315 22.12 -5.41 -23.77
C PRO A 315 20.86 -6.24 -23.59
N ASP A 316 19.81 -5.86 -24.31
CA ASP A 316 18.50 -6.48 -24.20
C ASP A 316 18.15 -7.33 -25.42
N PHE A 317 19.15 -7.92 -26.07
CA PHE A 317 18.97 -8.71 -27.27
C PHE A 317 19.75 -10.01 -27.16
N SER A 318 19.59 -10.89 -28.14
CA SER A 318 20.21 -12.21 -28.14
C SER A 318 21.27 -12.31 -29.23
N GLY A 319 22.21 -13.22 -29.03
CA GLY A 319 23.26 -13.51 -29.98
C GLY A 319 24.63 -13.46 -29.34
N GLN A 320 25.63 -13.82 -30.13
CA GLN A 320 27.03 -13.81 -29.71
C GLN A 320 27.63 -12.44 -29.96
N LEU A 321 28.15 -11.82 -28.91
CA LEU A 321 28.66 -10.46 -28.98
C LEU A 321 30.17 -10.43 -28.78
N GLU A 322 30.80 -9.43 -29.36
CA GLU A 322 32.23 -9.20 -29.23
C GLU A 322 32.47 -7.95 -28.38
N ILE A 323 33.35 -8.06 -27.39
CA ILE A 323 33.69 -6.95 -26.52
C ILE A 323 35.16 -6.62 -26.67
N GLU A 324 35.50 -5.36 -26.39
CA GLU A 324 36.87 -4.90 -26.29
C GLU A 324 37.09 -4.36 -24.88
N ILE A 325 38.11 -4.86 -24.19
CA ILE A 325 38.46 -4.38 -22.86
C ILE A 325 39.95 -4.07 -22.83
N GLN A 326 40.36 -3.36 -21.79
CA GLN A 326 41.75 -3.10 -21.48
C GLN A 326 42.30 -4.26 -20.67
N THR A 327 43.57 -4.61 -20.91
CA THR A 327 44.22 -5.68 -20.18
C THR A 327 45.64 -5.26 -19.83
N GLU A 328 46.09 -5.65 -18.64
CA GLU A 328 47.45 -5.39 -18.19
C GLU A 328 48.12 -6.75 -17.97
N THR A 329 49.10 -7.07 -18.81
CA THR A 329 49.69 -8.39 -18.78
C THR A 329 50.92 -8.42 -17.89
N THR A 330 51.51 -9.61 -17.76
CA THR A 330 52.75 -9.82 -17.02
C THR A 330 53.75 -10.57 -17.89
N LYS A 331 53.76 -10.25 -19.18
CA LYS A 331 54.76 -10.79 -20.09
C LYS A 331 55.94 -9.82 -20.16
N THR A 332 56.83 -10.03 -21.12
CA THR A 332 57.98 -9.16 -21.33
C THR A 332 57.85 -8.50 -22.69
N GLY A 333 57.81 -7.17 -22.70
CA GLY A 333 57.70 -6.40 -23.93
C GLY A 333 56.35 -5.78 -24.19
N ASP A 334 55.45 -5.77 -23.21
CA ASP A 334 54.13 -5.16 -23.36
C ASP A 334 53.50 -5.04 -21.98
N LYS A 335 52.74 -3.96 -21.79
CA LYS A 335 52.06 -3.76 -20.51
C LYS A 335 50.59 -3.35 -20.65
N LEU A 336 50.14 -2.86 -21.79
CA LEU A 336 48.77 -2.41 -21.97
C LEU A 336 48.31 -2.72 -23.38
N LYS A 337 47.11 -3.30 -23.52
CA LYS A 337 46.57 -3.59 -24.83
C LYS A 337 45.06 -3.68 -24.77
N VAL A 338 44.43 -3.47 -25.92
CA VAL A 338 42.99 -3.71 -26.10
C VAL A 338 42.84 -5.15 -26.55
N THR A 339 42.24 -5.97 -25.70
CA THR A 339 42.00 -7.39 -25.99
C THR A 339 40.55 -7.60 -26.40
N THR A 340 40.32 -8.60 -27.24
CA THR A 340 38.98 -9.01 -27.63
C THR A 340 38.58 -10.28 -26.89
N PHE A 341 37.33 -10.31 -26.43
CA PHE A 341 36.73 -11.52 -25.87
C PHE A 341 35.46 -11.82 -26.65
N GLU A 342 35.02 -13.07 -26.59
CA GLU A 342 33.84 -13.52 -27.28
C GLU A 342 32.80 -14.02 -26.27
N MET A 343 31.58 -13.51 -26.39
CA MET A 343 30.56 -13.65 -25.37
C MET A 343 29.23 -14.05 -26.01
N ILE A 344 28.46 -14.87 -25.32
CA ILE A 344 27.16 -15.32 -25.81
C ILE A 344 26.10 -14.85 -24.82
N LEU A 345 25.02 -14.26 -25.35
CA LEU A 345 23.99 -13.57 -24.59
C LEU A 345 22.66 -14.31 -24.51
N GLY A 346 22.24 -14.96 -25.59
CA GLY A 346 20.89 -15.45 -25.70
C GLY A 346 20.61 -16.63 -24.79
N PRO A 347 19.41 -17.20 -24.93
CA PRO A 347 19.03 -18.38 -24.13
C PRO A 347 19.79 -19.63 -24.54
N THR A 348 21.10 -19.60 -24.33
CA THR A 348 22.04 -20.60 -24.82
C THR A 348 22.77 -21.27 -23.66
N THR A 349 22.00 -21.77 -22.70
CA THR A 349 22.50 -22.39 -21.48
C THR A 349 23.48 -23.51 -21.77
N ASN A 350 24.11 -24.04 -20.72
CA ASN A 350 25.43 -24.69 -20.61
C ASN A 350 26.52 -23.66 -20.37
N ALA A 351 26.20 -22.37 -20.31
CA ALA A 351 27.14 -21.35 -19.89
C ALA A 351 26.75 -20.68 -18.58
N ASP A 352 25.49 -20.78 -18.17
CA ASP A 352 25.01 -20.25 -16.89
C ASP A 352 25.26 -18.74 -16.78
N GLN A 353 24.59 -18.00 -17.67
CA GLN A 353 24.61 -16.54 -17.62
C GLN A 353 23.52 -16.05 -16.68
N ALA A 354 23.88 -15.18 -15.74
CA ALA A 354 22.93 -14.61 -14.79
C ALA A 354 23.35 -13.19 -14.43
N PRO A 355 23.21 -12.24 -15.37
CA PRO A 355 23.48 -10.85 -15.03
C PRO A 355 22.55 -10.29 -13.98
N TYR A 356 21.40 -10.94 -13.75
CA TYR A 356 20.54 -10.52 -12.65
C TYR A 356 21.19 -10.79 -11.30
N GLN A 357 22.02 -11.82 -11.21
CA GLN A 357 22.70 -12.16 -9.97
C GLN A 357 24.09 -11.56 -9.87
N GLY A 358 24.64 -11.09 -10.98
CA GLY A 358 25.89 -10.36 -10.95
C GLY A 358 27.09 -11.15 -11.41
N ARG A 359 26.92 -11.96 -12.45
CA ARG A 359 28.00 -12.81 -12.95
C ARG A 359 27.76 -13.12 -14.42
N VAL A 360 28.75 -12.79 -15.25
CA VAL A 360 28.73 -13.15 -16.66
C VAL A 360 30.08 -13.78 -17.01
N PHE A 361 30.10 -14.48 -18.15
CA PHE A 361 31.25 -15.28 -18.57
C PHE A 361 31.59 -14.95 -20.02
N ALA A 362 32.89 -14.93 -20.31
CA ALA A 362 33.38 -14.69 -21.66
C ALA A 362 34.76 -15.33 -21.80
N SER A 363 35.33 -15.27 -23.01
CA SER A 363 36.57 -15.96 -23.26
C SER A 363 37.23 -15.43 -24.52
N VAL A 364 38.55 -15.62 -24.60
CA VAL A 364 39.34 -15.45 -25.81
C VAL A 364 40.23 -16.67 -25.95
N THR A 365 40.40 -17.15 -27.17
CA THR A 365 41.16 -18.38 -27.41
C THR A 365 42.64 -18.09 -27.52
N ALA A 366 43.44 -18.93 -26.88
CA ALA A 366 44.88 -18.68 -26.75
C ALA A 366 45.61 -19.99 -26.48
N ALA A 367 46.58 -20.31 -27.33
CA ALA A 367 47.43 -21.48 -27.09
C ALA A 367 48.32 -21.30 -25.87
N ALA A 368 48.48 -20.07 -25.39
CA ALA A 368 49.30 -19.75 -24.23
C ALA A 368 48.44 -19.77 -22.97
N SER A 369 48.97 -19.21 -21.89
CA SER A 369 48.24 -18.99 -20.66
C SER A 369 48.49 -17.57 -20.15
N LEU A 370 48.31 -16.59 -21.04
CA LEU A 370 48.65 -15.20 -20.76
C LEU A 370 48.10 -14.78 -19.41
N ASP A 371 48.99 -14.46 -18.49
CA ASP A 371 48.59 -14.11 -17.13
C ASP A 371 48.13 -12.66 -17.13
N LEU A 372 46.82 -12.47 -17.08
CA LEU A 372 46.24 -11.14 -17.08
C LEU A 372 45.77 -10.81 -15.67
N VAL A 373 46.00 -9.57 -15.25
CA VAL A 373 45.84 -9.21 -13.85
C VAL A 373 44.37 -8.93 -13.55
N ASP A 374 43.95 -9.24 -12.33
CA ASP A 374 42.57 -8.99 -11.92
C ASP A 374 42.39 -7.52 -11.58
N GLY A 375 41.21 -6.99 -11.89
CA GLY A 375 40.99 -5.58 -11.69
C GLY A 375 39.59 -5.10 -11.98
N ARG A 376 39.48 -3.98 -12.68
CA ARG A 376 38.21 -3.35 -13.02
C ARG A 376 38.25 -2.92 -14.48
N VAL A 377 37.21 -3.27 -15.23
CA VAL A 377 37.20 -3.10 -16.68
C VAL A 377 35.92 -2.39 -17.10
N ARG A 378 35.89 -1.99 -18.37
CA ARG A 378 34.68 -1.49 -19.03
C ARG A 378 34.60 -2.12 -20.41
N ALA A 379 33.54 -2.88 -20.65
CA ALA A 379 33.37 -3.62 -21.90
C ALA A 379 32.46 -2.87 -22.86
N VAL A 380 32.84 -2.83 -24.13
CA VAL A 380 32.07 -2.14 -25.17
C VAL A 380 31.86 -3.07 -26.35
N PRO A 381 30.69 -3.05 -27.01
CA PRO A 381 30.42 -3.99 -28.09
C PRO A 381 31.23 -3.73 -29.34
N ARG A 382 31.58 -4.81 -30.04
CA ARG A 382 32.28 -4.72 -31.31
C ARG A 382 31.46 -5.26 -32.47
N SER A 383 30.84 -6.43 -32.31
CA SER A 383 30.07 -7.04 -33.38
C SER A 383 29.10 -8.05 -32.79
N ILE A 384 28.08 -8.39 -33.58
CA ILE A 384 27.00 -9.26 -33.17
C ILE A 384 26.89 -10.41 -34.16
N TYR A 385 26.54 -11.59 -33.63
CA TYR A 385 26.42 -12.80 -34.43
C TYR A 385 25.09 -13.47 -34.12
N GLY A 386 24.27 -13.68 -35.16
CA GLY A 386 22.98 -14.32 -34.99
C GLY A 386 22.02 -13.53 -34.14
N PHE A 387 21.83 -12.26 -34.47
CA PHE A 387 21.04 -11.35 -33.65
C PHE A 387 19.55 -11.66 -33.78
N GLN A 388 18.94 -12.05 -32.67
CA GLN A 388 17.48 -12.11 -32.56
C GLN A 388 17.02 -11.06 -31.57
N ASP A 389 15.97 -10.33 -31.93
CA ASP A 389 15.44 -9.24 -31.11
C ASP A 389 14.56 -9.80 -29.99
N THR A 390 15.15 -10.68 -29.19
CA THR A 390 14.47 -11.33 -28.08
C THR A 390 15.33 -11.17 -26.82
N ILE A 391 14.69 -11.25 -25.65
CA ILE A 391 15.42 -10.95 -24.42
C ILE A 391 16.51 -12.00 -24.19
N PRO A 392 17.62 -11.66 -23.56
CA PRO A 392 18.67 -12.65 -23.33
C PRO A 392 18.41 -13.47 -22.08
N GLU A 393 19.39 -14.28 -21.66
CA GLU A 393 19.34 -14.87 -20.34
C GLU A 393 19.63 -13.82 -19.28
N TYR A 394 18.76 -13.73 -18.27
CA TYR A 394 18.92 -12.81 -17.16
C TYR A 394 19.22 -13.54 -15.86
N ASN A 395 18.45 -14.57 -15.53
CA ASN A 395 18.87 -15.62 -14.62
C ASN A 395 19.44 -16.77 -15.45
N ASP A 396 19.74 -17.88 -14.77
CA ASP A 396 20.25 -19.04 -15.49
C ASP A 396 19.18 -19.62 -16.40
N GLY A 397 17.98 -19.85 -15.87
CA GLY A 397 16.83 -20.17 -16.69
C GLY A 397 15.57 -19.53 -16.16
N LEU A 398 15.71 -18.73 -15.10
CA LEU A 398 14.60 -18.25 -14.28
C LEU A 398 14.17 -16.85 -14.72
N LEU A 399 12.93 -16.49 -14.36
CA LEU A 399 12.33 -15.23 -14.78
C LEU A 399 12.65 -14.11 -13.78
N VAL A 400 12.77 -12.88 -14.31
CA VAL A 400 13.22 -11.73 -13.55
C VAL A 400 12.17 -10.62 -13.60
N PRO A 401 12.32 -9.51 -12.87
CA PRO A 401 11.44 -8.35 -13.09
C PRO A 401 11.71 -7.72 -14.46
N LEU A 402 10.64 -7.40 -15.17
CA LEU A 402 10.73 -6.82 -16.50
C LEU A 402 9.79 -5.62 -16.61
N ALA A 403 9.94 -4.88 -17.70
CA ALA A 403 8.97 -3.85 -18.05
C ALA A 403 7.91 -4.43 -18.97
N PRO A 404 6.64 -4.07 -18.77
CA PRO A 404 5.56 -4.64 -19.55
C PRO A 404 5.75 -4.39 -21.04
N PRO A 405 5.15 -5.22 -21.90
CA PRO A 405 5.35 -5.05 -23.34
C PRO A 405 4.66 -3.80 -23.85
N ILE A 406 5.20 -3.26 -24.94
CA ILE A 406 4.67 -2.03 -25.52
C ILE A 406 3.23 -2.24 -25.95
N GLY A 407 2.36 -1.27 -25.62
CA GLY A 407 0.95 -1.36 -25.89
C GLY A 407 0.14 -0.86 -24.72
N PRO A 408 -1.20 -0.82 -24.85
CA PRO A 408 -2.04 -1.19 -25.99
C PRO A 408 -2.27 -0.09 -27.02
N PHE A 409 -2.81 -0.50 -28.16
CA PHE A 409 -3.20 0.39 -29.23
C PHE A 409 -4.71 0.31 -29.44
N LEU A 410 -5.24 1.22 -30.23
CA LEU A 410 -6.63 1.15 -30.67
C LEU A 410 -6.72 0.37 -31.97
N PRO A 411 -7.92 0.02 -32.40
CA PRO A 411 -8.08 -0.59 -33.74
C PRO A 411 -7.63 0.36 -34.83
N GLY A 412 -6.61 -0.07 -35.59
CA GLY A 412 -6.09 0.70 -36.69
C GLY A 412 -4.75 1.35 -36.43
N GLU A 413 -4.31 1.40 -35.18
CA GLU A 413 -3.06 2.02 -34.80
C GLU A 413 -1.91 1.02 -34.86
N VAL A 414 -0.72 1.54 -35.15
CA VAL A 414 0.51 0.77 -35.24
C VAL A 414 1.63 1.57 -34.61
N LEU A 415 2.78 0.94 -34.43
CA LEU A 415 3.89 1.53 -33.68
C LEU A 415 4.90 2.23 -34.60
N LEU A 416 5.33 3.42 -34.18
CA LEU A 416 6.36 4.17 -34.88
C LEU A 416 7.74 3.74 -34.38
N ARG A 417 8.67 3.54 -35.31
CA ARG A 417 9.97 2.95 -35.01
C ARG A 417 11.11 3.82 -35.51
N PHE A 418 12.13 3.98 -34.66
CA PHE A 418 13.40 4.61 -35.05
C PHE A 418 14.44 3.51 -35.25
N ARG A 419 15.16 3.57 -36.36
CA ARG A 419 15.96 2.44 -36.81
C ARG A 419 17.45 2.81 -36.90
N THR A 420 18.30 1.80 -36.69
CA THR A 420 19.74 1.95 -36.84
C THR A 420 20.31 0.60 -37.28
N TYR A 421 21.58 0.59 -37.68
CA TYR A 421 22.22 -0.62 -38.18
C TYR A 421 23.44 -1.00 -37.34
N MET A 422 23.60 -2.29 -37.10
CA MET A 422 24.66 -2.83 -36.27
C MET A 422 25.77 -3.46 -37.11
N ARG A 423 26.99 -3.44 -36.57
CA ARG A 423 28.11 -4.12 -37.21
C ARG A 423 28.05 -5.61 -36.88
N GLN A 424 28.16 -6.44 -37.92
CA GLN A 424 27.88 -7.85 -37.81
C GLN A 424 28.96 -8.68 -38.50
N ILE A 425 28.97 -9.97 -38.15
CA ILE A 425 29.69 -11.00 -38.91
C ILE A 425 28.66 -11.85 -39.63
N ASP A 426 28.91 -12.11 -40.92
CA ASP A 426 27.97 -12.86 -41.73
C ASP A 426 28.70 -13.42 -42.94
N THR A 427 28.25 -14.58 -43.40
CA THR A 427 28.97 -15.33 -44.43
C THR A 427 28.22 -15.45 -45.75
N ALA A 428 26.90 -15.58 -45.73
CA ALA A 428 26.12 -15.76 -46.96
C ALA A 428 25.34 -14.54 -47.38
N ASP A 429 24.87 -13.73 -46.43
CA ASP A 429 24.08 -12.54 -46.71
C ASP A 429 24.88 -11.30 -46.32
N ALA A 430 24.84 -10.28 -47.17
CA ALA A 430 25.53 -9.01 -46.91
C ALA A 430 24.56 -7.87 -46.64
N ALA A 431 23.34 -8.18 -46.22
CA ALA A 431 22.36 -7.15 -45.88
C ALA A 431 22.72 -6.48 -44.56
N ALA A 432 22.05 -5.37 -44.28
CA ALA A 432 22.30 -4.60 -43.07
C ALA A 432 21.30 -5.02 -41.99
N GLU A 433 21.82 -5.46 -40.84
CA GLU A 433 20.98 -5.94 -39.75
C GLU A 433 20.42 -4.75 -38.98
N ALA A 434 19.09 -4.67 -38.88
CA ALA A 434 18.39 -3.50 -38.35
C ALA A 434 17.89 -3.75 -36.93
N ILE A 435 17.84 -2.68 -36.16
CA ILE A 435 17.27 -2.70 -34.81
C ILE A 435 16.49 -1.41 -34.58
N ASP A 436 15.37 -1.52 -33.86
CA ASP A 436 14.45 -0.43 -33.62
C ASP A 436 14.44 -0.02 -32.15
N CYS A 437 14.00 1.22 -31.91
CA CYS A 437 13.66 1.67 -30.56
C CYS A 437 12.46 2.60 -30.65
N ALA A 438 11.79 2.79 -29.53
CA ALA A 438 10.58 3.60 -29.48
C ALA A 438 10.88 5.09 -29.31
N LEU A 439 11.87 5.42 -28.49
CA LEU A 439 12.24 6.80 -28.26
C LEU A 439 13.77 6.85 -28.24
N PRO A 440 14.40 7.71 -29.02
CA PRO A 440 15.85 7.81 -29.00
C PRO A 440 16.36 8.56 -27.79
N GLN A 441 17.61 8.28 -27.43
CA GLN A 441 18.34 9.22 -26.59
C GLN A 441 18.24 10.61 -27.22
N GLU A 442 18.36 11.63 -26.38
CA GLU A 442 17.90 13.01 -26.56
C GLU A 442 16.41 13.14 -26.24
N PHE A 443 15.69 12.04 -26.04
CA PHE A 443 14.32 12.09 -25.58
C PHE A 443 14.13 11.44 -24.23
N VAL A 444 14.88 10.38 -23.90
CA VAL A 444 14.82 9.81 -22.56
C VAL A 444 15.45 10.76 -21.56
N SER A 445 16.50 11.45 -21.96
CA SER A 445 16.83 12.72 -21.35
C SER A 445 16.03 13.80 -22.06
N TRP A 446 15.82 14.91 -21.37
CA TRP A 446 14.78 15.91 -21.58
C TRP A 446 13.49 15.40 -20.96
N PHE A 447 13.39 14.11 -20.69
CA PHE A 447 12.57 13.57 -19.62
C PHE A 447 13.55 13.15 -18.54
N ALA A 448 13.10 13.16 -17.29
CA ALA A 448 13.95 12.86 -16.14
C ALA A 448 14.93 14.00 -15.87
N SER A 449 15.03 14.94 -16.80
CA SER A 449 15.62 16.25 -16.54
C SER A 449 14.52 17.25 -16.24
N ASN A 450 13.61 17.45 -17.19
CA ASN A 450 12.30 18.00 -16.89
C ASN A 450 11.45 16.91 -16.27
N ALA A 451 10.64 17.28 -15.29
CA ALA A 451 9.72 16.34 -14.64
C ALA A 451 8.32 16.87 -14.88
N PHE A 452 7.70 16.45 -15.97
CA PHE A 452 6.40 16.95 -16.37
C PHE A 452 5.29 16.18 -15.67
N THR A 453 4.12 16.81 -15.60
CA THR A 453 2.91 16.20 -15.06
C THR A 453 1.93 16.01 -16.21
N VAL A 454 1.33 14.81 -16.30
CA VAL A 454 0.81 14.33 -17.58
C VAL A 454 -0.55 14.90 -17.94
N GLN A 455 -1.41 15.21 -16.97
CA GLN A 455 -2.58 16.04 -17.27
C GLN A 455 -3.60 15.38 -18.19
N SER A 456 -3.27 14.23 -18.79
CA SER A 456 -4.18 13.47 -19.63
C SER A 456 -3.49 12.14 -19.96
N GLU A 457 -4.08 11.39 -20.90
CA GLU A 457 -3.55 10.07 -21.26
C GLU A 457 -2.71 10.04 -22.52
N ALA A 458 -2.77 11.06 -23.38
CA ALA A 458 -1.94 11.06 -24.58
C ALA A 458 -1.61 12.50 -24.98
N LEU A 459 -0.63 12.63 -25.86
CA LEU A 459 -0.20 13.91 -26.42
C LEU A 459 -0.31 13.82 -27.93
N LEU A 460 -0.97 14.81 -28.54
CA LEU A 460 -1.04 14.89 -29.98
C LEU A 460 0.13 15.69 -30.52
N LEU A 461 0.85 15.11 -31.48
CA LEU A 461 2.01 15.76 -32.08
C LEU A 461 1.76 15.94 -33.57
N ARG A 462 2.29 17.03 -34.14
CA ARG A 462 2.36 17.21 -35.57
C ARG A 462 3.81 17.11 -35.99
N TYR A 463 4.06 16.49 -37.13
CA TYR A 463 5.39 16.36 -37.71
C TYR A 463 5.44 17.17 -38.99
N ARG A 464 6.37 18.10 -39.08
CA ARG A 464 6.39 19.06 -40.18
C ARG A 464 7.74 19.07 -40.88
N ASN A 465 7.72 19.62 -42.09
CA ASN A 465 8.95 20.02 -42.76
C ASN A 465 9.43 21.34 -42.18
N THR A 466 10.67 21.35 -41.69
CA THR A 466 11.23 22.56 -41.11
C THR A 466 11.15 23.74 -42.08
N LEU A 467 11.37 23.47 -43.35
CA LEU A 467 11.16 24.42 -44.42
C LEU A 467 9.78 24.18 -45.03
N THR A 468 9.07 25.28 -45.31
CA THR A 468 7.75 25.30 -45.93
C THR A 468 6.64 24.81 -45.01
N GLY A 469 6.95 24.32 -43.81
CA GLY A 469 5.96 23.96 -42.82
C GLY A 469 4.84 23.05 -43.30
N GLN A 470 5.17 22.09 -44.16
CA GLN A 470 4.18 21.13 -44.60
C GLN A 470 3.94 20.10 -43.50
N LEU A 471 2.71 19.61 -43.43
CA LEU A 471 2.35 18.60 -42.44
C LEU A 471 2.61 17.22 -43.02
N LEU A 472 3.33 16.39 -42.28
CA LEU A 472 3.63 15.03 -42.73
C LEU A 472 2.67 14.02 -42.10
N PHE A 473 2.41 14.11 -40.80
CA PHE A 473 1.38 13.28 -40.19
C PHE A 473 1.04 13.80 -38.80
N GLU A 474 0.07 13.14 -38.18
CA GLU A 474 -0.31 13.33 -36.80
C GLU A 474 -0.07 12.02 -36.04
N CYS A 475 0.17 12.13 -34.75
CA CYS A 475 0.47 10.93 -33.98
C CYS A 475 0.02 11.12 -32.54
N LYS A 476 -0.19 10.00 -31.85
CA LYS A 476 -0.46 9.98 -30.42
C LYS A 476 0.80 9.48 -29.70
N LEU A 477 1.25 10.24 -28.71
CA LEU A 477 2.32 9.82 -27.81
C LEU A 477 1.73 9.57 -26.43
N TYR A 478 1.70 8.30 -26.03
CA TYR A 478 1.08 7.94 -24.76
C TYR A 478 2.04 8.19 -23.60
N ASN A 479 1.46 8.25 -22.40
CA ASN A 479 2.24 8.58 -21.20
C ASN A 479 3.37 7.60 -20.95
N GLU A 480 3.17 6.33 -21.30
CA GLU A 480 4.18 5.30 -21.08
C GLU A 480 5.36 5.41 -22.03
N GLY A 481 5.25 6.16 -23.12
CA GLY A 481 6.43 6.51 -23.87
C GLY A 481 6.58 5.87 -25.24
N TYR A 482 5.47 5.61 -25.92
CA TYR A 482 5.52 5.09 -27.28
C TYR A 482 4.53 5.87 -28.13
N ILE A 483 4.76 5.88 -29.44
CA ILE A 483 3.97 6.66 -30.39
C ILE A 483 3.14 5.73 -31.27
N ALA A 484 1.96 6.20 -31.66
CA ALA A 484 1.05 5.46 -32.52
C ALA A 484 0.63 6.30 -33.71
N LEU A 485 0.41 5.63 -34.83
CA LEU A 485 -0.16 6.25 -36.02
C LEU A 485 -1.33 5.41 -36.51
N SER A 486 -2.28 6.08 -37.17
CA SER A 486 -3.41 5.41 -37.79
C SER A 486 -3.00 5.02 -39.20
N TYR A 487 -2.86 3.71 -39.44
CA TYR A 487 -2.32 3.22 -40.70
C TYR A 487 -2.78 1.78 -40.89
N SER A 488 -3.41 1.51 -42.04
CA SER A 488 -3.99 0.21 -42.31
C SER A 488 -3.37 -0.46 -43.54
N GLY A 489 -2.17 -0.05 -43.92
CA GLY A 489 -1.46 -0.73 -44.99
C GLY A 489 -0.89 -2.05 -44.50
N SER A 490 -0.31 -2.78 -45.45
CA SER A 490 0.18 -4.13 -45.21
C SER A 490 1.70 -4.22 -45.15
N GLY A 491 2.40 -3.58 -46.08
CA GLY A 491 3.84 -3.59 -46.09
C GLY A 491 4.41 -2.45 -45.28
N PRO A 492 5.63 -2.03 -45.58
CA PRO A 492 6.27 -0.96 -44.83
C PRO A 492 5.97 0.41 -45.42
N LEU A 493 6.44 1.44 -44.72
CA LEU A 493 6.29 2.83 -45.12
C LEU A 493 7.27 3.68 -44.32
N THR A 494 8.15 4.40 -44.99
CA THR A 494 9.19 5.17 -44.31
C THR A 494 9.00 6.66 -44.55
N PHE A 495 9.51 7.45 -43.62
CA PHE A 495 9.29 8.89 -43.66
C PHE A 495 10.62 9.63 -43.73
N PRO A 496 10.62 10.84 -44.32
CA PRO A 496 11.82 11.67 -44.27
C PRO A 496 12.25 11.93 -42.83
N THR A 497 13.56 12.14 -42.66
CA THR A 497 14.18 12.08 -41.35
C THR A 497 14.69 13.44 -40.87
N ASP A 498 14.25 14.53 -41.50
CA ASP A 498 14.73 15.86 -41.15
C ASP A 498 13.58 16.82 -40.81
N GLY A 499 12.55 16.32 -40.13
CA GLY A 499 11.48 17.17 -39.63
C GLY A 499 11.68 17.53 -38.17
N ILE A 500 10.63 18.09 -37.58
CA ILE A 500 10.63 18.45 -36.16
C ILE A 500 9.25 18.19 -35.58
N PHE A 501 9.22 17.46 -34.46
CA PHE A 501 8.00 17.12 -33.75
C PHE A 501 7.47 18.32 -32.99
N GLU A 502 6.19 18.61 -33.16
CA GLU A 502 5.52 19.71 -32.47
C GLU A 502 4.65 19.15 -31.35
N VAL A 503 4.12 20.04 -30.53
CA VAL A 503 3.13 19.70 -29.53
C VAL A 503 1.86 20.48 -29.84
N VAL A 504 0.73 19.78 -29.89
CA VAL A 504 -0.56 20.41 -30.15
C VAL A 504 -1.40 20.51 -28.88
N SER A 505 -1.66 19.37 -28.23
CA SER A 505 -2.71 19.32 -27.23
C SER A 505 -2.61 18.02 -26.44
N TRP A 506 -3.15 18.03 -25.22
CA TRP A 506 -3.55 16.80 -24.56
C TRP A 506 -4.86 16.29 -25.16
N VAL A 507 -4.96 14.97 -25.34
CA VAL A 507 -6.16 14.34 -25.90
C VAL A 507 -6.60 13.20 -25.00
N PRO A 508 -7.81 12.68 -25.22
CA PRO A 508 -8.24 11.47 -24.51
C PRO A 508 -7.71 10.21 -25.21
N ARG A 509 -7.97 9.06 -24.58
CA ARG A 509 -7.46 7.79 -25.10
C ARG A 509 -8.21 7.33 -26.33
N LEU A 510 -9.50 7.64 -26.43
CA LEU A 510 -10.32 7.24 -27.55
C LEU A 510 -10.21 8.16 -28.75
N TYR A 511 -9.23 9.05 -28.75
CA TYR A 511 -9.07 10.01 -29.84
C TYR A 511 -8.77 9.29 -31.14
N GLN A 512 -9.30 9.83 -32.23
CA GLN A 512 -9.23 9.21 -33.54
C GLN A 512 -8.35 10.05 -34.45
N LEU A 513 -7.15 9.56 -34.74
CA LEU A 513 -6.24 10.25 -35.62
C LEU A 513 -6.69 10.13 -37.07
N ALA A 514 -6.22 11.07 -37.88
CA ALA A 514 -6.41 11.00 -39.32
C ALA A 514 -5.45 9.99 -39.94
N SER A 515 -5.93 9.23 -40.90
CA SER A 515 -5.19 8.08 -41.42
C SER A 515 -4.10 8.50 -42.40
N VAL A 516 -2.95 7.84 -42.29
CA VAL A 516 -1.80 8.08 -43.16
C VAL A 516 -1.76 7.01 -44.24
N GLY A 517 -1.27 7.36 -45.42
CA GLY A 517 -1.21 6.41 -46.50
C GLY A 517 -0.19 6.71 -47.58
N SER A 518 0.51 5.67 -48.05
CA SER A 518 1.49 5.80 -49.12
C SER A 518 0.89 6.40 -50.38
N GLU B 1 -49.45 7.61 37.28
CA GLU B 1 -49.50 7.26 35.87
C GLU B 1 -49.22 5.77 35.70
N ALA B 2 -48.14 5.32 36.31
CA ALA B 2 -47.77 3.91 36.33
C ALA B 2 -47.98 3.38 37.74
N SER B 3 -48.31 2.11 37.83
CA SER B 3 -48.52 1.48 39.12
C SER B 3 -47.17 1.16 39.74
N GLY B 4 -46.86 1.82 40.84
CA GLY B 4 -45.79 1.38 41.69
C GLY B 4 -44.50 1.99 41.21
N GLN B 5 -44.02 3.05 41.84
CA GLN B 5 -42.78 3.54 41.28
C GLN B 5 -41.62 2.64 41.67
N ASP B 6 -41.25 2.60 42.96
CA ASP B 6 -40.18 1.73 43.46
C ASP B 6 -38.84 2.05 42.82
N LEU B 7 -38.79 3.09 41.99
CA LEU B 7 -37.57 3.41 41.27
C LEU B 7 -37.49 4.82 40.73
N VAL B 8 -36.46 5.06 39.92
CA VAL B 8 -36.02 6.36 39.40
C VAL B 8 -36.80 6.82 38.18
N PRO B 9 -37.30 8.05 38.16
CA PRO B 9 -38.09 8.48 37.01
C PRO B 9 -37.28 8.96 35.84
N ALA B 10 -36.18 9.65 36.09
CA ALA B 10 -35.52 10.36 35.03
C ALA B 10 -34.06 10.52 35.38
N ALA B 11 -33.19 10.23 34.41
CA ALA B 11 -31.79 10.60 34.47
C ALA B 11 -31.71 11.97 33.87
N VAL B 12 -32.79 12.73 34.05
CA VAL B 12 -32.98 14.10 33.58
C VAL B 12 -32.00 14.94 34.37
N GLU B 13 -32.01 16.25 34.10
CA GLU B 13 -30.80 17.01 33.91
C GLU B 13 -29.67 16.51 34.79
N GLN B 14 -28.71 15.92 34.10
CA GLN B 14 -27.30 16.15 34.33
C GLN B 14 -26.88 17.06 33.20
N ALA B 15 -26.04 18.03 33.50
CA ALA B 15 -25.46 18.88 32.48
C ALA B 15 -24.34 18.14 31.79
N VAL B 16 -24.29 18.20 30.47
CA VAL B 16 -23.14 17.73 29.71
C VAL B 16 -22.26 18.94 29.40
N PRO B 17 -20.98 18.91 29.73
CA PRO B 17 -20.07 20.04 29.48
C PRO B 17 -19.59 20.17 28.03
N ILE B 18 -20.40 20.80 27.19
CA ILE B 18 -20.11 20.95 25.77
C ILE B 18 -20.81 22.21 25.25
N GLN B 19 -20.26 22.77 24.21
CA GLN B 19 -20.75 24.00 23.58
C GLN B 19 -21.70 23.67 22.43
N PRO B 20 -22.57 24.62 22.07
CA PRO B 20 -23.42 24.43 20.88
C PRO B 20 -22.64 24.47 19.57
N VAL B 21 -22.93 23.54 18.69
CA VAL B 21 -22.21 23.35 17.43
C VAL B 21 -23.09 23.83 16.30
N ALA B 22 -22.48 24.43 15.27
CA ALA B 22 -23.20 24.96 14.11
C ALA B 22 -23.30 23.92 13.01
N GLY B 23 -24.47 23.81 12.42
CA GLY B 23 -24.76 22.77 11.45
C GLY B 23 -24.69 23.22 10.01
N ALA B 24 -25.82 23.14 9.33
CA ALA B 24 -25.90 23.36 7.88
C ALA B 24 -25.72 24.81 7.46
N ALA B 25 -25.54 25.77 8.36
CA ALA B 25 -25.33 27.16 7.97
C ALA B 25 -23.88 27.49 7.63
N LEU B 26 -22.91 26.69 8.08
CA LEU B 26 -21.55 26.86 7.61
C LEU B 26 -21.34 26.30 6.23
N ALA B 27 -22.17 25.36 5.80
CA ALA B 27 -22.03 24.67 4.53
C ALA B 27 -22.78 25.33 3.38
N ALA B 28 -23.63 26.30 3.64
CA ALA B 28 -24.57 26.77 2.63
C ALA B 28 -23.96 27.66 1.54
N PRO B 29 -22.96 28.50 1.82
CA PRO B 29 -22.31 29.24 0.72
C PRO B 29 -21.34 28.42 -0.12
N ALA B 30 -21.23 27.11 0.08
CA ALA B 30 -20.31 26.30 -0.68
C ALA B 30 -20.98 25.15 -1.43
N ALA B 31 -22.31 25.10 -1.43
CA ALA B 31 -23.10 24.29 -2.34
C ALA B 31 -23.71 25.17 -3.42
N GLY B 32 -24.09 24.55 -4.53
CA GLY B 32 -24.70 25.29 -5.60
C GLY B 32 -26.14 24.93 -5.82
N GLN B 33 -26.80 24.49 -4.76
CA GLN B 33 -28.20 24.09 -4.78
C GLN B 33 -28.78 24.49 -3.44
N ILE B 34 -30.10 24.61 -3.39
CA ILE B 34 -30.86 24.77 -2.15
C ILE B 34 -31.59 23.47 -1.90
N ASN B 35 -31.25 22.75 -0.84
CA ASN B 35 -31.82 21.45 -0.55
C ASN B 35 -32.56 21.50 0.78
N GLN B 36 -33.41 20.51 1.02
CA GLN B 36 -34.31 20.58 2.17
C GLN B 36 -34.95 19.23 2.44
N ILE B 37 -35.16 18.93 3.73
CA ILE B 37 -35.75 17.68 4.21
C ILE B 37 -37.18 17.97 4.66
N ASP B 38 -38.09 17.02 4.41
CA ASP B 38 -39.50 17.06 4.75
C ASP B 38 -39.76 17.43 6.21
N PRO B 39 -40.48 18.52 6.48
CA PRO B 39 -40.68 18.97 7.86
C PRO B 39 -41.33 17.97 8.80
N TRP B 40 -41.99 16.92 8.31
CA TRP B 40 -42.60 15.95 9.20
C TRP B 40 -41.61 14.92 9.69
N ILE B 41 -40.45 14.79 9.05
CA ILE B 41 -39.44 13.84 9.51
C ILE B 41 -38.80 14.32 10.80
N PHE B 42 -38.74 15.62 11.01
CA PHE B 42 -38.25 16.25 12.21
C PHE B 42 -39.20 16.07 13.42
N GLN B 43 -40.27 15.29 13.34
CA GLN B 43 -41.32 15.30 14.35
C GLN B 43 -41.62 13.95 15.01
N ASN B 44 -40.84 12.90 14.81
CA ASN B 44 -41.02 11.77 15.72
C ASN B 44 -39.78 10.90 15.78
N PHE B 45 -39.62 10.28 16.94
CA PHE B 45 -38.49 9.43 17.27
C PHE B 45 -38.76 8.02 16.75
N VAL B 46 -37.84 7.50 15.95
CA VAL B 46 -38.02 6.21 15.30
C VAL B 46 -36.82 5.33 15.65
N GLN B 47 -37.06 4.04 15.76
CA GLN B 47 -36.02 3.11 16.17
C GLN B 47 -34.86 3.08 15.18
N CYS B 48 -33.65 3.13 15.72
CA CYS B 48 -32.42 3.20 14.92
C CYS B 48 -32.16 1.86 14.22
N PRO B 49 -31.50 1.89 13.06
CA PRO B 49 -31.17 0.63 12.37
C PRO B 49 -30.26 -0.33 13.16
N LEU B 50 -29.45 0.18 14.07
CA LEU B 50 -28.77 -0.64 15.08
C LEU B 50 -29.38 -0.23 16.42
N GLY B 51 -30.51 -0.84 16.76
CA GLY B 51 -31.31 -0.27 17.81
C GLY B 51 -31.70 -1.15 18.97
N GLU B 52 -31.07 -2.31 19.11
CA GLU B 52 -31.39 -3.24 20.17
C GLU B 52 -30.11 -3.76 20.81
N PHE B 53 -30.16 -3.96 22.13
CA PHE B 53 -29.06 -4.52 22.89
C PHE B 53 -29.61 -5.15 24.15
N SER B 54 -28.82 -6.01 24.77
CA SER B 54 -29.18 -6.70 26.01
C SER B 54 -28.17 -6.39 27.10
N ILE B 55 -28.60 -6.61 28.34
CA ILE B 55 -27.71 -6.65 29.49
C ILE B 55 -28.09 -7.90 30.28
N SER B 56 -27.14 -8.80 30.47
CA SER B 56 -27.37 -10.02 31.22
C SER B 56 -26.56 -10.03 32.51
N PRO B 57 -26.93 -10.86 33.49
CA PRO B 57 -26.05 -11.07 34.64
C PRO B 57 -24.75 -11.77 34.32
N ARG B 58 -24.50 -12.10 33.06
CA ARG B 58 -23.26 -12.73 32.63
C ARG B 58 -22.21 -11.73 32.18
N ASN B 59 -22.59 -10.49 31.92
CA ASN B 59 -21.68 -9.49 31.42
C ASN B 59 -20.80 -8.96 32.54
N THR B 60 -19.64 -8.41 32.19
CA THR B 60 -18.74 -7.85 33.18
C THR B 60 -18.53 -6.36 32.94
N PRO B 61 -18.20 -5.59 33.98
CA PRO B 61 -17.96 -4.15 33.78
C PRO B 61 -16.82 -3.88 32.81
N GLY B 62 -17.08 -2.99 31.87
CA GLY B 62 -16.13 -2.65 30.82
C GLY B 62 -16.52 -3.14 29.46
N GLU B 63 -17.59 -3.93 29.34
CA GLU B 63 -18.08 -4.36 28.05
C GLU B 63 -18.90 -3.25 27.40
N ILE B 64 -18.71 -3.07 26.10
CA ILE B 64 -19.42 -2.05 25.33
C ILE B 64 -20.75 -2.62 24.87
N LEU B 65 -21.83 -1.93 25.24
CA LEU B 65 -23.17 -2.33 24.87
C LEU B 65 -23.61 -1.77 23.52
N PHE B 66 -23.29 -0.51 23.21
CA PHE B 66 -23.45 -0.01 21.85
C PHE B 66 -22.43 1.10 21.60
N ASP B 67 -22.14 1.31 20.31
CA ASP B 67 -21.17 2.32 19.88
C ASP B 67 -21.64 2.90 18.55
N LEU B 68 -22.26 4.08 18.58
CA LEU B 68 -22.90 4.70 17.42
C LEU B 68 -22.07 5.88 16.91
N ALA B 69 -21.86 5.92 15.60
CA ALA B 69 -21.23 7.07 14.94
C ALA B 69 -22.26 8.01 14.36
N LEU B 70 -22.03 9.30 14.51
CA LEU B 70 -22.94 10.30 13.97
C LEU B 70 -22.98 10.25 12.44
N GLY B 71 -24.16 10.42 11.87
CA GLY B 71 -24.33 10.41 10.43
C GLY B 71 -25.69 9.92 9.97
N PRO B 72 -25.85 9.73 8.66
CA PRO B 72 -27.17 9.35 8.11
C PRO B 72 -27.67 7.99 8.54
N GLY B 73 -26.79 7.03 8.72
CA GLY B 73 -27.23 5.68 9.07
C GLY B 73 -27.71 5.43 10.48
N LEU B 74 -28.07 6.47 11.22
CA LEU B 74 -28.72 6.31 12.52
C LEU B 74 -30.24 6.36 12.44
N ASN B 75 -30.80 6.81 11.32
CA ASN B 75 -32.21 7.03 11.13
C ASN B 75 -32.65 6.32 9.86
N PRO B 76 -33.82 5.68 9.81
CA PRO B 76 -34.22 4.97 8.59
C PRO B 76 -34.78 5.84 7.46
N TYR B 77 -35.33 7.01 7.78
CA TYR B 77 -35.71 7.97 6.76
C TYR B 77 -34.49 8.60 6.14
N LEU B 78 -33.48 8.88 6.96
CA LEU B 78 -32.28 9.56 6.51
C LEU B 78 -31.33 8.61 5.79
N ALA B 79 -31.35 7.33 6.13
CA ALA B 79 -30.54 6.37 5.40
C ALA B 79 -31.14 6.05 4.05
N HIS B 80 -32.42 6.30 3.86
CA HIS B 80 -33.05 6.13 2.56
C HIS B 80 -32.78 7.34 1.68
N LEU B 81 -32.79 8.53 2.27
CA LEU B 81 -32.58 9.76 1.52
C LEU B 81 -31.12 9.93 1.11
N SER B 82 -30.16 9.40 1.85
CA SER B 82 -28.76 9.57 1.53
C SER B 82 -28.32 8.81 0.29
N ALA B 83 -29.19 8.01 -0.31
CA ALA B 83 -28.88 7.34 -1.56
C ALA B 83 -28.91 8.27 -2.76
N MET B 84 -29.36 9.52 -2.61
CA MET B 84 -29.47 10.46 -3.71
C MET B 84 -28.89 11.82 -3.37
N TYR B 85 -27.82 11.86 -2.57
CA TYR B 85 -27.09 13.09 -2.25
C TYR B 85 -25.61 12.77 -2.14
N THR B 86 -24.79 13.80 -2.28
CA THR B 86 -23.37 13.77 -1.96
C THR B 86 -23.23 14.74 -0.80
N GLY B 87 -22.73 14.29 0.33
CA GLY B 87 -22.69 15.24 1.42
C GLY B 87 -23.80 15.32 2.45
N TRP B 88 -23.44 15.52 3.72
CA TRP B 88 -24.38 15.76 4.82
C TRP B 88 -23.70 16.60 5.89
N VAL B 89 -24.51 17.21 6.76
CA VAL B 89 -23.98 17.99 7.86
C VAL B 89 -25.09 18.23 8.88
N GLY B 90 -24.75 18.12 10.17
CA GLY B 90 -25.61 18.57 11.25
C GLY B 90 -25.65 17.71 12.51
N ASN B 91 -26.51 18.07 13.46
CA ASN B 91 -26.64 17.43 14.78
C ASN B 91 -27.84 16.49 14.82
N MET B 92 -27.81 15.54 15.75
CA MET B 92 -28.93 14.63 15.94
C MET B 92 -29.37 14.57 17.39
N GLU B 93 -30.52 13.93 17.63
CA GLU B 93 -31.07 13.64 18.95
C GLU B 93 -31.33 12.16 19.11
N VAL B 94 -31.04 11.62 20.29
CA VAL B 94 -31.17 10.20 20.57
C VAL B 94 -32.00 10.00 21.84
N GLN B 95 -32.68 8.85 21.92
CA GLN B 95 -33.47 8.46 23.08
C GLN B 95 -33.12 7.04 23.49
N LEU B 96 -32.95 6.81 24.79
CA LEU B 96 -32.53 5.52 25.33
C LEU B 96 -33.62 4.95 26.22
N VAL B 97 -34.08 3.74 25.94
CA VAL B 97 -35.09 3.07 26.74
C VAL B 97 -34.42 2.00 27.57
N LEU B 98 -34.55 2.12 28.90
CA LEU B 98 -33.99 1.20 29.90
C LEU B 98 -34.97 1.18 31.07
N ALA B 99 -35.90 0.24 31.07
CA ALA B 99 -36.94 0.27 32.11
C ALA B 99 -37.06 -1.09 32.75
N GLY B 100 -35.97 -1.58 33.30
CA GLY B 100 -35.94 -2.91 33.87
C GLY B 100 -36.88 -3.07 35.06
N ASN B 101 -37.08 -4.33 35.42
CA ASN B 101 -37.90 -4.74 36.55
C ASN B 101 -37.40 -4.08 37.83
N ALA B 102 -38.33 -3.84 38.76
CA ALA B 102 -38.01 -3.17 40.01
C ALA B 102 -37.12 -3.99 40.92
N PHE B 103 -36.94 -5.27 40.63
CA PHE B 103 -36.10 -6.16 41.40
C PHE B 103 -34.65 -6.24 40.90
N THR B 104 -34.23 -5.34 40.01
CA THR B 104 -32.89 -5.31 39.43
C THR B 104 -32.07 -4.15 39.98
N ALA B 105 -30.78 -4.17 39.69
CA ALA B 105 -29.84 -3.12 40.11
C ALA B 105 -28.62 -3.13 39.19
N GLY B 106 -28.01 -1.97 39.01
CA GLY B 106 -26.90 -1.80 38.08
C GLY B 106 -26.82 -0.37 37.56
N LYS B 107 -25.75 -0.09 36.80
CA LYS B 107 -25.43 1.22 36.21
C LYS B 107 -24.77 1.07 34.85
N VAL B 108 -24.94 2.09 33.99
CA VAL B 108 -24.23 2.24 32.72
C VAL B 108 -23.74 3.68 32.57
N VAL B 109 -22.72 3.89 31.73
CA VAL B 109 -22.22 5.22 31.39
C VAL B 109 -22.30 5.41 29.88
N VAL B 110 -22.74 6.59 29.44
CA VAL B 110 -22.75 6.96 28.02
C VAL B 110 -21.89 8.21 27.84
N ALA B 111 -20.90 8.15 26.95
CA ALA B 111 -19.95 9.23 26.75
C ALA B 111 -20.00 9.79 25.33
N LEU B 112 -19.52 11.03 25.20
CA LEU B 112 -19.31 11.71 23.92
C LEU B 112 -17.84 11.67 23.54
N VAL B 113 -17.49 10.84 22.58
CA VAL B 113 -16.11 10.61 22.19
C VAL B 113 -15.83 11.38 20.89
N PRO B 114 -14.79 12.20 20.84
CA PRO B 114 -14.59 13.10 19.69
C PRO B 114 -14.00 12.37 18.49
N PRO B 115 -13.96 13.03 17.32
CA PRO B 115 -13.22 12.44 16.19
C PRO B 115 -11.74 12.31 16.53
N TYR B 116 -11.09 11.35 15.88
CA TYR B 116 -9.66 11.11 15.91
C TYR B 116 -9.19 10.42 17.18
N PHE B 117 -10.05 10.10 18.13
CA PHE B 117 -9.61 9.31 19.27
C PHE B 117 -9.42 7.88 18.81
N PRO B 118 -8.33 7.22 19.20
CA PRO B 118 -8.08 5.87 18.72
C PRO B 118 -9.22 4.91 19.04
N LYS B 119 -9.43 3.96 18.14
CA LYS B 119 -10.33 2.84 18.41
C LYS B 119 -9.50 1.65 18.86
N GLY B 120 -9.99 0.98 19.89
CA GLY B 120 -9.14 0.10 20.68
C GLY B 120 -9.84 -0.31 21.94
N SER B 121 -9.23 -0.12 23.09
CA SER B 121 -9.78 -0.68 24.32
C SER B 121 -10.95 0.14 24.86
N LEU B 122 -10.68 1.38 25.30
CA LEU B 122 -11.61 2.09 26.18
C LEU B 122 -11.84 1.28 27.46
N THR B 123 -10.85 1.34 28.33
CA THR B 123 -11.00 0.82 29.67
C THR B 123 -12.03 1.64 30.45
N THR B 124 -12.53 1.05 31.53
CA THR B 124 -13.54 1.69 32.35
C THR B 124 -12.96 2.84 33.17
N ALA B 125 -11.65 3.02 33.14
CA ALA B 125 -11.01 4.14 33.82
C ALA B 125 -11.12 5.44 33.02
N GLN B 126 -11.06 5.36 31.70
CA GLN B 126 -10.99 6.57 30.90
C GLN B 126 -12.32 7.01 30.29
N ILE B 127 -13.38 6.22 30.40
CA ILE B 127 -14.66 6.65 29.82
C ILE B 127 -15.27 7.83 30.57
N THR B 128 -14.94 7.99 31.85
CA THR B 128 -15.49 9.10 32.62
C THR B 128 -14.69 10.39 32.44
N CYS B 129 -13.62 10.34 31.68
CA CYS B 129 -12.85 11.52 31.33
C CYS B 129 -13.42 12.29 30.15
N PHE B 130 -14.48 11.80 29.54
CA PHE B 130 -15.21 12.43 28.46
C PHE B 130 -16.46 13.10 29.00
N PRO B 131 -17.13 13.94 28.20
CA PRO B 131 -18.47 14.40 28.58
C PRO B 131 -19.47 13.23 28.57
N HIS B 132 -20.05 12.93 29.72
CA HIS B 132 -20.73 11.67 29.95
C HIS B 132 -21.97 11.87 30.80
N VAL B 133 -22.80 10.82 30.87
CA VAL B 133 -23.97 10.77 31.76
C VAL B 133 -24.05 9.36 32.36
N MET B 134 -24.46 9.27 33.61
CA MET B 134 -24.57 8.00 34.32
C MET B 134 -26.04 7.64 34.53
N CYS B 135 -26.38 6.38 34.33
CA CYS B 135 -27.78 5.95 34.24
C CYS B 135 -28.02 4.65 34.99
N ASP B 136 -29.12 4.62 35.74
CA ASP B 136 -29.66 3.42 36.37
C ASP B 136 -30.48 2.62 35.35
N VAL B 137 -30.46 1.30 35.50
CA VAL B 137 -31.16 0.41 34.57
C VAL B 137 -32.66 0.32 34.83
N ARG B 138 -33.16 0.97 35.88
CA ARG B 138 -34.55 0.92 36.28
C ARG B 138 -35.35 2.15 35.85
N THR B 139 -34.69 3.15 35.26
CA THR B 139 -35.32 4.41 34.90
C THR B 139 -36.53 4.26 33.99
N LEU B 140 -37.65 4.87 34.37
CA LEU B 140 -38.90 4.74 33.65
C LEU B 140 -38.96 5.60 32.38
N GLU B 141 -38.67 6.86 32.50
CA GLU B 141 -38.77 7.72 31.34
C GLU B 141 -37.54 7.55 30.45
N PRO B 142 -37.70 7.73 29.14
CA PRO B 142 -36.55 7.61 28.23
C PRO B 142 -35.57 8.77 28.38
N ILE B 143 -34.28 8.45 28.27
CA ILE B 143 -33.19 9.38 28.50
C ILE B 143 -32.77 10.00 27.17
N GLN B 144 -32.66 11.32 27.12
CA GLN B 144 -32.43 12.04 25.87
C GLN B 144 -31.09 12.72 25.88
N LEU B 145 -30.31 12.56 24.79
CA LEU B 145 -28.90 12.94 24.67
C LEU B 145 -28.59 13.68 23.37
N PRO B 146 -27.69 14.66 23.37
CA PRO B 146 -27.25 15.30 22.13
C PRO B 146 -26.05 14.64 21.46
N LEU B 147 -26.05 14.61 20.14
CA LEU B 147 -24.94 14.09 19.34
C LEU B 147 -24.53 15.19 18.36
N LEU B 148 -23.44 15.89 18.67
CA LEU B 148 -23.05 17.11 17.99
C LEU B 148 -21.92 16.89 17.00
N ASP B 149 -21.90 17.71 15.94
CA ASP B 149 -21.04 17.54 14.76
C ASP B 149 -19.76 18.35 14.91
N VAL B 150 -18.85 17.85 15.72
CA VAL B 150 -17.55 18.46 15.94
C VAL B 150 -16.64 18.04 14.79
N ARG B 151 -16.10 19.02 14.07
CA ARG B 151 -15.50 18.80 12.76
C ARG B 151 -14.63 19.99 12.39
N ARG B 152 -13.67 19.76 11.49
CA ARG B 152 -12.90 20.86 10.93
C ARG B 152 -13.08 20.99 9.42
N VAL B 153 -14.11 20.39 8.85
CA VAL B 153 -14.49 20.56 7.44
C VAL B 153 -15.81 21.29 7.41
N LEU B 154 -16.35 21.53 6.23
CA LEU B 154 -17.63 22.19 6.11
C LEU B 154 -18.80 21.24 5.95
N TRP B 155 -18.56 20.00 5.48
CA TRP B 155 -19.57 18.96 5.40
C TRP B 155 -18.85 17.64 5.14
N HIS B 156 -19.61 16.55 5.16
CA HIS B 156 -19.09 15.19 5.05
C HIS B 156 -19.62 14.52 3.80
N ALA B 157 -18.89 13.55 3.30
CA ALA B 157 -19.27 12.78 2.13
C ALA B 157 -20.12 11.58 2.54
N THR B 158 -21.21 11.33 1.82
CA THR B 158 -22.09 10.25 2.21
C THR B 158 -21.51 8.88 1.88
N GLN B 159 -20.74 8.76 0.81
CA GLN B 159 -20.22 7.47 0.38
C GLN B 159 -18.82 7.20 0.89
N ASP B 160 -18.30 8.04 1.77
CA ASP B 160 -17.15 7.72 2.60
C ASP B 160 -17.62 7.33 3.99
N GLN B 161 -16.66 7.04 4.86
CA GLN B 161 -16.90 7.01 6.29
C GLN B 161 -15.75 7.76 6.93
N GLU B 162 -16.04 8.96 7.41
CA GLU B 162 -15.04 9.89 7.92
C GLU B 162 -15.06 9.88 9.44
N GLU B 163 -14.21 10.68 10.03
CA GLU B 163 -14.19 10.87 11.47
C GLU B 163 -15.36 11.74 11.90
N SER B 164 -16.23 11.21 12.72
CA SER B 164 -17.24 12.01 13.37
C SER B 164 -17.28 11.65 14.85
N MET B 165 -18.11 12.38 15.60
CA MET B 165 -18.34 12.07 16.99
C MET B 165 -19.08 10.74 17.14
N ARG B 166 -18.75 10.03 18.21
CA ARG B 166 -19.34 8.76 18.57
C ARG B 166 -20.06 8.85 19.90
N LEU B 167 -20.96 7.90 20.11
CA LEU B 167 -21.73 7.73 21.34
C LEU B 167 -21.49 6.32 21.86
N VAL B 168 -20.77 6.17 22.96
CA VAL B 168 -20.34 4.87 23.48
C VAL B 168 -21.03 4.60 24.82
N CYS B 169 -21.59 3.39 24.96
CA CYS B 169 -22.25 2.94 26.17
C CYS B 169 -21.54 1.73 26.74
N MET B 170 -21.21 1.79 28.02
CA MET B 170 -20.41 0.78 28.70
C MET B 170 -21.13 0.33 29.96
N LEU B 171 -21.06 -0.96 30.26
CA LEU B 171 -21.54 -1.45 31.54
C LEU B 171 -20.59 -1.05 32.65
N TYR B 172 -21.12 -0.38 33.67
CA TYR B 172 -20.29 0.21 34.71
C TYR B 172 -20.24 -0.59 36.00
N THR B 173 -21.38 -1.07 36.50
CA THR B 173 -21.43 -2.05 37.56
C THR B 173 -22.27 -3.24 37.10
N PRO B 174 -22.04 -4.44 37.62
CA PRO B 174 -22.80 -5.60 37.14
C PRO B 174 -24.28 -5.52 37.44
N LEU B 175 -25.06 -6.32 36.71
CA LEU B 175 -26.51 -6.38 36.82
C LEU B 175 -26.92 -7.54 37.72
N ARG B 176 -27.70 -7.26 38.76
CA ARG B 176 -28.08 -8.23 39.78
C ARG B 176 -29.58 -8.13 40.10
N THR B 177 -30.12 -9.18 40.73
CA THR B 177 -31.53 -9.31 41.05
C THR B 177 -31.68 -9.85 42.47
N ASN B 178 -32.41 -9.17 43.35
CA ASN B 178 -32.78 -9.76 44.64
C ASN B 178 -34.23 -10.22 44.67
N SER B 179 -34.57 -11.03 43.79
CA SER B 179 -35.89 -11.61 43.85
C SER B 179 -35.80 -13.06 44.31
N PRO B 180 -36.73 -13.55 45.11
CA PRO B 180 -36.55 -14.86 45.74
C PRO B 180 -36.53 -16.04 44.77
N GLY B 181 -36.98 -15.92 43.53
CA GLY B 181 -37.14 -17.16 42.80
C GLY B 181 -36.46 -17.42 41.48
N ASP B 182 -35.43 -18.27 41.50
CA ASP B 182 -34.98 -19.12 40.38
C ASP B 182 -34.32 -18.47 39.18
N GLU B 183 -34.28 -17.15 39.05
CA GLU B 183 -33.74 -16.59 37.81
C GLU B 183 -33.46 -15.10 37.98
N SER B 184 -32.53 -14.60 37.18
CA SER B 184 -32.18 -13.18 37.13
C SER B 184 -32.61 -12.58 35.80
N PHE B 185 -33.21 -11.40 35.85
CA PHE B 185 -33.85 -10.80 34.69
C PHE B 185 -32.81 -10.23 33.72
N VAL B 186 -33.17 -10.21 32.44
CA VAL B 186 -32.39 -9.55 31.40
C VAL B 186 -33.08 -8.23 31.08
N VAL B 187 -32.31 -7.19 30.78
CA VAL B 187 -32.86 -5.90 30.40
C VAL B 187 -32.78 -5.76 28.88
N SER B 188 -33.81 -5.15 28.29
CA SER B 188 -33.96 -5.03 26.84
C SER B 188 -34.04 -3.55 26.48
N GLY B 189 -32.92 -2.99 26.05
CA GLY B 189 -32.84 -1.60 25.68
C GLY B 189 -33.12 -1.37 24.21
N ARG B 190 -33.59 -0.17 23.90
CA ARG B 190 -33.89 0.28 22.55
C ARG B 190 -33.34 1.69 22.36
N LEU B 191 -32.90 1.99 21.15
CA LEU B 191 -32.40 3.29 20.75
C LEU B 191 -33.29 3.88 19.68
N LEU B 192 -33.67 5.14 19.84
CA LEU B 192 -34.48 5.87 18.87
C LEU B 192 -33.79 7.19 18.57
N SER B 193 -34.08 7.79 17.42
CA SER B 193 -33.40 9.03 17.03
C SER B 193 -34.30 9.89 16.16
N LYS B 194 -33.89 11.15 16.01
CA LYS B 194 -34.46 12.05 15.02
C LYS B 194 -33.47 13.17 14.75
N PRO B 195 -33.48 13.77 13.56
CA PRO B 195 -32.59 14.92 13.30
C PRO B 195 -32.91 16.15 14.14
N ALA B 196 -31.91 17.02 14.26
CA ALA B 196 -32.07 18.30 14.92
C ALA B 196 -32.24 19.41 13.89
N ALA B 197 -32.51 20.62 14.35
CA ALA B 197 -33.09 21.66 13.51
C ALA B 197 -32.24 21.99 12.27
N ASP B 198 -30.93 21.83 12.33
CA ASP B 198 -30.08 22.35 11.26
C ASP B 198 -29.33 21.23 10.54
N PHE B 199 -29.91 20.05 10.45
CA PHE B 199 -29.38 18.96 9.66
C PHE B 199 -29.81 19.12 8.20
N ASN B 200 -28.90 18.88 7.26
CA ASN B 200 -29.26 18.94 5.84
C ASN B 200 -28.39 17.98 5.04
N PHE B 201 -28.67 17.91 3.74
CA PHE B 201 -27.92 17.23 2.69
C PHE B 201 -27.35 18.28 1.73
N VAL B 202 -26.50 17.86 0.78
CA VAL B 202 -25.79 18.87 -0.01
C VAL B 202 -26.13 18.92 -1.50
N TYR B 203 -25.89 17.88 -2.29
CA TYR B 203 -26.05 18.05 -3.75
C TYR B 203 -26.72 16.82 -4.36
N LEU B 204 -27.79 17.02 -5.14
CA LEU B 204 -28.58 15.91 -5.67
C LEU B 204 -27.84 15.06 -6.68
N THR B 205 -28.02 13.76 -6.57
CA THR B 205 -27.24 12.72 -7.20
C THR B 205 -28.17 11.62 -7.69
N PRO B 206 -27.86 10.95 -8.80
CA PRO B 206 -28.65 9.79 -9.24
C PRO B 206 -28.92 8.84 -8.09
N PRO B 207 -30.18 8.46 -7.86
CA PRO B 207 -30.44 7.54 -6.76
C PRO B 207 -29.90 6.17 -7.08
N ILE B 208 -28.88 5.72 -6.36
CA ILE B 208 -28.20 4.48 -6.65
C ILE B 208 -28.41 3.54 -5.49
N GLU B 209 -29.03 2.40 -5.74
CA GLU B 209 -29.59 1.59 -4.68
C GLU B 209 -28.56 0.73 -3.96
N ARG B 210 -27.37 0.55 -4.53
CA ARG B 210 -26.26 -0.13 -3.86
C ARG B 210 -25.39 0.91 -3.16
N THR B 211 -25.86 1.39 -2.02
CA THR B 211 -25.14 2.37 -1.19
C THR B 211 -24.57 1.65 0.03
N ILE B 212 -23.83 2.39 0.86
CA ILE B 212 -23.21 1.77 2.03
C ILE B 212 -24.20 1.56 3.16
N TYR B 213 -25.29 2.33 3.21
CA TYR B 213 -26.47 1.97 3.99
C TYR B 213 -27.28 1.07 3.07
N ARG B 214 -28.59 0.92 3.27
CA ARG B 214 -29.29 -0.23 2.67
C ARG B 214 -28.93 -1.54 3.35
N MET B 215 -29.54 -1.76 4.51
CA MET B 215 -29.40 -3.01 5.26
C MET B 215 -29.58 -4.24 4.36
N VAL B 216 -28.96 -5.33 4.80
CA VAL B 216 -29.12 -6.62 4.15
C VAL B 216 -30.59 -6.99 4.08
N ASP B 217 -30.93 -7.83 3.11
CA ASP B 217 -32.26 -8.41 3.03
C ASP B 217 -32.13 -9.82 2.47
N LEU B 218 -32.92 -10.73 3.01
CA LEU B 218 -32.87 -12.14 2.63
C LEU B 218 -33.90 -12.43 1.54
N PRO B 219 -33.75 -13.52 0.80
CA PRO B 219 -34.75 -13.86 -0.20
C PRO B 219 -36.00 -14.50 0.41
N VAL B 220 -37.14 -14.19 -0.19
CA VAL B 220 -38.44 -14.66 0.35
C VAL B 220 -38.71 -16.01 -0.30
N ILE B 221 -38.09 -17.05 0.26
CA ILE B 221 -38.22 -18.42 -0.20
C ILE B 221 -38.29 -19.30 1.04
N GLN B 222 -39.08 -20.37 0.97
CA GLN B 222 -39.17 -21.25 2.11
C GLN B 222 -38.01 -22.24 2.14
N PRO B 223 -37.59 -22.67 3.33
CA PRO B 223 -36.47 -23.63 3.39
C PRO B 223 -36.71 -24.92 2.65
N ARG B 224 -37.93 -25.45 2.68
CA ARG B 224 -38.24 -26.72 2.04
C ARG B 224 -38.43 -26.60 0.55
N LEU B 225 -38.07 -25.47 -0.05
CA LEU B 225 -38.08 -25.30 -1.49
C LEU B 225 -36.73 -24.78 -1.98
N CYS B 226 -35.67 -25.04 -1.23
CA CYS B 226 -34.33 -24.63 -1.55
C CYS B 226 -33.47 -25.84 -1.86
N THR B 227 -32.22 -25.59 -2.21
CA THR B 227 -31.28 -26.61 -2.64
C THR B 227 -30.15 -26.71 -1.61
N HIS B 228 -29.82 -27.94 -1.21
CA HIS B 228 -28.71 -28.17 -0.31
C HIS B 228 -27.40 -27.71 -0.94
N ALA B 229 -26.43 -27.37 -0.08
CA ALA B 229 -25.17 -26.80 -0.50
C ALA B 229 -23.98 -27.74 -0.33
N ARG B 230 -24.21 -28.99 0.08
CA ARG B 230 -23.15 -29.98 0.18
C ARG B 230 -23.47 -31.29 -0.50
N TRP B 231 -24.74 -31.58 -0.78
CA TRP B 231 -25.19 -32.75 -1.52
C TRP B 231 -26.24 -32.26 -2.51
N PRO B 232 -26.25 -32.79 -3.72
CA PRO B 232 -27.28 -32.40 -4.71
C PRO B 232 -28.66 -33.00 -4.47
N ALA B 233 -29.45 -32.34 -3.62
CA ALA B 233 -30.77 -32.81 -3.26
C ALA B 233 -31.54 -31.64 -2.67
N PRO B 234 -32.87 -31.77 -2.51
CA PRO B 234 -33.62 -30.78 -1.75
C PRO B 234 -33.22 -30.75 -0.28
N VAL B 235 -33.68 -29.71 0.40
CA VAL B 235 -33.57 -29.62 1.85
C VAL B 235 -34.85 -30.18 2.45
N TYR B 236 -34.72 -30.97 3.52
CA TYR B 236 -35.86 -31.67 4.12
C TYR B 236 -36.10 -31.31 5.57
N GLY B 237 -35.05 -31.12 6.37
CA GLY B 237 -35.20 -30.89 7.79
C GLY B 237 -34.45 -29.67 8.26
N LEU B 238 -34.73 -29.28 9.51
CA LEU B 238 -34.15 -28.10 10.15
C LEU B 238 -34.23 -28.30 11.65
N LEU B 239 -33.07 -28.36 12.31
CA LEU B 239 -33.06 -28.76 13.73
C LEU B 239 -31.75 -28.31 14.38
N VAL B 240 -31.76 -28.35 15.72
CA VAL B 240 -30.55 -28.21 16.52
C VAL B 240 -30.31 -29.52 17.25
N ASP B 241 -29.03 -29.83 17.51
CA ASP B 241 -28.66 -31.08 18.18
C ASP B 241 -27.34 -30.90 18.91
N PRO B 242 -27.37 -30.74 20.23
CA PRO B 242 -26.13 -30.58 21.01
C PRO B 242 -25.33 -31.86 21.18
N SER B 243 -25.69 -32.95 20.51
CA SER B 243 -24.95 -34.19 20.61
C SER B 243 -23.92 -34.36 19.49
N LEU B 244 -24.00 -33.57 18.43
CA LEU B 244 -23.08 -33.63 17.30
C LEU B 244 -21.92 -32.68 17.49
N PRO B 245 -20.82 -32.86 16.76
CA PRO B 245 -19.69 -31.94 16.87
C PRO B 245 -20.09 -30.49 16.70
N SER B 246 -19.54 -29.63 17.55
CA SER B 246 -20.01 -28.26 17.67
C SER B 246 -19.39 -27.32 16.64
N ASN B 247 -18.11 -27.53 16.32
CA ASN B 247 -17.34 -26.62 15.46
C ASN B 247 -16.85 -27.38 14.23
N PRO B 248 -17.73 -27.66 13.27
CA PRO B 248 -17.33 -28.42 12.09
C PRO B 248 -16.41 -27.60 11.19
N GLN B 249 -15.71 -28.31 10.31
CA GLN B 249 -14.81 -27.64 9.38
C GLN B 249 -15.18 -27.90 7.93
N TRP B 250 -16.47 -27.79 7.62
CA TRP B 250 -16.95 -28.00 6.26
C TRP B 250 -16.27 -27.01 5.30
N GLN B 251 -16.07 -27.45 4.06
CA GLN B 251 -15.42 -26.61 3.06
C GLN B 251 -16.37 -26.03 2.03
N ASN B 252 -17.51 -26.66 1.79
CA ASN B 252 -18.50 -26.17 0.84
C ASN B 252 -19.68 -25.55 1.57
N GLY B 253 -20.29 -24.55 0.94
CA GLY B 253 -21.40 -23.84 1.54
C GLY B 253 -21.00 -22.71 2.48
N ARG B 254 -19.78 -22.21 2.38
CA ARG B 254 -19.30 -21.12 3.21
C ARG B 254 -19.26 -19.83 2.42
N VAL B 255 -19.66 -18.73 3.05
CA VAL B 255 -19.74 -17.43 2.38
C VAL B 255 -19.82 -16.35 3.45
N HIS B 256 -19.14 -15.23 3.20
CA HIS B 256 -19.25 -14.07 4.06
C HIS B 256 -20.55 -13.31 3.74
N VAL B 257 -21.03 -12.57 4.73
CA VAL B 257 -22.23 -11.77 4.50
C VAL B 257 -21.96 -10.63 3.53
N ASP B 258 -20.71 -10.20 3.37
CA ASP B 258 -20.40 -9.14 2.43
C ASP B 258 -20.14 -9.65 1.02
N GLY B 259 -20.20 -10.97 0.80
CA GLY B 259 -20.15 -11.54 -0.54
C GLY B 259 -18.95 -12.39 -0.83
N THR B 260 -17.97 -12.46 0.07
CA THR B 260 -16.77 -13.27 -0.17
C THR B 260 -17.09 -14.75 -0.03
N LEU B 261 -16.68 -15.53 -1.01
CA LEU B 261 -16.84 -16.98 -0.95
C LEU B 261 -15.65 -17.60 -0.23
N LEU B 262 -15.91 -18.61 0.58
CA LEU B 262 -14.91 -19.22 1.43
C LEU B 262 -14.79 -20.69 1.12
N GLY B 263 -13.58 -21.22 1.18
CA GLY B 263 -13.36 -22.64 0.94
C GLY B 263 -13.36 -22.94 -0.55
N THR B 264 -14.06 -24.00 -0.93
CA THR B 264 -14.24 -24.39 -2.33
C THR B 264 -15.67 -24.15 -2.79
N THR B 265 -16.33 -23.16 -2.23
CA THR B 265 -17.74 -22.95 -2.50
C THR B 265 -17.97 -22.46 -3.93
N PRO B 266 -18.78 -23.16 -4.73
CA PRO B 266 -19.14 -22.65 -6.05
C PRO B 266 -20.35 -21.73 -6.00
N ILE B 267 -20.79 -21.26 -7.16
CA ILE B 267 -22.01 -20.46 -7.26
C ILE B 267 -23.20 -21.30 -7.68
N SER B 268 -23.03 -22.18 -8.65
CA SER B 268 -24.13 -23.02 -9.10
C SER B 268 -24.27 -24.23 -8.18
N GLY B 269 -25.50 -24.55 -7.80
CA GLY B 269 -25.76 -25.79 -7.13
C GLY B 269 -25.59 -27.02 -8.01
N SER B 270 -25.24 -26.82 -9.27
CA SER B 270 -24.92 -27.90 -10.19
C SER B 270 -23.44 -28.27 -10.17
N TRP B 271 -22.62 -27.56 -9.41
CA TRP B 271 -21.22 -27.91 -9.24
C TRP B 271 -20.97 -28.68 -7.95
N VAL B 272 -21.95 -28.76 -7.06
CA VAL B 272 -21.75 -29.33 -5.73
C VAL B 272 -21.44 -30.82 -5.84
N SER B 273 -20.30 -31.23 -5.30
CA SER B 273 -19.85 -32.64 -5.24
C SER B 273 -19.73 -33.28 -6.61
N CYS B 274 -19.32 -32.51 -7.61
CA CYS B 274 -19.02 -33.00 -8.94
C CYS B 274 -17.61 -32.56 -9.31
N PHE B 275 -17.14 -32.97 -10.49
CA PHE B 275 -15.89 -32.45 -11.00
C PHE B 275 -15.79 -32.74 -12.49
N ALA B 276 -14.93 -31.98 -13.14
CA ALA B 276 -14.61 -32.11 -14.55
C ALA B 276 -13.13 -32.40 -14.68
N ALA B 277 -12.76 -33.30 -15.59
CA ALA B 277 -11.36 -33.68 -15.69
C ALA B 277 -11.05 -34.22 -17.08
N GLU B 278 -9.75 -34.34 -17.35
CA GLU B 278 -9.23 -35.02 -18.52
C GLU B 278 -8.88 -36.45 -18.14
N ALA B 279 -9.48 -37.41 -18.82
CA ALA B 279 -9.40 -38.81 -18.43
C ALA B 279 -8.38 -39.57 -19.27
N ALA B 280 -8.03 -40.75 -18.76
CA ALA B 280 -7.18 -41.72 -19.46
C ALA B 280 -7.50 -43.09 -18.89
N TYR B 281 -7.52 -44.10 -19.75
CA TYR B 281 -7.98 -45.44 -19.38
C TYR B 281 -6.91 -46.48 -19.64
N GLU B 282 -6.95 -47.56 -18.85
CA GLU B 282 -6.06 -48.71 -19.00
C GLU B 282 -6.81 -49.96 -18.56
N PHE B 283 -6.40 -51.11 -19.10
CA PHE B 283 -6.89 -52.40 -18.66
C PHE B 283 -5.70 -53.27 -18.28
N GLN B 284 -5.83 -54.00 -17.17
CA GLN B 284 -4.71 -54.77 -16.64
C GLN B 284 -5.25 -56.08 -16.08
N SER B 285 -4.38 -56.78 -15.33
CA SER B 285 -4.76 -58.04 -14.72
C SER B 285 -5.18 -57.85 -13.27
N GLY B 286 -4.96 -56.65 -12.73
CA GLY B 286 -5.16 -56.40 -11.31
C GLY B 286 -6.48 -55.74 -10.98
N THR B 287 -6.44 -54.41 -10.80
CA THR B 287 -7.62 -53.66 -10.39
C THR B 287 -8.77 -53.78 -11.38
N GLY B 288 -8.52 -54.28 -12.59
CA GLY B 288 -9.53 -54.28 -13.62
C GLY B 288 -9.25 -53.24 -14.68
N GLU B 289 -10.00 -52.15 -14.66
CA GLU B 289 -9.79 -51.01 -15.55
C GLU B 289 -9.65 -49.76 -14.71
N VAL B 290 -8.50 -49.10 -14.77
CA VAL B 290 -8.23 -47.89 -14.01
C VAL B 290 -8.44 -46.68 -14.89
N ALA B 291 -9.22 -45.73 -14.39
CA ALA B 291 -9.38 -44.42 -15.00
C ALA B 291 -8.59 -43.39 -14.20
N THR B 292 -7.81 -42.56 -14.88
CA THR B 292 -7.04 -41.50 -14.25
C THR B 292 -7.54 -40.16 -14.76
N PHE B 293 -7.92 -39.29 -13.84
CA PHE B 293 -8.49 -37.99 -14.18
C PHE B 293 -7.55 -36.89 -13.71
N THR B 294 -7.15 -36.01 -14.62
CA THR B 294 -6.47 -34.77 -14.26
C THR B 294 -7.49 -33.64 -14.31
N LEU B 295 -7.64 -32.93 -13.20
CA LEU B 295 -8.79 -32.05 -13.00
C LEU B 295 -8.57 -30.68 -13.62
N ILE B 296 -9.65 -30.13 -14.17
CA ILE B 296 -9.74 -28.73 -14.57
C ILE B 296 -10.92 -28.13 -13.81
N GLU B 297 -11.22 -26.86 -14.05
CA GLU B 297 -12.44 -26.30 -13.48
C GLU B 297 -13.64 -26.72 -14.32
N GLN B 298 -14.84 -26.47 -13.79
CA GLN B 298 -16.04 -27.03 -14.37
C GLN B 298 -16.61 -26.19 -15.50
N ASP B 299 -16.31 -24.89 -15.55
CA ASP B 299 -16.68 -24.10 -16.72
C ASP B 299 -15.89 -24.56 -17.95
N GLY B 300 -14.65 -25.00 -17.75
CA GLY B 300 -13.86 -25.53 -18.83
C GLY B 300 -12.44 -25.01 -18.80
N SER B 301 -12.12 -24.20 -17.82
CA SER B 301 -10.80 -23.59 -17.72
C SER B 301 -9.88 -24.40 -16.82
N ALA B 302 -8.60 -24.05 -16.86
CA ALA B 302 -7.57 -24.82 -16.18
C ALA B 302 -7.66 -24.65 -14.67
N TYR B 303 -6.96 -25.53 -13.96
CA TYR B 303 -6.89 -25.49 -12.51
C TYR B 303 -5.44 -25.35 -12.06
N VAL B 304 -5.22 -24.51 -11.06
CA VAL B 304 -3.90 -24.29 -10.46
C VAL B 304 -4.04 -24.36 -8.94
N PRO B 305 -3.20 -25.15 -8.26
CA PRO B 305 -3.24 -25.15 -6.79
C PRO B 305 -3.02 -23.75 -6.22
N GLY B 306 -3.97 -23.31 -5.40
CA GLY B 306 -3.98 -21.94 -4.93
C GLY B 306 -4.37 -21.77 -3.48
N ASP B 307 -5.38 -20.92 -3.24
CA ASP B 307 -5.80 -20.54 -1.91
C ASP B 307 -6.88 -21.46 -1.36
N ARG B 308 -7.15 -22.57 -2.02
CA ARG B 308 -8.16 -23.54 -1.61
C ARG B 308 -7.51 -24.91 -1.45
N ALA B 309 -8.33 -25.89 -1.11
CA ALA B 309 -7.87 -27.27 -0.99
C ALA B 309 -8.10 -28.09 -2.25
N ALA B 310 -8.96 -27.63 -3.15
CA ALA B 310 -9.37 -28.42 -4.31
C ALA B 310 -10.07 -27.50 -5.30
N PRO B 311 -10.47 -27.99 -6.47
CA PRO B 311 -11.34 -27.20 -7.35
C PRO B 311 -12.66 -26.84 -6.68
N LEU B 312 -13.42 -25.98 -7.35
CA LEU B 312 -14.67 -25.48 -6.79
C LEU B 312 -15.75 -26.56 -6.85
N GLY B 313 -16.32 -26.88 -5.70
CA GLY B 313 -17.37 -27.88 -5.63
C GLY B 313 -16.92 -29.28 -5.32
N TYR B 314 -15.70 -29.46 -4.83
CA TYR B 314 -15.20 -30.79 -4.51
C TYR B 314 -15.83 -31.31 -3.23
N PRO B 315 -16.16 -32.60 -3.16
CA PRO B 315 -16.79 -33.14 -1.94
C PRO B 315 -15.89 -33.08 -0.73
N ASP B 316 -16.40 -32.50 0.35
CA ASP B 316 -15.64 -32.27 1.58
C ASP B 316 -15.95 -33.33 2.65
N PHE B 317 -16.17 -34.57 2.26
CA PHE B 317 -16.46 -35.64 3.21
C PHE B 317 -15.68 -36.88 2.83
N SER B 318 -15.60 -37.82 3.77
CA SER B 318 -14.93 -39.09 3.57
C SER B 318 -15.91 -40.17 3.14
N GLY B 319 -15.37 -41.25 2.57
CA GLY B 319 -16.17 -42.39 2.18
C GLY B 319 -15.63 -43.04 0.92
N GLN B 320 -16.48 -43.81 0.25
CA GLN B 320 -16.18 -44.37 -1.07
C GLN B 320 -17.31 -43.97 -2.02
N LEU B 321 -16.98 -43.20 -3.03
CA LEU B 321 -17.96 -42.62 -3.93
C LEU B 321 -17.92 -43.30 -5.29
N GLU B 322 -19.06 -43.74 -5.77
CA GLU B 322 -19.18 -44.27 -7.13
C GLU B 322 -19.79 -43.22 -8.04
N ILE B 323 -19.14 -42.99 -9.18
CA ILE B 323 -19.49 -41.92 -10.11
C ILE B 323 -19.96 -42.54 -11.42
N GLU B 324 -20.58 -41.72 -12.26
CA GLU B 324 -21.08 -42.15 -13.56
C GLU B 324 -20.57 -41.21 -14.64
N ILE B 325 -20.03 -41.80 -15.70
CA ILE B 325 -19.26 -41.08 -16.71
C ILE B 325 -19.79 -41.44 -18.09
N GLN B 326 -19.86 -40.45 -18.97
CA GLN B 326 -20.11 -40.70 -20.39
C GLN B 326 -18.80 -41.14 -21.04
N THR B 327 -18.86 -42.22 -21.81
CA THR B 327 -17.66 -42.73 -22.47
C THR B 327 -18.01 -43.25 -23.85
N GLU B 328 -16.99 -43.31 -24.70
CA GLU B 328 -17.08 -43.91 -26.03
C GLU B 328 -16.37 -45.25 -26.03
N THR B 329 -16.67 -46.06 -27.05
CA THR B 329 -15.99 -47.33 -27.21
C THR B 329 -15.51 -47.47 -28.66
N THR B 330 -14.40 -48.19 -28.84
CA THR B 330 -13.92 -48.55 -30.17
C THR B 330 -14.45 -49.89 -30.62
N LYS B 331 -15.55 -50.35 -30.05
CA LYS B 331 -16.25 -51.53 -30.53
C LYS B 331 -17.25 -51.12 -31.60
N THR B 332 -17.61 -52.09 -32.44
CA THR B 332 -18.61 -51.86 -33.48
C THR B 332 -19.96 -52.36 -32.99
N GLY B 333 -21.01 -51.59 -33.31
CA GLY B 333 -22.34 -51.85 -32.81
C GLY B 333 -22.68 -51.08 -31.56
N ASP B 334 -21.70 -50.47 -30.91
CA ASP B 334 -21.94 -49.68 -29.70
C ASP B 334 -21.16 -48.38 -29.83
N LYS B 335 -21.82 -47.26 -29.53
CA LYS B 335 -21.26 -45.95 -29.84
C LYS B 335 -20.90 -45.16 -28.58
N LEU B 336 -21.87 -44.90 -27.71
CA LEU B 336 -21.69 -44.11 -26.51
C LEU B 336 -22.61 -44.66 -25.42
N LYS B 337 -22.18 -44.52 -24.17
CA LYS B 337 -22.92 -45.10 -23.04
C LYS B 337 -22.73 -44.23 -21.81
N VAL B 338 -23.28 -44.70 -20.69
CA VAL B 338 -23.02 -44.16 -19.37
C VAL B 338 -22.44 -45.28 -18.53
N THR B 339 -21.19 -45.13 -18.12
CA THR B 339 -20.48 -46.14 -17.34
C THR B 339 -20.28 -45.66 -15.90
N THR B 340 -20.12 -46.61 -14.99
CA THR B 340 -20.03 -46.35 -13.57
C THR B 340 -18.71 -46.86 -13.02
N PHE B 341 -17.97 -45.97 -12.37
CA PHE B 341 -16.76 -46.31 -11.63
C PHE B 341 -17.04 -46.15 -10.13
N GLU B 342 -16.11 -46.64 -9.30
CA GLU B 342 -16.13 -46.31 -7.89
C GLU B 342 -14.81 -45.65 -7.51
N MET B 343 -14.78 -45.10 -6.29
CA MET B 343 -13.65 -44.31 -5.85
C MET B 343 -13.72 -44.12 -4.34
N ILE B 344 -12.58 -44.34 -3.69
CA ILE B 344 -12.45 -44.17 -2.24
C ILE B 344 -11.97 -42.75 -1.97
N LEU B 345 -12.58 -42.09 -1.00
CA LEU B 345 -12.29 -40.68 -0.72
C LEU B 345 -11.31 -40.48 0.42
N GLY B 346 -11.25 -41.39 1.39
CA GLY B 346 -10.48 -41.20 2.59
C GLY B 346 -8.98 -41.32 2.39
N PRO B 347 -8.25 -41.49 3.49
CA PRO B 347 -6.78 -41.54 3.38
C PRO B 347 -6.26 -42.85 2.80
N THR B 348 -6.83 -43.99 3.22
CA THR B 348 -6.55 -45.31 2.67
C THR B 348 -5.14 -45.78 3.05
N THR B 349 -4.37 -44.92 3.72
CA THR B 349 -3.09 -45.26 4.35
C THR B 349 -2.02 -45.59 3.31
N ASN B 350 -2.42 -45.70 2.04
CA ASN B 350 -1.48 -45.65 0.92
C ASN B 350 -2.31 -45.36 -0.34
N ALA B 351 -2.15 -44.17 -0.89
CA ALA B 351 -3.01 -43.69 -1.97
C ALA B 351 -2.19 -42.98 -3.03
N ASP B 352 -2.75 -42.96 -4.24
CA ASP B 352 -2.24 -42.15 -5.34
C ASP B 352 -3.17 -40.98 -5.66
N GLN B 353 -3.82 -40.42 -4.64
CA GLN B 353 -4.82 -39.36 -4.83
C GLN B 353 -4.39 -38.11 -4.09
N ALA B 354 -4.15 -37.04 -4.84
CA ALA B 354 -3.92 -35.70 -4.30
C ALA B 354 -4.76 -34.72 -5.09
N PRO B 355 -6.04 -34.59 -4.75
CA PRO B 355 -6.89 -33.63 -5.48
C PRO B 355 -6.45 -32.19 -5.35
N TYR B 356 -5.59 -31.87 -4.39
CA TYR B 356 -5.01 -30.54 -4.32
C TYR B 356 -4.16 -30.25 -5.55
N GLN B 357 -3.27 -31.18 -5.90
CA GLN B 357 -2.45 -31.08 -7.09
C GLN B 357 -3.24 -31.39 -8.37
N GLY B 358 -4.37 -32.07 -8.25
CA GLY B 358 -5.20 -32.38 -9.40
C GLY B 358 -5.14 -33.84 -9.83
N ARG B 359 -4.84 -34.74 -8.90
CA ARG B 359 -4.64 -36.15 -9.19
C ARG B 359 -5.72 -37.00 -8.54
N VAL B 360 -6.49 -37.71 -9.35
CA VAL B 360 -7.58 -38.53 -8.89
C VAL B 360 -7.65 -39.80 -9.73
N PHE B 361 -7.80 -40.95 -9.07
CA PHE B 361 -7.81 -42.25 -9.71
C PHE B 361 -9.11 -42.97 -9.39
N ALA B 362 -9.70 -43.60 -10.41
CA ALA B 362 -10.89 -44.41 -10.24
C ALA B 362 -10.68 -45.76 -10.91
N SER B 363 -11.69 -46.62 -10.84
CA SER B 363 -11.57 -47.96 -11.37
C SER B 363 -12.94 -48.59 -11.51
N VAL B 364 -12.99 -49.66 -12.32
CA VAL B 364 -14.21 -50.43 -12.56
C VAL B 364 -13.81 -51.89 -12.73
N THR B 365 -14.71 -52.79 -12.35
CA THR B 365 -14.44 -54.22 -12.45
C THR B 365 -14.67 -54.69 -13.89
N ALA B 366 -13.72 -55.47 -14.41
CA ALA B 366 -13.73 -55.88 -15.80
C ALA B 366 -12.76 -57.04 -15.97
N ALA B 367 -13.22 -58.08 -16.67
CA ALA B 367 -12.39 -59.26 -16.91
C ALA B 367 -11.52 -59.09 -18.15
N ALA B 368 -12.11 -58.63 -19.25
CA ALA B 368 -11.38 -58.30 -20.44
C ALA B 368 -11.25 -56.78 -20.55
N SER B 369 -10.64 -56.33 -21.65
CA SER B 369 -10.51 -54.90 -21.90
C SER B 369 -11.83 -54.33 -22.36
N LEU B 370 -12.23 -53.22 -21.77
CA LEU B 370 -13.40 -52.45 -22.20
C LEU B 370 -12.83 -51.20 -22.87
N ASP B 371 -12.63 -51.27 -24.18
CA ASP B 371 -11.87 -50.24 -24.87
C ASP B 371 -12.67 -48.94 -24.88
N LEU B 372 -12.29 -48.01 -24.00
CA LEU B 372 -12.98 -46.74 -23.84
C LEU B 372 -12.05 -45.62 -24.28
N VAL B 373 -12.56 -44.76 -25.15
CA VAL B 373 -11.76 -43.68 -25.74
C VAL B 373 -11.57 -42.57 -24.72
N ASP B 374 -10.42 -41.89 -24.83
CA ASP B 374 -10.07 -40.82 -23.91
C ASP B 374 -10.88 -39.57 -24.21
N GLY B 375 -10.71 -38.55 -23.39
CA GLY B 375 -11.33 -37.26 -23.67
C GLY B 375 -11.70 -36.53 -22.39
N ARG B 376 -12.74 -35.70 -22.49
CA ARG B 376 -13.19 -34.83 -21.43
C ARG B 376 -14.41 -35.44 -20.74
N VAL B 377 -14.48 -35.28 -19.42
CA VAL B 377 -15.54 -35.88 -18.63
C VAL B 377 -16.10 -34.89 -17.63
N ARG B 378 -17.26 -35.23 -17.07
CA ARG B 378 -17.85 -34.54 -15.93
C ARG B 378 -18.47 -35.61 -15.05
N ALA B 379 -17.93 -35.80 -13.85
CA ALA B 379 -18.36 -36.87 -12.97
C ALA B 379 -19.37 -36.36 -11.95
N VAL B 380 -20.45 -37.12 -11.77
CA VAL B 380 -21.46 -36.81 -10.76
C VAL B 380 -21.63 -38.03 -9.86
N PRO B 381 -22.06 -37.85 -8.61
CA PRO B 381 -22.16 -39.00 -7.71
C PRO B 381 -23.44 -39.80 -7.92
N ARG B 382 -23.38 -41.07 -7.50
CA ARG B 382 -24.54 -41.95 -7.49
C ARG B 382 -24.87 -42.48 -6.11
N SER B 383 -23.88 -43.01 -5.39
CA SER B 383 -24.11 -43.55 -4.05
C SER B 383 -22.87 -43.30 -3.20
N ILE B 384 -23.07 -43.32 -1.88
CA ILE B 384 -21.99 -43.19 -0.92
C ILE B 384 -21.90 -44.46 -0.10
N TYR B 385 -20.67 -44.96 0.08
CA TYR B 385 -20.43 -46.15 0.89
C TYR B 385 -19.51 -45.79 2.05
N GLY B 386 -19.97 -46.04 3.26
CA GLY B 386 -19.20 -45.71 4.45
C GLY B 386 -19.03 -44.21 4.63
N PHE B 387 -20.12 -43.51 4.90
CA PHE B 387 -20.08 -42.06 4.98
C PHE B 387 -19.42 -41.60 6.27
N GLN B 388 -18.48 -40.67 6.15
CA GLN B 388 -17.89 -40.00 7.29
C GLN B 388 -17.91 -38.50 7.02
N ASP B 389 -18.29 -37.73 8.02
CA ASP B 389 -18.32 -36.27 7.90
C ASP B 389 -17.00 -35.67 8.38
N THR B 390 -15.92 -36.11 7.76
CA THR B 390 -14.58 -35.56 8.00
C THR B 390 -13.92 -35.30 6.66
N ILE B 391 -13.05 -34.29 6.63
CA ILE B 391 -12.48 -33.83 5.37
C ILE B 391 -11.77 -34.96 4.66
N PRO B 392 -11.80 -35.04 3.33
CA PRO B 392 -11.05 -36.07 2.63
C PRO B 392 -9.56 -35.78 2.60
N GLU B 393 -8.82 -36.57 1.81
CA GLU B 393 -7.37 -36.43 1.71
C GLU B 393 -7.05 -35.52 0.53
N TYR B 394 -6.84 -34.23 0.81
CA TYR B 394 -6.57 -33.27 -0.25
C TYR B 394 -5.14 -33.38 -0.75
N ASN B 395 -4.17 -33.13 0.13
CA ASN B 395 -2.76 -33.39 -0.13
C ASN B 395 -2.32 -34.45 0.86
N ASP B 396 -1.77 -35.56 0.33
CA ASP B 396 -1.66 -36.83 1.05
C ASP B 396 -1.33 -36.69 2.54
N GLY B 397 -0.35 -35.85 2.86
CA GLY B 397 -0.02 -35.65 4.26
C GLY B 397 0.40 -34.23 4.57
N LEU B 398 0.06 -33.31 3.68
CA LEU B 398 0.53 -31.94 3.78
C LEU B 398 -0.47 -31.10 4.57
N LEU B 399 -0.30 -29.78 4.53
CA LEU B 399 -1.24 -28.85 5.14
C LEU B 399 -1.63 -27.83 4.08
N VAL B 400 -2.83 -27.98 3.53
CA VAL B 400 -3.34 -27.11 2.48
C VAL B 400 -4.19 -26.01 3.09
N PRO B 401 -4.37 -24.88 2.43
CA PRO B 401 -5.21 -23.82 3.00
C PRO B 401 -6.67 -24.26 3.12
N LEU B 402 -7.24 -24.06 4.31
CA LEU B 402 -8.58 -24.47 4.65
C LEU B 402 -9.33 -23.31 5.30
N ALA B 403 -10.64 -23.25 5.05
CA ALA B 403 -11.49 -22.30 5.76
C ALA B 403 -11.66 -22.74 7.21
N PRO B 404 -11.67 -21.80 8.16
CA PRO B 404 -11.61 -22.18 9.58
C PRO B 404 -12.86 -22.91 10.01
N PRO B 405 -12.83 -23.55 11.18
CA PRO B 405 -14.06 -24.20 11.68
C PRO B 405 -15.09 -23.18 12.14
N ILE B 406 -16.32 -23.64 12.22
CA ILE B 406 -17.46 -22.77 12.49
C ILE B 406 -17.49 -22.44 13.97
N GLY B 407 -17.44 -21.15 14.29
CA GLY B 407 -17.43 -20.68 15.66
C GLY B 407 -16.71 -19.36 15.81
N PRO B 408 -16.66 -18.81 17.03
CA PRO B 408 -17.23 -19.36 18.27
C PRO B 408 -18.68 -19.00 18.56
N PHE B 409 -19.21 -19.64 19.59
CA PHE B 409 -20.55 -19.40 20.09
C PHE B 409 -20.45 -18.86 21.51
N LEU B 410 -21.53 -18.27 21.99
CA LEU B 410 -21.61 -17.91 23.39
C LEU B 410 -22.01 -19.14 24.22
N PRO B 411 -21.73 -19.13 25.52
CA PRO B 411 -22.30 -20.17 26.39
C PRO B 411 -23.81 -20.30 26.23
N GLY B 412 -24.28 -21.47 25.81
CA GLY B 412 -25.69 -21.70 25.56
C GLY B 412 -26.09 -21.73 24.12
N GLU B 413 -25.25 -21.23 23.21
CA GLU B 413 -25.57 -21.12 21.81
C GLU B 413 -25.14 -22.38 21.04
N VAL B 414 -26.02 -22.86 20.17
CA VAL B 414 -25.77 -24.02 19.32
C VAL B 414 -26.04 -23.63 17.88
N LEU B 415 -25.67 -24.52 16.96
CA LEU B 415 -25.69 -24.26 15.53
C LEU B 415 -26.98 -24.75 14.87
N LEU B 416 -27.53 -23.91 14.00
CA LEU B 416 -28.69 -24.28 13.20
C LEU B 416 -28.26 -25.05 11.96
N ARG B 417 -28.86 -26.22 11.73
CA ARG B 417 -28.42 -27.17 10.71
C ARG B 417 -29.50 -27.39 9.67
N PHE B 418 -29.13 -27.30 8.40
CA PHE B 418 -30.00 -27.61 7.26
C PHE B 418 -29.66 -29.02 6.77
N ARG B 419 -30.68 -29.87 6.65
CA ARG B 419 -30.48 -31.32 6.55
C ARG B 419 -31.09 -31.88 5.26
N THR B 420 -30.39 -32.85 4.66
CA THR B 420 -30.91 -33.65 3.56
C THR B 420 -30.37 -35.07 3.69
N TYR B 421 -30.77 -35.96 2.78
CA TYR B 421 -30.36 -37.36 2.82
C TYR B 421 -29.74 -37.77 1.50
N MET B 422 -28.90 -38.80 1.58
CA MET B 422 -28.07 -39.27 0.47
C MET B 422 -28.57 -40.62 -0.04
N ARG B 423 -27.99 -41.05 -1.16
CA ARG B 423 -28.18 -42.40 -1.69
C ARG B 423 -26.99 -43.27 -1.29
N GLN B 424 -27.26 -44.50 -0.85
CA GLN B 424 -26.24 -45.29 -0.18
C GLN B 424 -26.41 -46.77 -0.46
N ILE B 425 -25.41 -47.54 -0.03
CA ILE B 425 -25.47 -48.99 0.11
C ILE B 425 -25.24 -49.33 1.57
N ASP B 426 -26.07 -50.23 2.11
CA ASP B 426 -25.92 -50.61 3.50
C ASP B 426 -26.39 -52.03 3.71
N THR B 427 -25.53 -52.84 4.32
CA THR B 427 -25.86 -54.25 4.57
C THR B 427 -26.91 -54.39 5.66
N ALA B 428 -26.61 -53.91 6.87
CA ALA B 428 -27.43 -54.18 8.04
C ALA B 428 -28.15 -52.95 8.59
N ASP B 429 -28.03 -51.80 7.93
CA ASP B 429 -28.75 -50.61 8.34
C ASP B 429 -29.83 -50.27 7.32
N ALA B 430 -30.96 -49.78 7.83
CA ALA B 430 -32.06 -49.34 6.99
C ALA B 430 -32.38 -47.86 7.14
N ALA B 431 -31.72 -47.15 8.06
CA ALA B 431 -31.97 -45.73 8.24
C ALA B 431 -31.30 -44.93 7.14
N ALA B 432 -31.69 -43.67 7.03
CA ALA B 432 -31.16 -42.81 5.99
C ALA B 432 -29.73 -42.40 6.31
N GLU B 433 -29.17 -41.53 5.47
CA GLU B 433 -27.82 -41.01 5.68
C GLU B 433 -27.93 -39.50 5.64
N ALA B 434 -27.65 -38.85 6.77
CA ALA B 434 -27.88 -37.42 6.93
C ALA B 434 -26.60 -36.62 6.73
N ILE B 435 -26.72 -35.54 5.96
CA ILE B 435 -25.64 -34.58 5.76
C ILE B 435 -26.23 -33.19 6.02
N ASP B 436 -25.40 -32.31 6.60
CA ASP B 436 -25.86 -31.01 7.10
C ASP B 436 -25.04 -29.89 6.48
N CYS B 437 -25.67 -28.73 6.32
CA CYS B 437 -24.99 -27.51 5.90
C CYS B 437 -25.43 -26.35 6.80
N ALA B 438 -24.77 -25.20 6.64
CA ALA B 438 -25.06 -24.01 7.44
C ALA B 438 -26.03 -23.07 6.75
N LEU B 439 -25.79 -22.74 5.48
CA LEU B 439 -26.72 -21.95 4.70
C LEU B 439 -27.06 -22.70 3.42
N PRO B 440 -28.33 -22.71 3.00
CA PRO B 440 -28.68 -23.37 1.75
C PRO B 440 -28.21 -22.57 0.55
N GLN B 441 -28.29 -23.18 -0.63
CA GLN B 441 -27.55 -22.69 -1.79
C GLN B 441 -28.10 -21.38 -2.33
N GLU B 442 -29.38 -21.09 -2.10
CA GLU B 442 -29.95 -19.83 -2.57
C GLU B 442 -29.34 -18.65 -1.83
N PHE B 443 -28.89 -18.88 -0.59
CA PHE B 443 -28.33 -17.79 0.22
C PHE B 443 -26.90 -17.48 -0.21
N VAL B 444 -26.20 -18.44 -0.79
CA VAL B 444 -24.86 -18.19 -1.30
C VAL B 444 -24.92 -17.35 -2.57
N SER B 445 -25.91 -17.61 -3.43
CA SER B 445 -26.10 -16.81 -4.62
C SER B 445 -26.51 -15.39 -4.26
N TRP B 446 -27.37 -15.24 -3.25
CA TRP B 446 -27.85 -13.93 -2.83
C TRP B 446 -26.72 -13.06 -2.33
N PHE B 447 -25.86 -13.60 -1.46
CA PHE B 447 -24.80 -12.78 -0.90
C PHE B 447 -23.68 -12.53 -1.90
N ALA B 448 -23.41 -13.50 -2.78
CA ALA B 448 -22.36 -13.33 -3.77
C ALA B 448 -22.73 -12.28 -4.81
N SER B 449 -24.02 -12.08 -5.07
CA SER B 449 -24.47 -11.17 -6.10
C SER B 449 -24.93 -9.82 -5.59
N ASN B 450 -24.80 -9.54 -4.30
CA ASN B 450 -25.34 -8.33 -3.71
C ASN B 450 -24.30 -7.42 -3.09
N ALA B 451 -23.23 -7.98 -2.52
CA ALA B 451 -22.07 -7.22 -2.03
C ALA B 451 -22.48 -6.19 -0.98
N PHE B 452 -22.95 -6.69 0.16
CA PHE B 452 -23.45 -5.80 1.20
C PHE B 452 -22.31 -5.18 1.99
N THR B 453 -22.63 -4.15 2.76
CA THR B 453 -21.70 -3.48 3.67
C THR B 453 -22.17 -3.71 5.10
N VAL B 454 -21.37 -4.40 5.90
CA VAL B 454 -21.79 -4.80 7.24
C VAL B 454 -21.61 -3.64 8.21
N GLN B 455 -22.35 -3.69 9.32
CA GLN B 455 -22.24 -2.65 10.33
C GLN B 455 -21.54 -3.14 11.59
N SER B 456 -22.05 -4.12 12.32
CA SER B 456 -21.23 -4.46 13.46
C SER B 456 -20.67 -5.88 13.55
N GLU B 457 -21.47 -6.86 13.93
CA GLU B 457 -20.93 -8.21 14.07
C GLU B 457 -21.91 -9.31 13.69
N ALA B 458 -23.21 -9.01 13.77
CA ALA B 458 -24.23 -10.02 13.55
C ALA B 458 -25.51 -9.34 13.12
N LEU B 459 -26.44 -10.14 12.62
CA LEU B 459 -27.81 -9.74 12.36
C LEU B 459 -28.76 -10.55 13.22
N LEU B 460 -29.83 -9.91 13.64
CA LEU B 460 -30.89 -10.56 14.40
C LEU B 460 -31.99 -10.96 13.44
N LEU B 461 -32.34 -12.24 13.41
CA LEU B 461 -33.41 -12.74 12.57
C LEU B 461 -34.54 -13.27 13.42
N ARG B 462 -35.73 -13.28 12.84
CA ARG B 462 -36.89 -13.99 13.39
C ARG B 462 -37.42 -14.92 12.29
N TYR B 463 -37.95 -16.05 12.72
CA TYR B 463 -38.52 -17.03 11.81
C TYR B 463 -40.04 -17.04 11.99
N ARG B 464 -40.77 -16.72 10.93
CA ARG B 464 -42.23 -16.61 10.99
C ARG B 464 -42.88 -17.76 10.25
N ASN B 465 -44.00 -18.24 10.79
CA ASN B 465 -44.78 -19.27 10.13
C ASN B 465 -45.69 -18.65 9.08
N THR B 466 -45.71 -19.26 7.89
CA THR B 466 -46.48 -18.70 6.79
C THR B 466 -47.97 -18.93 6.94
N LEU B 467 -48.39 -20.12 7.41
CA LEU B 467 -49.82 -20.41 7.44
C LEU B 467 -50.57 -19.66 8.53
N THR B 468 -49.89 -19.16 9.56
CA THR B 468 -50.60 -18.50 10.65
C THR B 468 -49.97 -17.20 11.13
N GLY B 469 -48.87 -16.75 10.54
CA GLY B 469 -48.29 -15.48 10.95
C GLY B 469 -47.76 -15.48 12.36
N GLN B 470 -47.17 -16.59 12.79
CA GLN B 470 -46.66 -16.77 14.14
C GLN B 470 -45.14 -16.75 14.13
N LEU B 471 -44.56 -16.14 15.15
CA LEU B 471 -43.12 -16.08 15.31
C LEU B 471 -42.67 -17.24 16.18
N LEU B 472 -41.80 -18.10 15.65
CA LEU B 472 -41.42 -19.32 16.34
C LEU B 472 -40.15 -19.16 17.18
N PHE B 473 -39.15 -18.45 16.67
CA PHE B 473 -37.94 -18.22 17.46
C PHE B 473 -37.18 -17.03 16.88
N GLU B 474 -36.01 -16.76 17.47
CA GLU B 474 -35.13 -15.67 17.08
C GLU B 474 -33.69 -16.16 17.18
N CYS B 475 -32.88 -15.78 16.20
CA CYS B 475 -31.53 -16.33 16.07
C CYS B 475 -30.55 -15.22 15.69
N LYS B 476 -29.27 -15.53 15.81
CA LYS B 476 -28.20 -14.61 15.44
C LYS B 476 -27.48 -15.16 14.21
N LEU B 477 -27.35 -14.33 13.17
CA LEU B 477 -26.56 -14.66 12.00
C LEU B 477 -25.27 -13.87 12.06
N TYR B 478 -24.16 -14.55 12.32
CA TYR B 478 -22.87 -13.90 12.37
C TYR B 478 -22.38 -13.56 10.97
N ASN B 479 -21.56 -12.51 10.87
CA ASN B 479 -21.09 -12.06 9.57
C ASN B 479 -20.25 -13.10 8.85
N GLU B 480 -19.69 -14.06 9.57
CA GLU B 480 -18.93 -15.14 8.97
C GLU B 480 -19.81 -16.25 8.40
N GLY B 481 -21.13 -16.14 8.51
CA GLY B 481 -22.02 -16.97 7.75
C GLY B 481 -22.60 -18.21 8.41
N TYR B 482 -22.79 -18.19 9.73
CA TYR B 482 -23.45 -19.28 10.44
C TYR B 482 -24.47 -18.70 11.41
N ILE B 483 -25.49 -19.51 11.75
CA ILE B 483 -26.61 -19.07 12.58
C ILE B 483 -26.60 -19.84 13.88
N ALA B 484 -26.99 -19.17 14.97
CA ALA B 484 -26.94 -19.74 16.32
C ALA B 484 -28.26 -19.49 17.04
N LEU B 485 -28.79 -20.54 17.66
CA LEU B 485 -29.91 -20.43 18.56
C LEU B 485 -29.44 -20.65 19.99
N SER B 486 -30.31 -20.32 20.93
CA SER B 486 -30.06 -20.48 22.36
C SER B 486 -30.89 -21.68 22.83
N TYR B 487 -30.20 -22.77 23.19
CA TYR B 487 -30.86 -24.03 23.48
C TYR B 487 -30.05 -24.80 24.52
N SER B 488 -30.71 -25.21 25.59
CA SER B 488 -30.06 -25.94 26.67
C SER B 488 -30.81 -27.23 26.98
N GLY B 489 -31.14 -27.98 25.93
CA GLY B 489 -31.68 -29.31 26.07
C GLY B 489 -30.72 -30.36 25.55
N SER B 490 -31.14 -31.62 25.68
CA SER B 490 -30.33 -32.74 25.24
C SER B 490 -30.87 -33.44 24.01
N GLY B 491 -32.19 -33.59 23.89
CA GLY B 491 -32.77 -34.20 22.73
C GLY B 491 -32.77 -33.26 21.55
N PRO B 492 -32.64 -33.80 20.34
CA PRO B 492 -32.81 -32.98 19.14
C PRO B 492 -34.16 -32.28 19.15
N LEU B 493 -34.18 -31.11 18.51
CA LEU B 493 -35.39 -30.29 18.42
C LEU B 493 -35.54 -29.81 16.98
N THR B 494 -36.67 -30.13 16.36
CA THR B 494 -36.92 -29.84 14.97
C THR B 494 -37.93 -28.71 14.83
N PHE B 495 -37.99 -28.13 13.63
CA PHE B 495 -38.85 -27.00 13.33
C PHE B 495 -39.53 -27.21 12.00
N PRO B 496 -40.71 -26.62 11.80
CA PRO B 496 -41.36 -26.69 10.48
C PRO B 496 -40.53 -25.98 9.42
N THR B 497 -40.73 -26.39 8.17
CA THR B 497 -39.92 -25.89 7.06
C THR B 497 -40.76 -25.08 6.07
N ASP B 498 -41.79 -24.40 6.55
CA ASP B 498 -42.67 -23.60 5.71
C ASP B 498 -42.81 -22.19 6.29
N GLY B 499 -41.68 -21.59 6.64
CA GLY B 499 -41.66 -20.22 7.13
C GLY B 499 -40.65 -19.38 6.37
N ILE B 500 -40.54 -18.12 6.79
CA ILE B 500 -39.64 -17.17 6.18
C ILE B 500 -38.74 -16.59 7.27
N PHE B 501 -37.52 -16.23 6.90
CA PHE B 501 -36.60 -15.48 7.74
C PHE B 501 -36.72 -14.01 7.41
N GLU B 502 -36.66 -13.15 8.43
CA GLU B 502 -36.70 -11.71 8.19
C GLU B 502 -35.72 -10.99 9.11
N VAL B 503 -34.98 -10.05 8.51
CA VAL B 503 -33.96 -9.30 9.23
C VAL B 503 -34.61 -8.30 10.17
N VAL B 504 -34.02 -8.13 11.36
CA VAL B 504 -34.53 -7.22 12.37
C VAL B 504 -33.56 -6.08 12.64
N SER B 505 -32.31 -6.40 12.96
CA SER B 505 -31.41 -5.39 13.50
C SER B 505 -29.96 -5.86 13.36
N TRP B 506 -29.03 -4.91 13.46
CA TRP B 506 -27.64 -5.22 13.73
C TRP B 506 -27.43 -5.34 15.24
N VAL B 507 -26.60 -6.30 15.65
CA VAL B 507 -26.37 -6.53 17.08
C VAL B 507 -24.90 -6.78 17.33
N PRO B 508 -24.47 -6.64 18.57
CA PRO B 508 -23.13 -7.09 18.95
C PRO B 508 -23.08 -8.58 19.21
N ARG B 509 -21.86 -9.12 19.16
CA ARG B 509 -21.61 -10.54 19.40
C ARG B 509 -21.97 -10.98 20.81
N LEU B 510 -22.03 -10.05 21.76
CA LEU B 510 -22.42 -10.38 23.12
C LEU B 510 -23.92 -10.20 23.36
N TYR B 511 -24.71 -10.06 22.29
CA TYR B 511 -26.16 -10.10 22.42
C TYR B 511 -26.61 -11.43 23.01
N GLN B 512 -27.58 -11.38 23.91
CA GLN B 512 -28.13 -12.58 24.52
C GLN B 512 -29.54 -12.79 24.02
N LEU B 513 -29.81 -13.97 23.47
CA LEU B 513 -31.12 -14.33 22.95
C LEU B 513 -31.95 -15.02 24.03
N ALA B 514 -33.27 -14.95 23.85
CA ALA B 514 -34.18 -15.79 24.62
C ALA B 514 -34.09 -17.22 24.12
N SER B 515 -34.19 -18.17 25.04
CA SER B 515 -33.95 -19.56 24.71
C SER B 515 -35.19 -20.21 24.11
N VAL B 516 -34.96 -21.26 23.32
CA VAL B 516 -36.00 -22.14 22.79
C VAL B 516 -35.88 -23.47 23.50
N GLY B 517 -37.01 -24.05 23.87
CA GLY B 517 -38.29 -23.40 23.79
C GLY B 517 -39.07 -23.60 25.08
N GLN C 14 9.53 43.80 11.95
CA GLN C 14 8.19 43.75 12.53
C GLN C 14 7.08 43.76 11.48
N ALA C 15 7.17 44.67 10.51
CA ALA C 15 6.11 44.87 9.53
C ALA C 15 6.49 44.16 8.23
N VAL C 16 5.77 43.08 7.92
CA VAL C 16 5.92 42.39 6.66
C VAL C 16 4.63 42.60 5.87
N PRO C 17 4.65 42.38 4.57
CA PRO C 17 3.40 42.49 3.79
C PRO C 17 2.45 41.30 3.88
N ILE C 18 1.57 41.28 4.88
CA ILE C 18 0.70 40.15 5.16
C ILE C 18 -0.51 40.65 5.93
N GLN C 19 -1.62 39.96 5.82
CA GLN C 19 -2.91 40.23 6.46
C GLN C 19 -3.02 39.48 7.78
N PRO C 20 -3.80 40.00 8.74
CA PRO C 20 -4.03 39.26 10.00
C PRO C 20 -4.86 38.00 9.83
N VAL C 21 -4.48 36.95 10.57
CA VAL C 21 -5.05 35.62 10.48
C VAL C 21 -5.87 35.33 11.74
N ALA C 22 -7.09 34.84 11.56
CA ALA C 22 -7.99 34.54 12.66
C ALA C 22 -7.77 33.12 13.20
N GLY C 23 -7.79 33.00 14.51
CA GLY C 23 -7.63 31.74 15.22
C GLY C 23 -8.94 31.15 15.69
N ALA C 24 -9.28 31.38 16.95
CA ALA C 24 -10.46 30.79 17.56
C ALA C 24 -11.77 31.36 17.04
N ALA C 25 -11.77 32.55 16.47
CA ALA C 25 -13.01 33.09 15.95
C ALA C 25 -13.56 32.24 14.80
N LEU C 26 -12.69 31.52 14.11
CA LEU C 26 -13.05 30.68 12.99
C LEU C 26 -13.22 29.22 13.37
N ALA C 27 -12.64 28.79 14.48
CA ALA C 27 -12.72 27.42 14.95
C ALA C 27 -13.90 27.21 15.89
N ALA C 28 -14.31 28.23 16.63
CA ALA C 28 -15.28 28.05 17.71
C ALA C 28 -16.65 27.53 17.29
N PRO C 29 -17.22 27.86 16.12
CA PRO C 29 -18.55 27.33 15.80
C PRO C 29 -18.64 25.81 15.75
N ALA C 30 -17.56 25.11 15.40
CA ALA C 30 -17.62 23.68 15.16
C ALA C 30 -16.65 22.89 16.00
N ALA C 31 -16.00 23.52 16.95
CA ALA C 31 -15.28 22.84 18.02
C ALA C 31 -16.24 22.59 19.17
N GLY C 32 -15.90 21.63 20.00
CA GLY C 32 -16.81 21.39 21.09
C GLY C 32 -16.51 22.18 22.33
N GLN C 33 -15.22 22.37 22.62
CA GLN C 33 -14.71 23.25 23.65
C GLN C 33 -13.58 24.08 23.08
N ILE C 34 -13.39 25.28 23.62
CA ILE C 34 -12.22 26.11 23.38
C ILE C 34 -11.51 26.25 24.73
N ASN C 35 -10.28 25.75 24.82
CA ASN C 35 -9.60 25.56 26.10
C ASN C 35 -8.40 26.48 26.28
N GLN C 36 -8.30 27.09 27.46
CA GLN C 36 -7.29 28.10 27.77
C GLN C 36 -6.02 27.54 28.39
N ILE C 37 -4.93 28.24 28.16
CA ILE C 37 -3.59 27.92 28.65
C ILE C 37 -3.25 28.89 29.79
N ASP C 38 -2.39 28.43 30.70
CA ASP C 38 -1.89 29.14 31.88
C ASP C 38 -1.27 30.47 31.49
N PRO C 39 -1.71 31.59 32.06
CA PRO C 39 -1.19 32.90 31.66
C PRO C 39 0.30 33.16 31.86
N TRP C 40 1.00 32.41 32.73
CA TRP C 40 2.43 32.65 32.89
C TRP C 40 3.23 32.11 31.72
N ILE C 41 2.63 31.27 30.88
CA ILE C 41 3.31 30.75 29.69
C ILE C 41 3.39 31.79 28.59
N PHE C 42 2.54 32.80 28.63
CA PHE C 42 2.57 33.88 27.66
C PHE C 42 3.63 34.94 27.97
N GLN C 43 4.50 34.72 28.95
CA GLN C 43 5.44 35.73 29.41
C GLN C 43 6.89 35.31 29.33
N ASN C 44 7.21 34.24 28.64
CA ASN C 44 8.56 33.71 28.63
C ASN C 44 8.90 33.23 27.23
N PHE C 45 10.03 33.67 26.69
CA PHE C 45 10.54 33.18 25.41
C PHE C 45 11.46 32.00 25.69
N VAL C 46 11.12 30.83 25.17
CA VAL C 46 11.90 29.63 25.39
C VAL C 46 12.60 29.26 24.08
N GLN C 47 13.73 28.57 24.21
CA GLN C 47 14.51 28.12 23.07
C GLN C 47 13.76 27.07 22.25
N CYS C 48 13.65 27.30 20.95
CA CYS C 48 13.09 26.35 19.99
C CYS C 48 14.08 25.22 19.71
N PRO C 49 13.59 24.01 19.45
CA PRO C 49 14.49 22.92 19.05
C PRO C 49 14.94 23.05 17.60
N LEU C 50 16.24 22.92 17.40
CA LEU C 50 16.95 23.08 16.12
C LEU C 50 17.03 24.53 15.66
N GLY C 51 16.85 25.49 16.54
CA GLY C 51 17.04 26.88 16.20
C GLY C 51 18.39 27.50 16.54
N GLU C 52 19.47 27.12 15.87
CA GLU C 52 20.76 27.73 16.16
C GLU C 52 21.77 27.42 15.07
N PHE C 53 22.63 28.41 14.81
CA PHE C 53 23.62 28.32 13.74
C PHE C 53 24.88 29.08 14.14
N SER C 54 25.97 28.79 13.43
CA SER C 54 27.21 29.57 13.44
C SER C 54 27.51 30.06 12.03
N ILE C 55 27.95 31.31 11.90
CA ILE C 55 28.43 31.84 10.63
C ILE C 55 29.93 32.02 10.71
N SER C 56 30.63 31.49 9.72
CA SER C 56 32.07 31.57 9.56
C SER C 56 32.43 32.43 8.36
N PRO C 57 33.65 33.00 8.33
CA PRO C 57 34.10 33.69 7.13
C PRO C 57 34.24 32.80 5.90
N ARG C 58 34.14 31.49 6.02
CA ARG C 58 34.26 30.59 4.90
C ARG C 58 32.94 30.13 4.32
N ASN C 59 31.82 30.52 4.90
CA ASN C 59 30.53 30.17 4.35
C ASN C 59 30.22 30.99 3.11
N THR C 60 29.46 30.40 2.22
CA THR C 60 29.02 30.91 0.93
C THR C 60 27.60 31.45 1.00
N PRO C 61 27.29 32.60 0.44
CA PRO C 61 25.90 33.09 0.50
C PRO C 61 24.95 32.14 -0.20
N GLY C 62 23.77 31.98 0.38
CA GLY C 62 22.77 31.07 -0.12
C GLY C 62 22.59 29.83 0.69
N GLU C 63 23.25 29.70 1.82
CA GLU C 63 23.16 28.48 2.60
C GLU C 63 22.25 28.69 3.81
N ILE C 64 21.57 27.64 4.20
CA ILE C 64 20.37 27.74 5.03
C ILE C 64 20.74 27.57 6.50
N LEU C 65 20.29 28.50 7.32
CA LEU C 65 20.66 28.55 8.72
C LEU C 65 19.66 27.82 9.62
N PHE C 66 18.36 28.02 9.41
CA PHE C 66 17.36 27.21 10.09
C PHE C 66 16.10 27.14 9.24
N ASP C 67 15.18 26.26 9.66
CA ASP C 67 13.95 25.95 8.92
C ASP C 67 12.92 25.38 9.89
N LEU C 68 11.95 26.18 10.31
CA LEU C 68 11.09 25.81 11.42
C LEU C 68 9.63 25.98 11.10
N ALA C 69 8.81 24.98 11.42
CA ALA C 69 7.38 24.97 11.15
C ALA C 69 6.56 25.21 12.41
N LEU C 70 5.42 25.87 12.22
CA LEU C 70 4.56 26.26 13.32
C LEU C 70 3.81 25.06 13.91
N GLY C 71 3.58 25.10 15.21
CA GLY C 71 2.86 24.05 15.89
C GLY C 71 3.28 23.90 17.32
N PRO C 72 2.73 22.89 18.01
CA PRO C 72 3.01 22.75 19.46
C PRO C 72 4.43 22.34 19.81
N GLY C 73 5.11 21.59 18.96
CA GLY C 73 6.44 21.10 19.25
C GLY C 73 7.52 22.16 19.36
N LEU C 74 7.25 23.41 19.00
CA LEU C 74 8.26 24.45 19.13
C LEU C 74 8.51 24.85 20.59
N ASN C 75 7.50 24.72 21.47
CA ASN C 75 7.55 25.06 22.88
C ASN C 75 7.53 23.81 23.74
N PRO C 76 8.35 23.69 24.77
CA PRO C 76 8.27 22.49 25.62
C PRO C 76 7.04 22.42 26.49
N TYR C 77 6.44 23.55 26.87
CA TYR C 77 5.24 23.50 27.70
C TYR C 77 4.02 23.16 26.86
N LEU C 78 4.01 23.57 25.59
CA LEU C 78 2.89 23.32 24.71
C LEU C 78 2.92 21.91 24.14
N ALA C 79 4.09 21.30 24.13
CA ALA C 79 4.20 19.92 23.68
C ALA C 79 3.77 18.93 24.76
N HIS C 80 3.91 19.29 26.02
CA HIS C 80 3.37 18.50 27.12
C HIS C 80 1.85 18.60 27.16
N LEU C 81 1.33 19.82 27.10
CA LEU C 81 -0.09 20.08 27.19
C LEU C 81 -0.86 19.50 26.02
N SER C 82 -0.17 19.15 24.95
CA SER C 82 -0.79 18.69 23.73
C SER C 82 -1.33 17.28 23.85
N ALA C 83 -0.94 16.54 24.88
CA ALA C 83 -1.34 15.14 25.03
C ALA C 83 -2.74 14.95 25.59
N MET C 84 -3.31 15.96 26.25
CA MET C 84 -4.68 15.89 26.76
C MET C 84 -5.69 16.67 25.92
N TYR C 85 -5.40 16.87 24.62
CA TYR C 85 -6.26 17.64 23.73
C TYR C 85 -6.34 16.95 22.38
N THR C 86 -7.38 17.31 21.63
CA THR C 86 -7.60 16.82 20.27
C THR C 86 -7.09 17.75 19.18
N GLY C 87 -7.14 19.08 19.37
CA GLY C 87 -6.73 20.00 18.35
C GLY C 87 -6.02 21.22 18.89
N TRP C 88 -5.62 22.11 17.96
CA TRP C 88 -5.01 23.40 18.28
C TRP C 88 -5.26 24.39 17.14
N VAL C 89 -5.24 25.69 17.47
CA VAL C 89 -5.26 26.79 16.51
C VAL C 89 -4.47 27.97 17.05
N GLY C 90 -3.97 28.79 16.14
CA GLY C 90 -3.56 30.14 16.44
C GLY C 90 -2.10 30.39 16.14
N ASN C 91 -1.70 31.63 16.41
CA ASN C 91 -0.45 32.21 15.97
C ASN C 91 0.58 32.23 17.10
N MET C 92 1.84 32.43 16.73
CA MET C 92 2.97 32.48 17.65
C MET C 92 3.81 33.72 17.41
N GLU C 93 4.89 33.86 18.18
CA GLU C 93 5.85 34.94 17.97
C GLU C 93 7.25 34.55 18.41
N VAL C 94 8.23 34.91 17.60
CA VAL C 94 9.61 34.44 17.74
C VAL C 94 10.56 35.63 17.91
N GLN C 95 11.73 35.35 18.49
CA GLN C 95 12.83 36.29 18.68
C GLN C 95 14.10 35.71 18.09
N LEU C 96 14.87 36.52 17.36
CA LEU C 96 16.19 36.12 16.87
C LEU C 96 17.29 36.93 17.53
N VAL C 97 18.31 36.24 18.04
CA VAL C 97 19.41 36.82 18.81
C VAL C 97 20.71 36.51 18.10
N LEU C 98 21.45 37.56 17.72
CA LEU C 98 22.75 37.42 17.06
C LEU C 98 23.85 37.98 17.94
N ALA C 99 25.02 37.35 17.89
CA ALA C 99 26.18 37.74 18.70
C ALA C 99 27.34 38.15 17.81
N GLY C 100 27.34 39.41 17.37
CA GLY C 100 28.48 40.06 16.76
C GLY C 100 28.97 41.27 17.54
N ASN C 101 29.71 42.17 16.90
CA ASN C 101 30.14 43.40 17.53
C ASN C 101 30.34 44.44 16.43
N ALA C 102 31.03 45.53 16.76
CA ALA C 102 31.16 46.70 15.89
C ALA C 102 32.11 46.52 14.72
N PHE C 103 32.90 45.46 14.67
CA PHE C 103 33.95 45.32 13.66
C PHE C 103 33.70 44.17 12.69
N THR C 104 32.43 43.86 12.44
CA THR C 104 31.98 42.81 11.53
C THR C 104 31.19 43.42 10.37
N ALA C 105 30.96 42.63 9.32
CA ALA C 105 29.99 42.96 8.27
C ALA C 105 29.30 41.69 7.78
N GLY C 106 28.06 41.82 7.33
CA GLY C 106 27.30 40.71 6.77
C GLY C 106 25.81 40.86 7.02
N LYS C 107 25.03 40.00 6.34
CA LYS C 107 23.57 40.07 6.38
C LYS C 107 22.93 38.69 6.29
N VAL C 108 21.71 38.60 6.82
CA VAL C 108 20.84 37.42 6.73
C VAL C 108 19.43 37.89 6.36
N VAL C 109 18.64 36.97 5.76
CA VAL C 109 17.24 37.21 5.44
C VAL C 109 16.39 36.12 6.08
N VAL C 110 15.33 36.51 6.80
CA VAL C 110 14.33 35.58 7.33
C VAL C 110 13.01 35.73 6.57
N ALA C 111 12.56 34.67 5.92
CA ALA C 111 11.34 34.66 5.13
C ALA C 111 10.22 33.86 5.80
N LEU C 112 8.99 34.24 5.48
CA LEU C 112 7.77 33.51 5.82
C LEU C 112 7.28 32.71 4.63
N VAL C 113 7.44 31.40 4.67
CA VAL C 113 7.12 30.52 3.54
C VAL C 113 5.82 29.80 3.84
N PRO C 114 4.85 29.77 2.92
CA PRO C 114 3.50 29.31 3.23
C PRO C 114 3.38 27.79 3.27
N PRO C 115 2.20 27.26 3.66
CA PRO C 115 2.03 25.80 3.82
C PRO C 115 2.38 24.88 2.65
N TYR C 116 2.02 25.17 1.40
CA TYR C 116 2.16 24.13 0.38
C TYR C 116 3.27 24.42 -0.63
N PHE C 117 4.26 25.24 -0.28
CA PHE C 117 5.37 25.52 -1.17
C PHE C 117 6.19 24.25 -1.37
N PRO C 118 6.59 23.95 -2.61
CA PRO C 118 7.27 22.69 -2.90
C PRO C 118 8.73 22.69 -2.46
N LYS C 119 9.06 21.77 -1.57
CA LYS C 119 10.39 21.71 -0.98
C LYS C 119 11.44 21.27 -2.01
N GLY C 120 12.68 21.67 -1.75
CA GLY C 120 13.72 21.66 -2.74
C GLY C 120 14.89 22.49 -2.27
N SER C 121 15.36 23.42 -3.10
CA SER C 121 16.44 24.31 -2.72
C SER C 121 16.21 25.69 -3.31
N LEU C 122 16.61 26.72 -2.57
CA LEU C 122 16.38 28.10 -2.94
C LEU C 122 17.72 28.83 -3.13
N THR C 123 17.68 29.89 -3.92
CA THR C 123 18.79 30.80 -4.11
C THR C 123 18.48 32.14 -3.46
N THR C 124 19.50 32.98 -3.32
CA THR C 124 19.33 34.27 -2.68
C THR C 124 18.40 35.18 -3.47
N ALA C 125 18.30 34.97 -4.77
CA ALA C 125 17.40 35.75 -5.59
C ALA C 125 15.94 35.45 -5.28
N GLN C 126 15.63 34.19 -4.97
CA GLN C 126 14.26 33.80 -4.68
C GLN C 126 13.84 34.10 -3.25
N ILE C 127 14.77 34.18 -2.30
CA ILE C 127 14.39 34.29 -0.90
C ILE C 127 13.75 35.65 -0.61
N THR C 128 14.05 36.67 -1.39
CA THR C 128 13.48 37.99 -1.22
C THR C 128 12.13 38.13 -1.89
N CYS C 129 11.62 37.07 -2.47
CA CYS C 129 10.32 37.10 -3.11
C CYS C 129 9.21 36.63 -2.20
N PHE C 130 9.54 36.23 -0.97
CA PHE C 130 8.59 35.99 0.10
C PHE C 130 8.40 37.26 0.90
N PRO C 131 7.45 37.28 1.85
CA PRO C 131 7.49 38.32 2.90
C PRO C 131 8.61 38.05 3.89
N HIS C 132 9.49 39.03 4.07
CA HIS C 132 10.79 38.80 4.68
C HIS C 132 11.26 40.05 5.42
N VAL C 133 12.32 39.89 6.20
CA VAL C 133 13.09 41.00 6.77
C VAL C 133 14.56 40.76 6.48
N MET C 134 15.32 41.83 6.30
CA MET C 134 16.77 41.79 6.15
C MET C 134 17.44 42.34 7.41
N CYS C 135 18.49 41.66 7.88
CA CYS C 135 19.09 41.93 9.18
C CYS C 135 20.60 41.96 9.13
N ASP C 136 21.18 43.04 9.63
CA ASP C 136 22.61 43.23 9.73
C ASP C 136 23.18 42.49 10.94
N VAL C 137 24.40 41.98 10.79
CA VAL C 137 25.00 41.13 11.82
C VAL C 137 25.49 41.93 13.01
N ARG C 138 25.48 43.27 12.92
CA ARG C 138 25.86 44.20 13.98
C ARG C 138 24.69 44.66 14.82
N THR C 139 23.54 44.02 14.70
CA THR C 139 22.33 44.43 15.41
C THR C 139 22.42 44.10 16.90
N LEU C 140 21.89 44.99 17.73
CA LEU C 140 22.00 44.91 19.17
C LEU C 140 20.85 44.15 19.83
N GLU C 141 19.63 44.48 19.49
CA GLU C 141 18.48 43.88 20.13
C GLU C 141 18.00 42.64 19.38
N PRO C 142 17.17 41.81 20.03
CA PRO C 142 16.56 40.69 19.30
C PRO C 142 15.54 41.16 18.27
N ILE C 143 15.50 40.46 17.14
CA ILE C 143 14.60 40.77 16.05
C ILE C 143 13.33 39.94 16.20
N GLN C 144 12.20 40.62 16.33
CA GLN C 144 10.93 40.00 16.69
C GLN C 144 10.01 39.89 15.48
N LEU C 145 9.30 38.77 15.36
CA LEU C 145 8.54 38.40 14.18
C LEU C 145 7.26 37.65 14.50
N PRO C 146 6.26 37.68 13.60
CA PRO C 146 5.08 36.82 13.74
C PRO C 146 5.11 35.51 12.97
N LEU C 147 4.51 34.46 13.50
CA LEU C 147 4.35 33.19 12.80
C LEU C 147 2.87 32.83 12.79
N LEU C 148 2.21 32.95 11.63
CA LEU C 148 0.76 32.96 11.53
C LEU C 148 0.20 31.69 10.89
N ASP C 149 -1.04 31.37 11.23
CA ASP C 149 -1.68 30.10 10.89
C ASP C 149 -2.49 30.23 9.61
N VAL C 150 -1.80 30.17 8.48
CA VAL C 150 -2.43 30.19 7.17
C VAL C 150 -2.84 28.76 6.84
N ARG C 151 -4.13 28.55 6.57
CA ARG C 151 -4.68 27.21 6.61
C ARG C 151 -5.96 27.13 5.80
N ARG C 152 -6.33 25.91 5.41
CA ARG C 152 -7.55 25.64 4.67
C ARG C 152 -8.60 24.94 5.51
N VAL C 153 -8.34 24.71 6.79
CA VAL C 153 -9.22 23.97 7.69
C VAL C 153 -9.54 24.90 8.84
N LEU C 154 -10.39 24.47 9.76
CA LEU C 154 -10.76 25.31 10.88
C LEU C 154 -9.87 25.12 12.09
N TRP C 155 -9.35 23.92 12.35
CA TRP C 155 -8.35 23.68 13.37
C TRP C 155 -7.50 22.49 12.95
N HIS C 156 -6.43 22.23 13.69
CA HIS C 156 -5.46 21.17 13.40
C HIS C 156 -5.56 20.08 14.46
N ALA C 157 -5.39 18.83 14.05
CA ALA C 157 -5.38 17.70 14.98
C ALA C 157 -3.98 17.49 15.58
N THR C 158 -3.92 17.14 16.87
CA THR C 158 -2.63 17.11 17.56
C THR C 158 -1.83 15.85 17.26
N GLN C 159 -2.49 14.72 17.05
CA GLN C 159 -1.79 13.46 16.84
C GLN C 159 -1.60 13.20 15.36
N ASP C 160 -1.02 14.18 14.71
CA ASP C 160 -1.01 14.33 13.26
C ASP C 160 -0.07 15.47 12.95
N GLN C 161 0.59 15.41 11.81
CA GLN C 161 1.40 16.52 11.33
C GLN C 161 0.88 16.95 9.97
N GLU C 162 0.53 18.22 9.83
CA GLU C 162 0.00 18.77 8.62
C GLU C 162 0.87 19.93 8.16
N GLU C 163 0.55 20.49 7.01
CA GLU C 163 1.29 21.61 6.47
C GLU C 163 0.98 22.88 7.25
N SER C 164 2.03 23.61 7.60
CA SER C 164 1.86 24.89 8.25
C SER C 164 2.87 25.86 7.67
N MET C 165 2.78 27.11 8.11
CA MET C 165 3.78 28.10 7.77
C MET C 165 5.15 27.73 8.32
N ARG C 166 6.19 28.01 7.56
CA ARG C 166 7.57 27.78 7.96
C ARG C 166 8.29 29.11 8.14
N LEU C 167 9.44 29.05 8.82
CA LEU C 167 10.31 30.19 9.00
C LEU C 167 11.70 29.77 8.56
N VAL C 168 12.29 30.50 7.62
CA VAL C 168 13.51 30.07 6.92
C VAL C 168 14.53 31.20 6.97
N CYS C 169 15.75 30.88 7.40
CA CYS C 169 16.86 31.84 7.44
C CYS C 169 17.98 31.42 6.51
N MET C 170 18.45 32.36 5.69
CA MET C 170 19.53 32.20 4.74
C MET C 170 20.65 33.19 5.02
N LEU C 171 21.88 32.80 4.70
CA LEU C 171 22.98 33.75 4.68
C LEU C 171 22.92 34.54 3.39
N TYR C 172 22.88 35.87 3.49
CA TYR C 172 22.61 36.73 2.35
C TYR C 172 23.86 37.37 1.74
N THR C 173 24.72 38.00 2.53
CA THR C 173 26.03 38.48 2.12
C THR C 173 27.07 37.89 3.08
N PRO C 174 28.29 37.66 2.63
CA PRO C 174 29.27 36.95 3.48
C PRO C 174 29.80 37.77 4.65
N LEU C 175 30.34 37.06 5.64
CA LEU C 175 30.94 37.68 6.82
C LEU C 175 32.35 38.16 6.53
N ARG C 176 32.64 39.42 6.88
CA ARG C 176 33.97 40.03 6.76
C ARG C 176 34.48 40.43 8.14
N THR C 177 35.61 39.85 8.54
CA THR C 177 36.19 40.09 9.86
C THR C 177 37.68 39.83 9.84
N ASN C 178 38.33 40.15 10.95
CA ASN C 178 39.66 39.67 11.30
C ASN C 178 39.54 38.52 12.28
N SER C 179 40.64 37.82 12.48
CA SER C 179 40.75 36.73 13.43
C SER C 179 42.13 36.76 14.05
N PRO C 180 42.28 36.21 15.25
CA PRO C 180 43.61 35.99 15.81
C PRO C 180 44.20 34.69 15.27
N GLY C 181 45.38 34.36 15.78
CA GLY C 181 46.06 33.15 15.33
C GLY C 181 45.53 31.85 15.90
N ASP C 182 44.77 31.90 16.99
CA ASP C 182 44.34 30.69 17.69
C ASP C 182 42.91 30.27 17.38
N GLU C 183 41.97 31.20 17.28
CA GLU C 183 40.58 30.87 16.97
C GLU C 183 40.14 31.62 15.73
N SER C 184 38.86 31.48 15.37
CA SER C 184 38.45 31.93 14.05
C SER C 184 37.11 32.66 13.98
N PHE C 185 36.65 33.30 15.05
CA PHE C 185 35.52 34.23 15.01
C PHE C 185 34.28 33.79 14.23
N VAL C 186 33.39 33.07 14.87
CA VAL C 186 32.05 32.88 14.33
C VAL C 186 31.08 33.91 14.89
N VAL C 187 29.99 34.14 14.16
CA VAL C 187 28.79 34.83 14.64
C VAL C 187 27.75 33.77 14.96
N SER C 188 27.22 33.77 16.18
CA SER C 188 26.24 32.79 16.63
C SER C 188 24.83 33.35 16.66
N GLY C 189 23.85 32.47 16.41
CA GLY C 189 22.44 32.84 16.47
C GLY C 189 21.55 31.84 17.17
N ARG C 190 20.44 32.31 17.73
CA ARG C 190 19.53 31.50 18.53
C ARG C 190 18.10 32.01 18.37
N LEU C 191 17.14 31.09 18.22
CA LEU C 191 15.75 31.44 18.03
C LEU C 191 14.89 30.98 19.20
N LEU C 192 14.07 31.88 19.73
CA LEU C 192 13.25 31.65 20.91
C LEU C 192 11.80 31.98 20.59
N SER C 193 10.86 31.35 21.29
CA SER C 193 9.46 31.51 20.90
C SER C 193 8.52 31.47 22.10
N LYS C 194 7.30 31.94 21.88
CA LYS C 194 6.21 31.85 22.83
C LYS C 194 4.89 32.00 22.07
N PRO C 195 3.78 31.55 22.65
CA PRO C 195 2.48 31.74 21.99
C PRO C 195 1.98 33.17 22.01
N ALA C 196 1.25 33.53 20.97
CA ALA C 196 0.56 34.81 20.91
C ALA C 196 -0.79 34.71 21.63
N ALA C 197 -1.42 35.86 21.84
CA ALA C 197 -2.65 35.88 22.61
C ALA C 197 -3.75 35.03 21.96
N ASP C 198 -3.77 34.97 20.64
CA ASP C 198 -4.72 34.15 19.88
C ASP C 198 -4.10 32.78 19.63
N PHE C 199 -4.11 31.93 20.65
CA PHE C 199 -3.68 30.54 20.53
C PHE C 199 -4.46 29.73 21.56
N ASN C 200 -5.02 28.59 21.15
CA ASN C 200 -5.91 27.79 21.97
C ASN C 200 -5.73 26.31 21.64
N PHE C 201 -6.34 25.45 22.46
CA PHE C 201 -6.48 24.00 22.28
C PHE C 201 -7.97 23.69 22.05
N VAL C 202 -8.33 22.44 21.75
CA VAL C 202 -9.73 22.20 21.36
C VAL C 202 -10.50 21.32 22.35
N TYR C 203 -10.20 20.04 22.53
CA TYR C 203 -11.17 19.24 23.29
C TYR C 203 -10.46 18.30 24.26
N LEU C 204 -10.83 18.34 25.54
CA LEU C 204 -10.17 17.55 26.58
C LEU C 204 -10.35 16.05 26.43
N THR C 205 -9.26 15.35 26.16
CA THR C 205 -9.24 13.89 26.08
C THR C 205 -8.38 13.30 27.18
N PRO C 206 -8.62 12.06 27.57
CA PRO C 206 -7.72 11.35 28.48
C PRO C 206 -6.28 11.40 27.99
N PRO C 207 -5.31 11.64 28.88
CA PRO C 207 -3.93 11.82 28.42
C PRO C 207 -3.31 10.56 27.85
N ILE C 208 -2.53 10.76 26.80
CA ILE C 208 -1.86 9.68 26.07
C ILE C 208 -0.39 9.67 26.44
N GLU C 209 0.18 8.47 26.55
CA GLU C 209 1.62 8.37 26.78
C GLU C 209 2.41 8.15 25.50
N ARG C 210 1.78 7.58 24.49
CA ARG C 210 2.43 7.29 23.21
C ARG C 210 2.15 8.41 22.20
N THR C 211 2.59 9.62 22.53
CA THR C 211 2.35 10.77 21.68
C THR C 211 3.57 11.05 20.79
N ILE C 212 3.32 11.81 19.72
CA ILE C 212 4.36 12.07 18.72
C ILE C 212 5.37 13.09 19.20
N TYR C 213 5.03 13.89 20.21
CA TYR C 213 5.99 14.79 20.87
C TYR C 213 6.47 14.05 22.11
N ARG C 214 7.41 13.13 21.90
CA ARG C 214 7.95 12.35 23.00
C ARG C 214 9.41 12.06 22.67
N MET C 215 10.29 12.38 23.60
CA MET C 215 11.71 12.38 23.32
C MET C 215 12.32 10.98 23.47
N VAL C 216 13.36 10.72 22.68
CA VAL C 216 14.10 9.48 22.79
C VAL C 216 14.81 9.41 24.13
N ASP C 217 14.80 8.23 24.75
CA ASP C 217 15.63 7.97 25.90
C ASP C 217 16.23 6.58 25.78
N LEU C 218 17.29 6.34 26.52
CA LEU C 218 18.02 5.09 26.53
C LEU C 218 17.77 4.34 27.82
N PRO C 219 18.03 3.03 27.85
CA PRO C 219 17.89 2.29 29.11
C PRO C 219 19.03 2.59 30.07
N VAL C 220 18.70 2.62 31.36
CA VAL C 220 19.66 3.02 32.40
C VAL C 220 20.39 1.75 32.81
N ILE C 221 21.41 1.39 32.03
CA ILE C 221 22.20 0.17 32.24
C ILE C 221 23.65 0.45 31.88
N GLN C 222 24.58 0.05 32.74
CA GLN C 222 25.99 0.18 32.44
C GLN C 222 26.39 -0.74 31.29
N PRO C 223 27.37 -0.35 30.48
CA PRO C 223 27.74 -1.18 29.32
C PRO C 223 28.22 -2.58 29.69
N ARG C 224 28.81 -2.75 30.88
CA ARG C 224 29.42 -4.01 31.26
C ARG C 224 28.43 -5.06 31.75
N LEU C 225 27.15 -4.71 31.91
CA LEU C 225 26.14 -5.69 32.29
C LEU C 225 25.24 -6.07 31.13
N CYS C 226 25.62 -5.72 29.90
CA CYS C 226 24.79 -5.86 28.72
C CYS C 226 25.06 -7.20 28.02
N THR C 227 24.56 -7.34 26.79
CA THR C 227 24.73 -8.54 25.99
C THR C 227 25.24 -8.15 24.61
N HIS C 228 26.27 -8.86 24.12
CA HIS C 228 26.84 -8.55 22.82
C HIS C 228 25.88 -8.95 21.70
N ALA C 229 25.90 -8.18 20.62
CA ALA C 229 24.93 -8.31 19.54
C ALA C 229 25.34 -9.26 18.43
N ARG C 230 26.59 -9.69 18.39
CA ARG C 230 27.06 -10.56 17.32
C ARG C 230 27.66 -11.87 17.80
N TRP C 231 27.88 -12.03 19.11
CA TRP C 231 28.34 -13.29 19.68
C TRP C 231 27.63 -13.49 21.01
N PRO C 232 27.10 -14.69 21.28
CA PRO C 232 26.34 -14.90 22.52
C PRO C 232 27.18 -14.94 23.79
N ALA C 233 27.54 -13.77 24.31
CA ALA C 233 28.43 -13.68 25.45
C ALA C 233 28.43 -12.26 26.02
N PRO C 234 29.00 -12.01 27.19
CA PRO C 234 29.03 -10.66 27.76
C PRO C 234 29.81 -9.68 26.90
N VAL C 235 29.74 -8.42 27.30
CA VAL C 235 30.48 -7.32 26.69
C VAL C 235 31.65 -6.98 27.60
N TYR C 236 32.85 -6.96 27.04
CA TYR C 236 34.07 -6.78 27.83
C TYR C 236 34.84 -5.50 27.53
N GLY C 237 34.46 -4.74 26.51
CA GLY C 237 35.24 -3.56 26.16
C GLY C 237 34.42 -2.50 25.46
N LEU C 238 35.00 -1.30 25.40
CA LEU C 238 34.38 -0.14 24.77
C LEU C 238 35.49 0.78 24.30
N LEU C 239 35.78 0.73 23.00
CA LEU C 239 36.98 1.35 22.43
C LEU C 239 36.66 2.11 21.16
N VAL C 240 37.64 2.89 20.70
CA VAL C 240 37.61 3.50 19.38
C VAL C 240 38.99 3.30 18.75
N ASP C 241 39.04 2.57 17.64
CA ASP C 241 40.30 2.18 17.00
C ASP C 241 40.28 2.60 15.53
N PRO C 242 41.08 3.59 15.14
CA PRO C 242 40.98 4.14 13.78
C PRO C 242 41.90 3.50 12.74
N SER C 243 42.58 2.40 13.05
CA SER C 243 43.37 1.70 12.04
C SER C 243 42.60 0.57 11.38
N LEU C 244 41.38 0.32 11.80
CA LEU C 244 40.58 -0.80 11.34
C LEU C 244 39.72 -0.37 10.17
N PRO C 245 39.02 -1.30 9.52
CA PRO C 245 38.11 -0.91 8.43
C PRO C 245 37.06 0.07 8.91
N SER C 246 37.07 1.27 8.34
CA SER C 246 36.23 2.35 8.83
C SER C 246 34.77 2.17 8.47
N ASN C 247 34.45 1.33 7.49
CA ASN C 247 33.09 1.16 6.99
C ASN C 247 32.71 -0.31 6.93
N PRO C 248 32.53 -0.95 8.08
CA PRO C 248 32.16 -2.38 8.10
C PRO C 248 30.80 -2.61 7.48
N GLN C 249 30.43 -3.88 7.35
CA GLN C 249 29.17 -4.25 6.72
C GLN C 249 28.51 -5.42 7.46
N TRP C 250 28.48 -5.33 8.79
CA TRP C 250 27.91 -6.40 9.60
C TRP C 250 26.41 -6.52 9.37
N GLN C 251 25.88 -7.72 9.56
CA GLN C 251 24.49 -8.01 9.26
C GLN C 251 23.64 -8.29 10.48
N ASN C 252 24.22 -8.28 11.68
CA ASN C 252 23.47 -8.44 12.92
C ASN C 252 23.69 -7.23 13.81
N GLY C 253 22.69 -6.92 14.63
CA GLY C 253 22.77 -5.75 15.48
C GLY C 253 22.59 -4.44 14.75
N ARG C 254 21.73 -4.43 13.74
CA ARG C 254 21.47 -3.24 12.93
C ARG C 254 20.01 -2.86 13.10
N VAL C 255 19.78 -1.74 13.77
CA VAL C 255 18.42 -1.31 14.11
C VAL C 255 18.32 0.18 13.84
N HIS C 256 17.14 0.62 13.38
CA HIS C 256 16.84 2.03 13.16
C HIS C 256 16.23 2.63 14.42
N VAL C 257 16.55 3.90 14.68
CA VAL C 257 16.15 4.55 15.93
C VAL C 257 14.63 4.54 16.09
N ASP C 258 13.88 4.48 14.98
CA ASP C 258 12.44 4.38 15.09
C ASP C 258 11.94 2.96 15.32
N GLY C 259 12.84 1.97 15.30
CA GLY C 259 12.50 0.62 15.67
C GLY C 259 12.43 -0.40 14.56
N THR C 260 12.94 -0.09 13.37
CA THR C 260 12.97 -1.03 12.26
C THR C 260 14.28 -1.82 12.28
N LEU C 261 14.16 -3.14 12.16
CA LEU C 261 15.30 -4.04 12.21
C LEU C 261 15.89 -4.20 10.82
N LEU C 262 17.20 -4.05 10.72
CA LEU C 262 17.91 -4.14 9.45
C LEU C 262 18.74 -5.41 9.41
N GLY C 263 18.97 -5.91 8.20
CA GLY C 263 19.79 -7.11 8.04
C GLY C 263 19.08 -8.34 8.53
N THR C 264 19.84 -9.22 9.19
CA THR C 264 19.33 -10.43 9.80
C THR C 264 19.35 -10.34 11.32
N THR C 265 18.99 -9.17 11.83
CA THR C 265 19.03 -8.88 13.26
C THR C 265 17.84 -9.54 13.97
N PRO C 266 18.07 -10.26 15.06
CA PRO C 266 16.97 -10.79 15.86
C PRO C 266 16.60 -9.87 17.03
N ILE C 267 15.43 -10.12 17.60
CA ILE C 267 14.98 -9.34 18.75
C ILE C 267 15.60 -9.86 20.04
N SER C 268 15.77 -11.17 20.16
CA SER C 268 16.27 -11.79 21.38
C SER C 268 17.73 -12.18 21.24
N GLY C 269 18.43 -12.21 22.38
CA GLY C 269 19.83 -12.59 22.43
C GLY C 269 20.09 -14.07 22.43
N SER C 270 19.06 -14.88 22.65
CA SER C 270 19.16 -16.33 22.52
C SER C 270 19.07 -16.80 21.08
N TRP C 271 19.14 -15.88 20.11
CA TRP C 271 19.12 -16.21 18.71
C TRP C 271 20.39 -15.80 17.97
N VAL C 272 21.32 -15.14 18.66
CA VAL C 272 22.48 -14.56 18.00
C VAL C 272 23.44 -15.68 17.61
N SER C 273 23.69 -15.78 16.29
CA SER C 273 24.70 -16.68 15.71
C SER C 273 24.31 -18.15 15.83
N CYS C 274 23.02 -18.43 15.83
CA CYS C 274 22.48 -19.77 15.91
C CYS C 274 21.54 -19.99 14.73
N PHE C 275 21.01 -21.21 14.63
CA PHE C 275 19.97 -21.50 13.65
C PHE C 275 19.26 -22.78 14.06
N ALA C 276 18.00 -22.89 13.64
CA ALA C 276 17.23 -24.10 13.79
C ALA C 276 16.98 -24.70 12.42
N ALA C 277 16.76 -26.00 12.36
CA ALA C 277 16.63 -26.69 11.09
C ALA C 277 15.94 -28.02 11.30
N GLU C 278 15.44 -28.58 10.20
CA GLU C 278 15.06 -29.99 10.13
C GLU C 278 16.21 -30.75 9.50
N ALA C 279 16.89 -31.56 10.30
CA ALA C 279 18.15 -32.20 9.92
C ALA C 279 17.91 -33.53 9.20
N ALA C 280 18.92 -33.94 8.43
CA ALA C 280 18.92 -35.24 7.75
C ALA C 280 20.34 -35.76 7.72
N TYR C 281 20.53 -37.01 8.15
CA TYR C 281 21.83 -37.60 8.33
C TYR C 281 21.98 -38.84 7.45
N GLU C 282 23.23 -39.25 7.24
CA GLU C 282 23.59 -40.49 6.58
C GLU C 282 25.11 -40.62 6.59
N PHE C 283 25.58 -41.86 6.43
CA PHE C 283 27.01 -42.14 6.45
C PHE C 283 27.62 -41.97 5.07
N GLN C 284 28.77 -41.31 5.02
CA GLN C 284 29.59 -41.23 3.82
C GLN C 284 30.98 -41.75 4.19
N SER C 285 31.61 -42.46 3.27
CA SER C 285 32.88 -43.09 3.60
C SER C 285 34.04 -42.11 3.63
N GLY C 286 33.72 -40.82 3.63
CA GLY C 286 34.73 -39.80 3.87
C GLY C 286 34.85 -39.51 5.35
N THR C 287 34.64 -38.25 5.75
CA THR C 287 34.70 -37.91 7.16
C THR C 287 33.68 -38.70 7.97
N GLY C 288 32.49 -38.92 7.42
CA GLY C 288 31.53 -39.79 8.05
C GLY C 288 30.09 -39.34 7.94
N GLU C 289 29.39 -39.28 9.06
CA GLU C 289 27.99 -38.87 9.10
C GLU C 289 27.88 -37.41 8.66
N VAL C 290 27.27 -37.16 7.51
CA VAL C 290 27.07 -35.82 6.99
C VAL C 290 25.63 -35.40 7.28
N ALA C 291 25.45 -34.13 7.63
CA ALA C 291 24.14 -33.60 7.99
C ALA C 291 23.71 -32.57 6.96
N THR C 292 22.54 -32.78 6.36
CA THR C 292 21.91 -31.80 5.49
C THR C 292 20.88 -31.03 6.31
N PHE C 293 21.20 -29.77 6.62
CA PHE C 293 20.37 -28.93 7.45
C PHE C 293 19.44 -28.10 6.56
N THR C 294 18.15 -28.42 6.59
CA THR C 294 17.13 -27.63 5.90
C THR C 294 16.62 -26.58 6.88
N LEU C 295 17.01 -25.32 6.66
CA LEU C 295 16.87 -24.28 7.68
C LEU C 295 15.41 -23.90 7.90
N ILE C 296 15.14 -23.39 9.10
CA ILE C 296 13.83 -22.96 9.53
C ILE C 296 14.01 -21.72 10.41
N GLU C 297 12.90 -21.03 10.70
CA GLU C 297 12.94 -19.91 11.64
C GLU C 297 12.88 -20.41 13.07
N GLN C 298 13.69 -19.82 13.93
CA GLN C 298 13.94 -20.36 15.26
C GLN C 298 12.72 -20.39 16.16
N ASP C 299 11.55 -19.96 15.70
CA ASP C 299 10.32 -20.04 16.47
C ASP C 299 9.31 -20.99 15.86
N GLY C 300 9.72 -21.85 14.94
CA GLY C 300 8.85 -22.88 14.41
C GLY C 300 8.09 -22.53 13.16
N SER C 301 8.31 -21.36 12.57
CA SER C 301 7.61 -20.97 11.35
C SER C 301 8.51 -21.17 10.14
N ALA C 302 7.89 -21.13 8.96
CA ALA C 302 8.59 -21.46 7.72
C ALA C 302 9.63 -20.39 7.40
N TYR C 303 10.31 -20.58 6.27
CA TYR C 303 11.32 -19.64 5.81
C TYR C 303 11.19 -19.50 4.30
N VAL C 304 11.14 -18.25 3.83
CA VAL C 304 11.04 -17.95 2.40
C VAL C 304 12.09 -16.91 2.05
N PRO C 305 12.86 -17.09 0.97
CA PRO C 305 13.92 -16.12 0.67
C PRO C 305 13.38 -14.79 0.16
N GLY C 306 13.42 -13.76 1.01
CA GLY C 306 12.88 -12.46 0.66
C GLY C 306 13.87 -11.31 0.69
N ASP C 307 13.74 -10.46 1.70
CA ASP C 307 14.44 -9.18 1.78
C ASP C 307 15.83 -9.27 2.36
N ARG C 308 16.17 -10.35 3.06
CA ARG C 308 17.42 -10.44 3.80
C ARG C 308 18.20 -11.67 3.37
N ALA C 309 19.44 -11.75 3.85
CA ALA C 309 20.41 -12.71 3.33
C ALA C 309 20.14 -14.13 3.83
N ALA C 310 19.93 -14.29 5.13
CA ALA C 310 19.70 -15.60 5.74
C ALA C 310 18.54 -15.47 6.71
N PRO C 311 18.09 -16.54 7.35
CA PRO C 311 17.08 -16.38 8.40
C PRO C 311 17.58 -15.52 9.56
N LEU C 312 16.67 -15.23 10.48
CA LEU C 312 16.95 -14.27 11.54
C LEU C 312 17.95 -14.84 12.53
N GLY C 313 19.06 -14.12 12.73
CA GLY C 313 20.07 -14.51 13.67
C GLY C 313 21.23 -15.31 13.11
N TYR C 314 21.14 -15.79 11.87
CA TYR C 314 22.17 -16.61 11.27
C TYR C 314 23.51 -15.88 11.29
N PRO C 315 24.61 -16.55 11.64
CA PRO C 315 25.89 -15.85 11.81
C PRO C 315 26.31 -15.13 10.54
N ASP C 316 27.17 -14.12 10.71
CA ASP C 316 27.48 -13.17 9.65
C ASP C 316 28.98 -12.95 9.48
N PHE C 317 29.80 -13.86 9.97
CA PHE C 317 31.25 -13.80 9.82
C PHE C 317 31.75 -15.09 9.18
N SER C 318 33.02 -15.10 8.75
CA SER C 318 33.59 -16.22 8.04
C SER C 318 34.52 -17.04 8.94
N GLY C 319 34.68 -18.31 8.58
CA GLY C 319 35.57 -19.24 9.28
C GLY C 319 35.01 -20.65 9.21
N GLN C 320 35.39 -21.47 10.19
CA GLN C 320 34.91 -22.83 10.37
C GLN C 320 34.42 -22.98 11.80
N LEU C 321 33.18 -23.44 11.98
CA LEU C 321 32.49 -23.32 13.26
C LEU C 321 32.00 -24.69 13.75
N GLU C 322 32.06 -24.88 15.07
CA GLU C 322 31.52 -26.07 15.73
C GLU C 322 30.10 -25.80 16.24
N ILE C 323 29.27 -26.84 16.21
CA ILE C 323 27.86 -26.70 16.58
C ILE C 323 27.41 -27.92 17.37
N GLU C 324 26.67 -27.70 18.45
CA GLU C 324 26.15 -28.78 19.28
C GLU C 324 24.67 -29.01 19.02
N ILE C 325 24.30 -30.27 18.87
CA ILE C 325 22.94 -30.67 18.56
C ILE C 325 22.60 -31.92 19.35
N GLN C 326 21.37 -32.00 19.84
CA GLN C 326 20.92 -33.21 20.53
C GLN C 326 20.39 -34.22 19.51
N THR C 327 20.92 -35.43 19.57
CA THR C 327 20.54 -36.52 18.68
C THR C 327 19.67 -37.52 19.43
N GLU C 328 18.93 -38.32 18.67
CA GLU C 328 18.24 -39.48 19.19
C GLU C 328 18.63 -40.70 18.36
N THR C 329 18.95 -41.79 19.04
CA THR C 329 19.34 -43.04 18.38
C THR C 329 18.49 -44.17 18.93
N THR C 330 17.78 -44.87 18.03
CA THR C 330 16.90 -45.95 18.43
C THR C 330 17.66 -47.17 18.96
N LYS C 331 18.98 -47.10 18.99
CA LYS C 331 19.78 -48.10 19.69
C LYS C 331 19.27 -48.28 21.11
N THR C 332 19.20 -49.54 21.56
CA THR C 332 18.70 -49.84 22.89
C THR C 332 19.90 -49.86 23.84
N GLY C 333 20.11 -48.75 24.54
CA GLY C 333 21.24 -48.58 25.44
C GLY C 333 21.97 -47.27 25.22
N ASP C 334 21.59 -46.54 24.17
CA ASP C 334 22.17 -45.23 23.90
C ASP C 334 21.17 -44.46 23.03
N LYS C 335 20.40 -43.55 23.64
CA LYS C 335 19.32 -42.90 22.91
C LYS C 335 19.50 -41.41 22.71
N LEU C 336 19.65 -40.62 23.77
CA LEU C 336 19.73 -39.18 23.66
C LEU C 336 21.09 -38.70 24.11
N LYS C 337 21.72 -37.87 23.28
CA LYS C 337 23.08 -37.40 23.52
C LYS C 337 23.27 -36.13 22.71
N VAL C 338 24.27 -35.32 23.09
CA VAL C 338 24.58 -34.09 22.38
C VAL C 338 25.86 -34.34 21.57
N THR C 339 25.80 -34.06 20.28
CA THR C 339 26.86 -34.36 19.33
C THR C 339 27.34 -33.08 18.65
N THR C 340 28.65 -32.86 18.65
CA THR C 340 29.24 -31.69 18.04
C THR C 340 29.68 -32.00 16.61
N PHE C 341 29.15 -31.24 15.65
CA PHE C 341 29.50 -31.36 14.24
C PHE C 341 30.53 -30.29 13.85
N GLU C 342 30.84 -30.22 12.56
CA GLU C 342 31.80 -29.23 12.05
C GLU C 342 31.26 -28.65 10.75
N MET C 343 30.73 -27.43 10.83
CA MET C 343 30.39 -26.66 9.63
C MET C 343 31.55 -25.73 9.28
N ILE C 344 31.70 -25.48 7.97
CA ILE C 344 32.69 -24.53 7.47
C ILE C 344 31.95 -23.54 6.59
N LEU C 345 31.60 -22.39 7.17
CA LEU C 345 30.90 -21.31 6.49
C LEU C 345 31.81 -20.17 6.09
N GLY C 346 33.06 -20.48 5.73
CA GLY C 346 34.08 -19.46 5.55
C GLY C 346 34.01 -18.72 4.23
N PRO C 347 35.07 -17.97 3.94
CA PRO C 347 35.12 -17.15 2.71
C PRO C 347 35.54 -18.00 1.52
N THR C 348 34.70 -18.03 0.48
CA THR C 348 35.00 -18.67 -0.80
C THR C 348 35.61 -20.07 -0.63
N THR C 349 35.19 -20.82 0.38
CA THR C 349 35.84 -22.10 0.64
C THR C 349 35.11 -23.26 -0.05
N ASN C 350 34.87 -23.06 -1.36
CA ASN C 350 34.57 -24.07 -2.37
C ASN C 350 33.74 -25.28 -1.92
N ALA C 351 32.62 -25.05 -1.23
CA ALA C 351 31.58 -26.10 -1.19
C ALA C 351 30.22 -25.43 -1.03
N ASP C 352 29.62 -25.05 -2.16
CA ASP C 352 28.18 -25.01 -2.39
C ASP C 352 27.33 -24.67 -1.17
N GLN C 353 27.70 -23.65 -0.40
CA GLN C 353 26.95 -23.26 0.78
C GLN C 353 25.98 -22.16 0.40
N ALA C 354 24.69 -22.39 0.62
CA ALA C 354 23.64 -21.45 0.23
C ALA C 354 22.64 -21.26 1.37
N PRO C 355 23.02 -20.47 2.39
CA PRO C 355 22.02 -20.08 3.40
C PRO C 355 20.82 -19.34 2.82
N TYR C 356 21.03 -18.56 1.76
CA TYR C 356 19.95 -17.76 1.20
C TYR C 356 18.84 -18.61 0.61
N GLN C 357 19.15 -19.84 0.19
CA GLN C 357 18.13 -20.76 -0.28
C GLN C 357 17.59 -21.67 0.80
N GLY C 358 18.33 -21.82 1.91
CA GLY C 358 17.82 -22.56 3.04
C GLY C 358 18.37 -23.96 3.19
N ARG C 359 19.68 -24.13 3.01
CA ARG C 359 20.28 -25.44 3.22
C ARG C 359 21.79 -25.32 3.40
N VAL C 360 22.30 -25.97 4.45
CA VAL C 360 23.73 -26.00 4.75
C VAL C 360 24.12 -27.43 5.12
N PHE C 361 25.43 -27.66 5.20
CA PHE C 361 25.97 -29.01 5.37
C PHE C 361 27.09 -29.02 6.40
N ALA C 362 27.12 -30.08 7.22
CA ALA C 362 28.19 -30.27 8.19
C ALA C 362 28.27 -31.75 8.54
N SER C 363 29.47 -32.20 8.93
CA SER C 363 29.72 -33.61 9.20
C SER C 363 30.76 -33.78 10.28
N VAL C 364 30.93 -35.03 10.73
CA VAL C 364 31.78 -35.40 11.85
C VAL C 364 32.56 -36.65 11.51
N THR C 365 33.77 -36.76 12.08
CA THR C 365 34.63 -37.92 11.91
C THR C 365 33.97 -39.14 12.54
N ALA C 366 33.47 -40.06 11.71
CA ALA C 366 32.75 -41.25 12.17
C ALA C 366 33.40 -42.49 11.57
N ALA C 367 33.94 -43.35 12.44
CA ALA C 367 34.56 -44.58 11.99
C ALA C 367 33.55 -45.52 11.34
N ALA C 368 32.31 -45.50 11.82
CA ALA C 368 31.24 -46.34 11.27
C ALA C 368 29.98 -45.52 11.11
N SER C 369 28.85 -46.19 10.87
CA SER C 369 27.58 -45.51 10.56
C SER C 369 26.73 -45.45 11.82
N LEU C 370 27.08 -44.52 12.70
CA LEU C 370 26.35 -44.33 13.95
C LEU C 370 24.93 -43.88 13.65
N ASP C 371 23.95 -44.69 14.09
CA ASP C 371 22.55 -44.42 13.82
C ASP C 371 22.12 -43.12 14.46
N LEU C 372 21.60 -42.19 13.65
CA LEU C 372 21.14 -40.88 14.11
C LEU C 372 19.86 -40.55 13.35
N VAL C 373 18.71 -40.62 14.03
CA VAL C 373 17.41 -40.39 13.40
C VAL C 373 17.31 -38.95 12.90
N ASP C 374 16.32 -38.67 12.07
CA ASP C 374 16.14 -37.38 11.44
C ASP C 374 14.96 -36.66 12.07
N GLY C 375 15.22 -35.48 12.62
CA GLY C 375 14.16 -34.71 13.24
C GLY C 375 14.58 -33.26 13.45
N ARG C 376 13.82 -32.58 14.32
CA ARG C 376 14.03 -31.17 14.57
C ARG C 376 15.27 -30.93 15.42
N VAL C 377 16.05 -29.90 15.06
CA VAL C 377 17.30 -29.59 15.74
C VAL C 377 17.44 -28.08 15.91
N ARG C 378 18.37 -27.68 16.79
CA ARG C 378 18.70 -26.28 17.03
C ARG C 378 20.18 -26.19 17.35
N ALA C 379 20.92 -25.43 16.56
CA ALA C 379 22.38 -25.40 16.64
C ALA C 379 22.85 -24.27 17.54
N VAL C 380 23.85 -24.55 18.37
CA VAL C 380 24.51 -23.52 19.17
C VAL C 380 26.01 -23.59 18.88
N PRO C 381 26.72 -22.47 18.79
CA PRO C 381 28.17 -22.53 18.57
C PRO C 381 28.91 -23.01 19.81
N ARG C 382 30.11 -23.55 19.57
CA ARG C 382 31.03 -24.02 20.61
C ARG C 382 32.41 -23.38 20.54
N SER C 383 32.96 -23.21 19.35
CA SER C 383 34.26 -22.56 19.19
C SER C 383 34.46 -22.26 17.72
N ILE C 384 35.30 -21.26 17.45
CA ILE C 384 35.60 -20.82 16.09
C ILE C 384 37.03 -21.17 15.75
N TYR C 385 37.26 -21.45 14.47
CA TYR C 385 38.57 -21.81 13.95
C TYR C 385 38.90 -20.95 12.73
N GLY C 386 39.90 -20.09 12.86
CA GLY C 386 40.36 -19.28 11.75
C GLY C 386 39.38 -18.21 11.33
N PHE C 387 39.17 -17.23 12.22
CA PHE C 387 38.09 -16.27 12.10
C PHE C 387 38.54 -15.04 11.34
N GLN C 388 37.79 -14.66 10.31
CA GLN C 388 37.95 -13.39 9.62
C GLN C 388 36.68 -12.57 9.77
N ASP C 389 36.87 -11.24 9.82
CA ASP C 389 35.74 -10.32 9.81
C ASP C 389 35.34 -10.07 8.37
N THR C 390 34.56 -10.99 7.82
CA THR C 390 34.13 -10.91 6.43
C THR C 390 32.80 -11.63 6.32
N ILE C 391 31.96 -11.12 5.43
CA ILE C 391 30.66 -11.68 5.09
C ILE C 391 30.82 -13.17 4.82
N PRO C 392 29.90 -14.01 5.26
CA PRO C 392 29.97 -15.44 4.91
C PRO C 392 29.59 -15.68 3.46
N GLU C 393 29.45 -16.94 3.07
CA GLU C 393 29.05 -17.29 1.70
C GLU C 393 27.54 -17.52 1.73
N TYR C 394 26.78 -16.45 1.55
CA TYR C 394 25.32 -16.54 1.64
C TYR C 394 24.72 -17.29 0.48
N ASN C 395 25.27 -17.11 -0.71
CA ASN C 395 24.84 -17.83 -1.90
C ASN C 395 26.11 -18.26 -2.59
N ASP C 396 26.02 -19.32 -3.41
CA ASP C 396 27.20 -20.05 -3.84
C ASP C 396 28.30 -19.12 -4.36
N GLY C 397 27.99 -18.31 -5.36
CA GLY C 397 28.93 -17.32 -5.82
C GLY C 397 28.21 -16.04 -6.21
N LEU C 398 26.92 -16.03 -5.95
CA LEU C 398 26.02 -15.00 -6.41
C LEU C 398 25.87 -13.91 -5.35
N LEU C 399 25.12 -12.88 -5.70
CA LEU C 399 24.91 -11.74 -4.81
C LEU C 399 23.59 -11.89 -4.06
N VAL C 400 23.48 -11.16 -2.95
CA VAL C 400 22.37 -11.32 -2.01
C VAL C 400 21.94 -9.96 -1.51
N PRO C 401 20.63 -9.80 -1.24
CA PRO C 401 20.17 -8.56 -0.61
C PRO C 401 20.76 -8.34 0.77
N LEU C 402 21.63 -7.36 0.88
CA LEU C 402 22.37 -7.03 2.08
C LEU C 402 21.81 -5.79 2.77
N ALA C 403 22.53 -5.30 3.77
CA ALA C 403 22.34 -4.00 4.40
C ALA C 403 23.57 -3.13 4.16
N PRO C 404 23.37 -1.85 3.87
CA PRO C 404 24.48 -1.00 3.43
C PRO C 404 25.58 -0.90 4.48
N PRO C 405 26.79 -0.52 4.06
CA PRO C 405 27.89 -0.39 5.03
C PRO C 405 27.71 0.77 5.98
N ILE C 406 28.20 0.56 7.20
CA ILE C 406 28.08 1.54 8.28
C ILE C 406 28.80 2.82 7.88
N GLY C 407 28.06 3.92 7.84
CA GLY C 407 28.57 5.20 7.39
C GLY C 407 27.49 6.01 6.72
N PRO C 408 27.82 7.20 6.21
CA PRO C 408 29.17 7.81 6.19
C PRO C 408 29.47 8.71 7.37
N PHE C 409 30.74 8.99 7.57
CA PHE C 409 31.20 9.84 8.66
C PHE C 409 31.71 11.17 8.12
N LEU C 410 31.52 12.23 8.90
CA LEU C 410 32.12 13.52 8.57
C LEU C 410 33.64 13.40 8.66
N PRO C 411 34.37 14.38 8.13
CA PRO C 411 35.81 14.43 8.41
C PRO C 411 36.07 14.44 9.90
N GLY C 412 37.02 13.60 10.33
CA GLY C 412 37.37 13.47 11.73
C GLY C 412 36.60 12.42 12.50
N GLU C 413 35.46 11.95 11.98
CA GLU C 413 34.58 11.07 12.73
C GLU C 413 35.08 9.63 12.69
N VAL C 414 34.90 8.91 13.80
CA VAL C 414 35.34 7.53 13.94
C VAL C 414 34.25 6.71 14.61
N LEU C 415 34.12 5.45 14.20
CA LEU C 415 33.12 4.55 14.74
C LEU C 415 33.49 4.08 16.14
N LEU C 416 32.50 4.05 17.03
CA LEU C 416 32.65 3.49 18.37
C LEU C 416 32.28 2.02 18.36
N ARG C 417 33.04 1.21 19.11
CA ARG C 417 32.96 -0.24 19.00
C ARG C 417 32.73 -0.85 20.37
N PHE C 418 31.78 -1.79 20.43
CA PHE C 418 31.53 -2.59 21.62
C PHE C 418 32.13 -3.98 21.38
N ARG C 419 33.17 -4.32 22.15
CA ARG C 419 34.00 -5.47 21.88
C ARG C 419 33.80 -6.57 22.92
N THR C 420 33.84 -7.83 22.46
CA THR C 420 33.83 -9.00 23.32
C THR C 420 34.82 -10.02 22.76
N TYR C 421 34.84 -11.23 23.32
CA TYR C 421 35.83 -12.24 22.98
C TYR C 421 35.17 -13.60 22.79
N MET C 422 35.74 -14.39 21.89
CA MET C 422 35.13 -15.62 21.40
C MET C 422 35.78 -16.85 22.03
N ARG C 423 35.39 -18.03 21.55
CA ARG C 423 36.01 -19.30 21.93
C ARG C 423 36.85 -19.79 20.77
N GLN C 424 38.17 -19.70 20.92
CA GLN C 424 39.12 -19.86 19.82
C GLN C 424 39.66 -21.28 19.74
N ILE C 425 40.17 -21.63 18.56
CA ILE C 425 41.07 -22.76 18.36
C ILE C 425 42.29 -22.23 17.62
N ASP C 426 43.42 -22.15 18.30
CA ASP C 426 44.64 -21.66 17.67
C ASP C 426 45.83 -22.37 18.28
N THR C 427 46.54 -23.13 17.45
CA THR C 427 47.63 -23.99 17.92
C THR C 427 48.94 -23.26 18.12
N ALA C 428 49.21 -22.21 17.34
CA ALA C 428 50.47 -21.48 17.43
C ALA C 428 50.26 -20.02 17.83
N ASP C 429 49.19 -19.73 18.57
CA ASP C 429 48.90 -18.39 19.06
C ASP C 429 48.30 -18.49 20.45
N ALA C 430 48.35 -17.38 21.19
CA ALA C 430 47.86 -17.37 22.56
C ALA C 430 46.99 -16.16 22.90
N ALA C 431 46.90 -15.15 22.03
CA ALA C 431 46.10 -13.97 22.31
C ALA C 431 44.66 -14.17 21.82
N ALA C 432 43.71 -13.58 22.57
CA ALA C 432 42.30 -13.86 22.38
C ALA C 432 41.73 -13.09 21.20
N GLU C 433 40.58 -13.57 20.71
CA GLU C 433 39.95 -13.08 19.48
C GLU C 433 38.92 -12.01 19.82
N ALA C 434 39.11 -10.81 19.30
CA ALA C 434 38.17 -9.72 19.47
C ALA C 434 37.16 -9.70 18.33
N ILE C 435 35.96 -9.20 18.64
CA ILE C 435 34.88 -9.03 17.67
C ILE C 435 34.01 -7.87 18.16
N ASP C 436 33.54 -7.06 17.22
CA ASP C 436 32.83 -5.82 17.55
C ASP C 436 31.38 -5.88 17.09
N CYS C 437 30.58 -4.99 17.67
CA CYS C 437 29.23 -4.72 17.19
C CYS C 437 28.97 -3.22 17.33
N ALA C 438 27.86 -2.77 16.74
CA ALA C 438 27.50 -1.36 16.73
C ALA C 438 26.68 -0.95 17.95
N LEU C 439 25.79 -1.81 18.42
CA LEU C 439 24.99 -1.56 19.60
C LEU C 439 24.79 -2.88 20.35
N PRO C 440 24.69 -2.86 21.67
CA PRO C 440 24.38 -4.09 22.40
C PRO C 440 22.96 -4.60 22.12
N GLN C 441 22.59 -5.71 22.74
CA GLN C 441 21.28 -6.32 22.49
C GLN C 441 20.16 -5.70 23.32
N GLU C 442 20.46 -4.71 24.15
CA GLU C 442 19.43 -4.01 24.90
C GLU C 442 19.02 -2.72 24.23
N PHE C 443 19.93 -2.11 23.48
CA PHE C 443 19.55 -0.96 22.66
C PHE C 443 18.77 -1.40 21.43
N VAL C 444 18.83 -2.68 21.08
CA VAL C 444 18.14 -3.15 19.88
C VAL C 444 16.66 -3.37 20.18
N SER C 445 16.37 -4.04 21.29
CA SER C 445 14.98 -4.34 21.62
C SER C 445 14.28 -3.16 22.26
N TRP C 446 15.06 -2.20 22.78
CA TRP C 446 14.48 -0.98 23.33
C TRP C 446 13.90 -0.12 22.22
N PHE C 447 14.64 0.04 21.13
CA PHE C 447 14.12 0.78 19.98
C PHE C 447 12.98 0.05 19.33
N ALA C 448 12.98 -1.29 19.39
CA ALA C 448 11.92 -2.03 18.72
C ALA C 448 10.62 -2.02 19.52
N SER C 449 10.69 -1.72 20.80
CA SER C 449 9.50 -1.71 21.65
C SER C 449 8.89 -0.33 21.84
N ASN C 450 9.70 0.72 21.77
CA ASN C 450 9.22 2.07 22.04
C ASN C 450 8.70 2.79 20.82
N ALA C 451 9.25 2.51 19.63
CA ALA C 451 8.76 3.05 18.36
C ALA C 451 8.72 4.57 18.36
N PHE C 452 9.90 5.17 18.47
CA PHE C 452 10.06 6.60 18.62
C PHE C 452 9.84 7.33 17.30
N THR C 453 9.58 8.64 17.39
CA THR C 453 9.43 9.51 16.22
C THR C 453 10.69 10.35 16.05
N VAL C 454 11.14 10.46 14.81
CA VAL C 454 12.47 10.98 14.50
C VAL C 454 12.36 12.41 14.00
N GLN C 455 13.27 13.27 14.44
CA GLN C 455 13.13 14.70 14.21
C GLN C 455 14.22 15.28 13.31
N SER C 456 15.51 15.03 13.57
CA SER C 456 16.44 15.75 12.71
C SER C 456 17.33 14.94 11.78
N GLU C 457 18.47 14.44 12.27
CA GLU C 457 19.29 13.42 11.61
C GLU C 457 20.02 12.56 12.64
N ALA C 458 20.20 13.12 13.84
CA ALA C 458 21.08 12.55 14.83
C ALA C 458 20.70 13.07 16.21
N LEU C 459 21.12 12.34 17.23
CA LEU C 459 20.96 12.72 18.61
C LEU C 459 22.33 12.95 19.22
N LEU C 460 22.42 13.91 20.12
CA LEU C 460 23.64 14.20 20.86
C LEU C 460 23.57 13.50 22.21
N LEU C 461 24.56 12.66 22.51
CA LEU C 461 24.60 11.93 23.76
C LEU C 461 25.79 12.37 24.59
N ARG C 462 25.75 12.03 25.88
CA ARG C 462 26.84 12.32 26.80
C ARG C 462 27.10 11.07 27.65
N TYR C 463 28.32 10.58 27.60
CA TYR C 463 28.74 9.46 28.43
C TYR C 463 29.29 9.99 29.74
N ARG C 464 28.61 9.71 30.84
CA ARG C 464 28.93 10.30 32.12
C ARG C 464 29.22 9.21 33.15
N ASN C 465 29.92 9.59 34.20
CA ASN C 465 30.19 8.71 35.32
C ASN C 465 29.17 8.94 36.43
N THR C 466 28.65 7.86 36.99
CA THR C 466 27.55 7.98 37.94
C THR C 466 28.05 8.29 39.34
N LEU C 467 29.28 7.88 39.68
CA LEU C 467 29.78 8.05 41.03
C LEU C 467 30.11 9.50 41.34
N THR C 468 30.63 10.23 40.37
CA THR C 468 31.00 11.62 40.59
C THR C 468 30.23 12.60 39.73
N GLY C 469 29.89 12.22 38.50
CA GLY C 469 29.20 13.13 37.61
C GLY C 469 30.16 13.93 36.76
N GLN C 470 31.04 13.24 36.06
CA GLN C 470 32.07 13.88 35.25
C GLN C 470 32.08 13.19 33.90
N LEU C 471 31.72 13.92 32.85
CA LEU C 471 31.38 13.29 31.58
C LEU C 471 32.61 12.95 30.77
N LEU C 472 32.64 11.73 30.23
CA LEU C 472 33.83 11.20 29.60
C LEU C 472 33.99 11.73 28.17
N PHE C 473 32.91 11.78 27.41
CA PHE C 473 32.93 12.34 26.07
C PHE C 473 31.49 12.64 25.64
N GLU C 474 31.36 13.12 24.42
CA GLU C 474 30.07 13.26 23.74
C GLU C 474 30.16 12.61 22.37
N CYS C 475 29.05 12.02 21.93
CA CYS C 475 29.00 11.28 20.68
C CYS C 475 27.78 11.71 19.86
N LYS C 476 27.58 11.04 18.73
CA LYS C 476 26.46 11.34 17.82
C LYS C 476 25.83 10.02 17.39
N LEU C 477 24.70 9.68 17.98
CA LEU C 477 23.96 8.49 17.58
C LEU C 477 23.12 8.82 16.36
N TYR C 478 23.47 8.23 15.22
CA TYR C 478 22.77 8.49 13.98
C TYR C 478 21.45 7.71 13.92
N ASN C 479 20.64 8.03 12.90
CA ASN C 479 19.33 7.41 12.79
C ASN C 479 19.41 5.94 12.40
N GLU C 480 20.44 5.54 11.66
CA GLU C 480 20.58 4.15 11.26
C GLU C 480 21.23 3.29 12.33
N GLY C 481 21.82 3.87 13.36
CA GLY C 481 22.20 3.08 14.51
C GLY C 481 23.67 2.86 14.76
N TYR C 482 24.51 3.85 14.48
CA TYR C 482 25.92 3.77 14.83
C TYR C 482 26.33 5.03 15.58
N ILE C 483 27.37 4.90 16.40
CA ILE C 483 27.88 5.99 17.21
C ILE C 483 29.14 6.54 16.57
N ALA C 484 29.42 7.83 16.78
CA ALA C 484 30.57 8.46 16.14
C ALA C 484 31.18 9.52 17.05
N LEU C 485 32.47 9.38 17.32
CA LEU C 485 33.22 10.35 18.11
C LEU C 485 34.21 11.10 17.23
N SER C 486 34.54 12.32 17.64
CA SER C 486 35.52 13.14 16.94
C SER C 486 36.91 12.82 17.49
N TYR C 487 37.73 12.17 16.67
CA TYR C 487 38.99 11.61 17.12
C TYR C 487 40.10 11.94 16.13
N SER C 488 41.33 12.01 16.63
CA SER C 488 42.50 12.30 15.80
C SER C 488 43.69 11.36 16.03
N GLY C 489 43.79 10.70 17.17
CA GLY C 489 44.93 9.83 17.46
C GLY C 489 45.08 8.70 16.45
N SER C 490 46.19 7.99 16.60
CA SER C 490 46.58 6.95 15.65
C SER C 490 46.41 5.54 16.19
N GLY C 491 46.06 5.37 17.45
CA GLY C 491 45.89 4.05 18.02
C GLY C 491 44.56 3.92 18.73
N PRO C 492 44.19 2.69 19.07
CA PRO C 492 42.94 2.49 19.82
C PRO C 492 43.00 3.19 21.17
N LEU C 493 41.88 3.83 21.54
CA LEU C 493 41.73 4.54 22.79
C LEU C 493 40.50 4.01 23.51
N THR C 494 40.71 3.40 24.68
CA THR C 494 39.65 2.73 25.40
C THR C 494 39.03 3.63 26.48
N PHE C 495 37.91 3.18 27.00
CA PHE C 495 37.11 3.93 27.96
C PHE C 495 36.59 2.97 29.02
N PRO C 496 36.21 3.48 30.19
CA PRO C 496 35.67 2.60 31.24
C PRO C 496 34.22 2.23 30.99
N THR C 497 33.90 0.97 31.29
CA THR C 497 32.61 0.38 30.92
C THR C 497 31.58 0.42 32.05
N ASP C 498 31.61 1.47 32.88
CA ASP C 498 30.65 1.61 33.96
C ASP C 498 30.03 2.99 33.97
N GLY C 499 29.94 3.62 32.80
CA GLY C 499 29.26 4.89 32.66
C GLY C 499 27.81 4.72 32.22
N ILE C 500 27.19 5.84 31.89
CA ILE C 500 25.77 5.89 31.55
C ILE C 500 25.57 6.85 30.39
N PHE C 501 24.84 6.41 29.37
CA PHE C 501 24.51 7.26 28.22
C PHE C 501 23.20 7.99 28.46
N GLU C 502 23.20 9.30 28.21
CA GLU C 502 21.98 10.07 28.30
C GLU C 502 21.81 10.96 27.07
N VAL C 503 20.56 11.13 26.66
CA VAL C 503 20.21 11.90 25.48
C VAL C 503 20.18 13.38 25.83
N VAL C 504 20.69 14.21 24.92
CA VAL C 504 20.67 15.67 25.08
C VAL C 504 19.64 16.32 24.17
N SER C 505 19.79 16.17 22.84
CA SER C 505 18.89 16.85 21.91
C SER C 505 19.09 16.28 20.52
N TRP C 506 18.18 16.65 19.62
CA TRP C 506 18.31 16.38 18.19
C TRP C 506 19.28 17.39 17.58
N VAL C 507 20.26 16.89 16.83
CA VAL C 507 21.22 17.77 16.17
C VAL C 507 21.15 17.54 14.66
N PRO C 508 21.63 18.50 13.87
CA PRO C 508 21.72 18.29 12.43
C PRO C 508 22.89 17.38 12.04
N ARG C 509 22.94 16.94 10.79
CA ARG C 509 24.01 16.03 10.40
C ARG C 509 25.37 16.73 10.36
N LEU C 510 25.38 18.01 10.00
CA LEU C 510 26.60 18.78 9.86
C LEU C 510 27.06 19.39 11.17
N TYR C 511 26.70 18.78 12.30
CA TYR C 511 27.04 19.30 13.61
C TYR C 511 28.44 18.86 14.01
N GLN C 512 29.29 19.81 14.40
CA GLN C 512 30.66 19.53 14.79
C GLN C 512 30.73 19.23 16.28
N LEU C 513 31.07 17.99 16.62
CA LEU C 513 31.31 17.63 18.01
C LEU C 513 32.62 18.26 18.49
N ALA C 514 32.99 17.95 19.72
CA ALA C 514 34.26 18.37 20.30
C ALA C 514 35.18 17.17 20.43
N SER C 515 36.46 17.45 20.64
CA SER C 515 37.49 16.43 20.53
C SER C 515 37.53 15.53 21.76
N VAL C 516 38.18 14.38 21.59
CA VAL C 516 38.33 13.40 22.66
C VAL C 516 39.79 13.27 23.06
MG MG D . 22.93 -10.65 -41.33
MG MG E . -25.30 -46.22 7.24
MG MG F . 43.58 -15.93 17.13
#